data_5BK3
#
_entry.id   5BK3
#
_cell.length_a   108.364
_cell.length_b   179.567
_cell.length_c   140.430
_cell.angle_alpha   90.00
_cell.angle_beta   109.61
_cell.angle_gamma   90.00
#
_symmetry.space_group_name_H-M   'C 1 2 1'
#
loop_
_entity.id
_entity.type
_entity.pdbx_description
1 polymer '580 Antibody, light chain'
2 polymer '580 Antibody, heavy chain'
3 branched 2-acetamido-2-deoxy-beta-D-glucopyranose-(1-4)-[alpha-L-fucopyranose-(1-6)]2-acetamido-2-deoxy-beta-D-glucopyranose
4 branched alpha-L-fucopyranose-(1-6)-2-acetamido-2-deoxy-beta-D-glucopyranose
5 branched alpha-D-mannopyranose-(1-3)-[alpha-D-mannopyranose-(1-6)]beta-D-mannopyranose-(1-4)-2-acetamido-2-deoxy-beta-D-glucopyranose-(1-4)-[alpha-L-fucopyranose-(1-6)]2-acetamido-2-deoxy-beta-D-glucopyranose
6 non-polymer GLYCEROL
7 non-polymer 'SULFATE ION'
#
loop_
_entity_poly.entity_id
_entity_poly.type
_entity_poly.pdbx_seq_one_letter_code
_entity_poly.pdbx_strand_id
1 'polypeptide(L)'
;DIVMTQSPDSLAVSLGERATINCKSSQSVFFSSNNRTYFAWYQQKPGQPPKVLISWASTRESGVPDRFSGSGSGTDFTLT
INSLQAEDVAVYFCQQYYSSPITFGQGTRLEIKRTVAAPSVFIFPPSDEQLKSGTASVVCLLNNFYPREAKVQWKVDNAL
QSGNSQESVTEQDSKDSTYSLSSTLTLSKADYEKHKVYACEVTHQGLSSPVTKSFNRGEC
;
L,B,D,F
2 'polypeptide(L)'
;EVQLLESGGGLVQPGGSLRLSCGASGFIFGHYAMSWVRQAPQKGLEWVSGISGGGESTNYADSVKGRFTISRDNSRNTVY
LQMNSLRAEDTAIYYCAKDPGGDSSPAGRTWFDPWGQGTLVTVSSASTKGPSVFPLAPSSKSTSGGTAALGCLVKDYFPE
PVTVSWNSGALTSGVHTFPAVLQSSGLYSLSSVVTVPSSSLGTQTYICNVNHKPSNTKVDKKVEPKSC
;
H,A,C,E
#
loop_
_chem_comp.id
_chem_comp.type
_chem_comp.name
_chem_comp.formula
BMA D-saccharide, beta linking beta-D-mannopyranose 'C6 H12 O6'
FUC L-saccharide, alpha linking alpha-L-fucopyranose 'C6 H12 O5'
GOL non-polymer GLYCEROL 'C3 H8 O3'
MAN D-saccharide, alpha linking alpha-D-mannopyranose 'C6 H12 O6'
NAG D-saccharide, beta linking 2-acetamido-2-deoxy-beta-D-glucopyranose 'C8 H15 N O6'
SO4 non-polymer 'SULFATE ION' 'O4 S -2'
#
# COMPACT_ATOMS: atom_id res chain seq x y z
N ASP A 1 -5.31 -6.83 -14.85
CA ASP A 1 -3.92 -6.92 -15.25
C ASP A 1 -3.81 -7.13 -16.75
N ILE A 2 -2.65 -6.76 -17.32
CA ILE A 2 -2.41 -7.02 -18.74
C ILE A 2 -2.15 -8.51 -18.91
N VAL A 3 -2.80 -9.10 -19.91
CA VAL A 3 -2.66 -10.53 -20.14
C VAL A 3 -1.71 -10.75 -21.30
N MET A 4 -0.68 -11.56 -21.07
CA MET A 4 0.26 -11.98 -22.10
C MET A 4 -0.05 -13.41 -22.49
N THR A 5 -0.23 -13.64 -23.80
CA THR A 5 -0.59 -14.94 -24.35
C THR A 5 0.46 -15.33 -25.37
N GLN A 6 1.13 -16.45 -25.14
CA GLN A 6 2.13 -16.95 -26.07
C GLN A 6 1.53 -18.03 -26.96
N SER A 7 2.07 -18.12 -28.17
CA SER A 7 1.71 -19.14 -29.13
C SER A 7 2.99 -19.51 -29.87
N PRO A 8 3.31 -20.82 -30.01
CA PRO A 8 2.53 -21.93 -29.46
C PRO A 8 2.93 -22.22 -28.02
N ASP A 9 2.28 -23.20 -27.39
CA ASP A 9 2.68 -23.58 -26.04
C ASP A 9 3.98 -24.36 -26.05
N SER A 10 4.26 -25.07 -27.14
CA SER A 10 5.49 -25.84 -27.24
C SER A 10 5.74 -26.12 -28.72
N LEU A 11 7.02 -26.27 -29.05
CA LEU A 11 7.39 -26.60 -30.42
C LEU A 11 8.75 -27.27 -30.43
N ALA A 12 8.97 -28.12 -31.43
CA ALA A 12 10.24 -28.80 -31.62
C ALA A 12 10.82 -28.33 -32.96
N VAL A 13 12.09 -27.98 -32.95
CA VAL A 13 12.78 -27.44 -34.10
C VAL A 13 14.13 -28.16 -34.24
N SER A 14 14.53 -28.46 -35.47
CA SER A 14 15.80 -29.14 -35.63
C SER A 14 16.97 -28.19 -35.43
N LEU A 15 18.11 -28.77 -35.07
CA LEU A 15 19.34 -28.01 -34.93
C LEU A 15 19.67 -27.33 -36.25
N GLY A 16 20.13 -26.08 -36.16
CA GLY A 16 20.44 -25.30 -37.32
C GLY A 16 19.25 -24.65 -38.00
N GLU A 17 18.02 -24.98 -37.58
CA GLU A 17 16.85 -24.37 -38.17
C GLU A 17 16.40 -23.15 -37.35
N ARG A 18 15.28 -22.57 -37.76
CA ARG A 18 14.75 -21.36 -37.16
C ARG A 18 13.54 -21.70 -36.31
N ALA A 19 13.52 -21.18 -35.09
CA ALA A 19 12.38 -21.29 -34.18
C ALA A 19 11.74 -19.93 -34.02
N THR A 20 10.40 -19.91 -34.00
CA THR A 20 9.62 -18.67 -33.87
C THR A 20 8.62 -18.83 -32.74
N ILE A 21 8.67 -17.90 -31.79
CA ILE A 21 7.81 -17.90 -30.60
C ILE A 21 7.10 -16.57 -30.54
N ASN A 22 5.77 -16.61 -30.40
CA ASN A 22 4.94 -15.42 -30.43
C ASN A 22 4.32 -15.11 -29.07
N CYS A 23 4.07 -13.82 -28.82
CA CYS A 23 3.42 -13.37 -27.62
C CYS A 23 2.54 -12.19 -27.97
N LYS A 24 1.32 -12.18 -27.45
CA LYS A 24 0.36 -11.11 -27.66
C LYS A 24 -0.02 -10.51 -26.31
N SER A 25 -0.16 -9.19 -26.27
CA SER A 25 -0.61 -8.47 -25.08
C SER A 25 -2.02 -7.94 -25.29
N SER A 26 -2.79 -7.93 -24.21
CA SER A 26 -4.20 -7.53 -24.22
C SER A 26 -4.40 -6.04 -24.45
N GLN A 27 -3.34 -5.26 -24.41
CA GLN A 27 -3.37 -3.86 -24.79
C GLN A 27 -2.01 -3.49 -25.36
N SER A 28 -1.96 -2.36 -26.02
CA SER A 28 -0.68 -1.89 -26.55
C SER A 28 0.24 -1.55 -25.40
N VAL A 29 1.46 -2.04 -25.46
CA VAL A 29 2.50 -1.68 -24.51
C VAL A 29 3.53 -0.77 -25.16
N PHE A 30 3.11 -0.07 -26.21
CA PHE A 30 3.91 0.92 -26.90
C PHE A 30 3.48 2.31 -26.44
N PHE A 31 4.46 3.14 -26.10
CA PHE A 31 4.20 4.51 -25.72
C PHE A 31 4.62 5.41 -26.88
N SER A 32 3.69 6.24 -27.37
CA SER A 32 3.99 7.00 -28.59
C SER A 32 4.98 8.12 -28.33
N SER A 33 4.96 8.68 -27.12
CA SER A 33 5.73 9.89 -26.83
C SER A 33 7.23 9.64 -26.90
N ASN A 34 7.68 8.46 -26.47
CA ASN A 34 9.10 8.18 -26.44
C ASN A 34 9.52 7.03 -27.34
N ASN A 35 8.63 6.57 -28.24
CA ASN A 35 8.95 5.52 -29.21
C ASN A 35 9.60 4.30 -28.54
N ARG A 36 8.96 3.82 -27.47
CA ARG A 36 9.45 2.69 -26.67
C ARG A 36 8.34 1.67 -26.47
N THR A 37 8.67 0.39 -26.64
CA THR A 37 7.76 -0.71 -26.31
C THR A 37 8.23 -1.38 -25.03
N TYR A 38 7.33 -1.49 -24.05
CA TYR A 38 7.70 -1.94 -22.71
C TYR A 38 7.49 -3.44 -22.60
N PHE A 39 8.38 -4.18 -23.28
CA PHE A 39 8.24 -5.61 -23.53
C PHE A 39 9.60 -6.28 -23.42
N ALA A 40 9.63 -7.50 -22.88
CA ALA A 40 10.87 -8.23 -22.72
C ALA A 40 10.66 -9.72 -22.92
N TRP A 41 11.73 -10.41 -23.37
CA TRP A 41 11.76 -11.85 -23.56
C TRP A 41 12.77 -12.46 -22.62
N TYR A 42 12.41 -13.59 -22.03
CA TYR A 42 13.31 -14.32 -21.16
C TYR A 42 13.51 -15.73 -21.68
N GLN A 43 14.65 -16.31 -21.30
CA GLN A 43 14.97 -17.71 -21.51
C GLN A 43 15.17 -18.39 -20.18
N GLN A 44 14.50 -19.51 -19.98
CA GLN A 44 14.68 -20.31 -18.77
C GLN A 44 15.09 -21.72 -19.18
N LYS A 45 16.37 -22.03 -19.01
CA LYS A 45 16.91 -23.35 -19.30
C LYS A 45 16.59 -24.30 -18.15
N PRO A 46 16.64 -25.61 -18.38
CA PRO A 46 16.31 -26.57 -17.32
C PRO A 46 17.17 -26.36 -16.08
N GLY A 47 16.51 -26.32 -14.92
CA GLY A 47 17.17 -26.17 -13.63
C GLY A 47 17.67 -24.78 -13.31
N GLN A 48 17.51 -23.83 -14.21
CA GLN A 48 18.06 -22.50 -14.05
C GLN A 48 16.91 -21.49 -13.96
N PRO A 49 17.17 -20.32 -13.37
CA PRO A 49 16.17 -19.24 -13.36
C PRO A 49 16.01 -18.64 -14.75
N PRO A 50 15.01 -17.80 -14.97
CA PRO A 50 14.93 -17.08 -16.25
C PRO A 50 16.11 -16.14 -16.40
N LYS A 51 16.53 -15.96 -17.65
CA LYS A 51 17.56 -15.01 -18.05
C LYS A 51 16.97 -14.13 -19.14
N VAL A 52 17.14 -12.83 -19.02
CA VAL A 52 16.57 -11.92 -20.02
C VAL A 52 17.36 -12.05 -21.31
N LEU A 53 16.64 -12.13 -22.44
CA LEU A 53 17.21 -12.12 -23.77
C LEU A 53 17.04 -10.76 -24.47
N ILE A 54 15.83 -10.21 -24.44
CA ILE A 54 15.44 -9.04 -25.22
C ILE A 54 14.74 -8.05 -24.29
N SER A 55 15.17 -6.81 -24.30
CA SER A 55 14.42 -5.77 -23.64
C SER A 55 13.90 -4.81 -24.69
N TRP A 56 12.89 -4.04 -24.30
CA TRP A 56 12.31 -3.06 -25.22
C TRP A 56 11.84 -3.73 -26.51
N ALA A 57 11.21 -4.89 -26.38
CA ALA A 57 10.66 -5.62 -27.53
C ALA A 57 11.72 -6.14 -28.51
N SER A 58 12.77 -5.34 -28.78
CA SER A 58 13.69 -5.65 -29.87
C SER A 58 15.17 -5.44 -29.55
N THR A 59 15.53 -4.92 -28.37
CA THR A 59 16.93 -4.73 -28.01
C THR A 59 17.49 -6.02 -27.41
N ARG A 60 18.52 -6.55 -28.05
CA ARG A 60 19.18 -7.77 -27.59
C ARG A 60 20.04 -7.43 -26.38
N GLU A 61 19.85 -8.17 -25.29
CA GLU A 61 20.61 -7.88 -24.09
C GLU A 61 22.06 -8.36 -24.24
N SER A 62 22.97 -7.67 -23.54
CA SER A 62 24.39 -7.97 -23.64
C SER A 62 24.69 -9.43 -23.35
N GLY A 63 25.56 -10.01 -24.17
CA GLY A 63 25.93 -11.40 -24.04
C GLY A 63 25.03 -12.36 -24.79
N VAL A 64 23.84 -11.93 -25.17
CA VAL A 64 22.94 -12.81 -25.93
C VAL A 64 23.45 -12.92 -27.36
N PRO A 65 23.64 -14.14 -27.86
CA PRO A 65 24.10 -14.31 -29.24
C PRO A 65 23.12 -13.69 -30.22
N ASP A 66 23.65 -13.16 -31.32
CA ASP A 66 22.83 -12.39 -32.24
C ASP A 66 21.88 -13.25 -33.06
N ARG A 67 21.93 -14.58 -32.92
CA ARG A 67 20.92 -15.40 -33.58
C ARG A 67 19.56 -15.32 -32.87
N PHE A 68 19.51 -14.70 -31.69
CA PHE A 68 18.27 -14.32 -31.05
C PHE A 68 17.93 -12.91 -31.50
N SER A 69 16.69 -12.71 -31.91
CA SER A 69 16.21 -11.37 -32.23
C SER A 69 14.74 -11.28 -31.85
N GLY A 70 14.33 -10.13 -31.33
CA GLY A 70 12.94 -9.86 -31.00
C GLY A 70 12.37 -8.81 -31.93
N SER A 71 11.11 -8.99 -32.33
CA SER A 71 10.47 -8.05 -33.23
C SER A 71 9.04 -7.81 -32.79
N GLY A 72 8.43 -6.81 -33.40
CA GLY A 72 7.08 -6.41 -33.09
C GLY A 72 7.05 -5.16 -32.23
N SER A 73 5.83 -4.64 -32.13
CA SER A 73 5.57 -3.45 -31.34
C SER A 73 4.09 -3.39 -31.09
N GLY A 74 3.71 -2.68 -30.04
CA GLY A 74 2.29 -2.54 -29.75
C GLY A 74 1.69 -3.75 -29.06
N THR A 75 1.08 -4.68 -29.78
CA THR A 75 0.42 -5.80 -29.14
C THR A 75 0.89 -7.18 -29.59
N ASP A 76 1.62 -7.30 -30.70
CA ASP A 76 1.94 -8.60 -31.27
C ASP A 76 3.45 -8.71 -31.43
N PHE A 77 4.07 -9.70 -30.78
CA PHE A 77 5.53 -9.80 -30.67
C PHE A 77 6.03 -11.19 -30.99
N THR A 78 7.28 -11.26 -31.46
CA THR A 78 7.88 -12.50 -31.93
C THR A 78 9.33 -12.59 -31.52
N LEU A 79 9.71 -13.74 -30.95
CA LEU A 79 11.09 -14.12 -30.67
C LEU A 79 11.57 -15.07 -31.76
N THR A 80 12.70 -14.75 -32.36
CA THR A 80 13.24 -15.56 -33.44
C THR A 80 14.59 -16.10 -33.03
N ILE A 81 14.78 -17.40 -33.14
CA ILE A 81 16.06 -18.03 -32.85
C ILE A 81 16.53 -18.71 -34.13
N ASN A 82 17.52 -18.11 -34.80
CA ASN A 82 18.13 -18.71 -35.98
C ASN A 82 19.22 -19.69 -35.60
N SER A 83 19.56 -20.58 -36.54
CA SER A 83 20.64 -21.57 -36.37
C SER A 83 20.58 -22.17 -34.97
N LEU A 84 19.49 -22.89 -34.73
CA LEU A 84 19.21 -23.39 -33.38
C LEU A 84 20.37 -24.23 -32.88
N GLN A 85 20.72 -24.03 -31.62
CA GLN A 85 21.80 -24.74 -30.95
C GLN A 85 21.22 -25.60 -29.84
N ALA A 86 22.00 -26.61 -29.43
CA ALA A 86 21.48 -27.53 -28.42
C ALA A 86 21.17 -26.80 -27.13
N GLU A 87 21.97 -25.80 -26.79
CA GLU A 87 21.78 -25.11 -25.52
C GLU A 87 20.58 -24.20 -25.53
N ASP A 88 19.90 -24.07 -26.66
CA ASP A 88 18.72 -23.22 -26.72
C ASP A 88 17.49 -23.91 -26.15
N VAL A 89 17.59 -25.19 -25.80
CA VAL A 89 16.46 -25.89 -25.19
C VAL A 89 16.08 -25.14 -23.92
N ALA A 90 14.83 -24.72 -23.85
CA ALA A 90 14.42 -23.84 -22.76
C ALA A 90 12.93 -23.60 -22.90
N VAL A 91 12.38 -22.94 -21.88
CA VAL A 91 11.07 -22.32 -21.96
C VAL A 91 11.32 -20.82 -22.12
N TYR A 92 10.62 -20.20 -23.07
CA TYR A 92 10.79 -18.77 -23.36
C TYR A 92 9.55 -18.01 -22.89
N PHE A 93 9.77 -16.97 -22.09
CA PHE A 93 8.69 -16.18 -21.50
C PHE A 93 8.74 -14.76 -22.04
N CYS A 94 7.56 -14.19 -22.25
CA CYS A 94 7.44 -12.76 -22.49
C CYS A 94 6.97 -12.04 -21.24
N GLN A 95 7.26 -10.75 -21.20
CA GLN A 95 6.86 -9.93 -20.07
C GLN A 95 6.60 -8.52 -20.53
N GLN A 96 5.55 -7.91 -20.03
CA GLN A 96 5.36 -6.48 -20.19
C GLN A 96 5.75 -5.75 -18.91
N TYR A 97 6.32 -4.55 -19.07
CA TYR A 97 6.55 -3.64 -17.95
C TYR A 97 5.97 -2.27 -18.26
N TYR A 98 4.82 -2.26 -18.93
CA TYR A 98 4.13 -1.01 -19.25
C TYR A 98 3.45 -0.44 -18.01
N SER A 99 2.80 -1.30 -17.23
CA SER A 99 2.10 -0.86 -16.05
C SER A 99 2.11 -1.97 -15.01
N SER A 100 2.13 -1.58 -13.73
CA SER A 100 2.09 -2.54 -12.64
C SER A 100 0.67 -3.10 -12.48
N PRO A 101 0.54 -4.39 -12.14
CA PRO A 101 1.65 -5.33 -11.98
C PRO A 101 2.20 -5.82 -13.30
N ILE A 102 3.52 -5.98 -13.38
CA ILE A 102 4.08 -6.58 -14.57
C ILE A 102 3.52 -7.99 -14.70
N THR A 103 3.34 -8.43 -15.93
CA THR A 103 2.76 -9.74 -16.14
C THR A 103 3.58 -10.50 -17.17
N PHE A 104 3.57 -11.82 -17.04
CA PHE A 104 4.35 -12.71 -17.89
C PHE A 104 3.45 -13.58 -18.76
N GLY A 105 3.97 -13.97 -19.91
CA GLY A 105 3.33 -15.01 -20.68
C GLY A 105 3.41 -16.34 -19.99
N GLN A 106 2.57 -17.28 -20.43
CA GLN A 106 2.50 -18.58 -19.80
C GLN A 106 3.69 -19.47 -20.15
N GLY A 107 4.54 -19.05 -21.09
CA GLY A 107 5.74 -19.78 -21.49
C GLY A 107 5.53 -20.58 -22.74
N THR A 108 6.59 -20.68 -23.55
CA THR A 108 6.64 -21.55 -24.71
C THR A 108 7.83 -22.49 -24.57
N ARG A 109 7.57 -23.80 -24.62
CA ARG A 109 8.59 -24.82 -24.43
C ARG A 109 9.26 -25.13 -25.77
N LEU A 110 10.56 -24.91 -25.85
CA LEU A 110 11.35 -25.19 -27.06
C LEU A 110 12.04 -26.54 -26.93
N GLU A 111 11.70 -27.46 -27.82
CA GLU A 111 12.36 -28.75 -27.90
C GLU A 111 13.33 -28.75 -29.08
N ILE A 112 14.49 -29.36 -28.89
CA ILE A 112 15.48 -29.49 -29.94
C ILE A 112 15.30 -30.83 -30.60
N LYS A 113 15.17 -30.85 -31.92
CA LYS A 113 15.22 -32.10 -32.68
C LYS A 113 16.66 -32.42 -33.09
N ARG A 114 17.07 -33.66 -32.90
CA ARG A 114 18.40 -34.12 -33.28
C ARG A 114 18.29 -35.50 -33.94
N THR A 115 19.43 -36.07 -34.31
CA THR A 115 19.45 -37.37 -34.91
C THR A 115 19.03 -38.43 -33.90
N VAL A 116 18.52 -39.54 -34.42
CA VAL A 116 18.08 -40.62 -33.55
C VAL A 116 19.26 -41.19 -32.79
N ALA A 117 19.05 -41.44 -31.50
CA ALA A 117 20.03 -42.07 -30.62
C ALA A 117 19.29 -43.13 -29.81
N ALA A 118 19.79 -44.37 -29.87
CA ALA A 118 19.16 -45.47 -29.16
C ALA A 118 19.49 -45.40 -27.67
N PRO A 119 18.57 -45.83 -26.80
CA PRO A 119 18.85 -45.83 -25.37
C PRO A 119 19.78 -46.96 -24.96
N SER A 120 20.62 -46.66 -23.98
CA SER A 120 21.34 -47.67 -23.22
C SER A 120 20.44 -48.10 -22.10
N VAL A 121 20.24 -49.41 -21.95
CA VAL A 121 19.25 -49.95 -21.03
C VAL A 121 19.94 -50.69 -19.89
N PHE A 122 19.49 -50.42 -18.66
CA PHE A 122 19.98 -51.07 -17.46
C PHE A 122 18.79 -51.43 -16.59
N ILE A 123 18.90 -52.55 -15.86
CA ILE A 123 17.87 -52.96 -14.91
C ILE A 123 18.54 -53.13 -13.55
N PHE A 124 17.85 -52.69 -12.49
CA PHE A 124 18.36 -52.73 -11.11
C PHE A 124 17.39 -53.47 -10.22
N PRO A 125 17.81 -54.52 -9.52
CA PRO A 125 16.92 -55.19 -8.57
C PRO A 125 16.74 -54.36 -7.33
N PRO A 126 15.74 -54.69 -6.51
CA PRO A 126 15.62 -54.02 -5.21
C PRO A 126 16.78 -54.39 -4.30
N SER A 127 17.20 -53.42 -3.49
CA SER A 127 18.25 -53.66 -2.53
C SER A 127 17.74 -54.58 -1.43
N ASP A 128 18.65 -55.35 -0.84
CA ASP A 128 18.25 -56.13 0.32
C ASP A 128 17.76 -55.24 1.44
N GLU A 129 18.32 -54.03 1.55
CA GLU A 129 17.89 -53.11 2.60
C GLU A 129 16.42 -52.78 2.45
N GLN A 130 15.97 -52.52 1.22
CA GLN A 130 14.57 -52.18 0.98
C GLN A 130 13.64 -53.37 1.22
N LEU A 131 14.12 -54.57 0.92
CA LEU A 131 13.27 -55.73 1.06
C LEU A 131 12.83 -55.95 2.50
N LYS A 132 13.67 -55.61 3.48
CA LYS A 132 13.27 -55.81 4.87
C LYS A 132 12.14 -54.88 5.30
N SER A 133 11.75 -53.93 4.46
CA SER A 133 10.68 -52.99 4.81
C SER A 133 9.34 -53.39 4.20
N GLY A 134 9.30 -54.43 3.38
CA GLY A 134 8.06 -54.94 2.84
C GLY A 134 7.76 -54.53 1.41
N THR A 135 8.61 -53.70 0.80
CA THR A 135 8.41 -53.24 -0.56
C THR A 135 9.65 -53.50 -1.39
N ALA A 136 9.43 -53.78 -2.68
CA ALA A 136 10.48 -54.01 -3.65
C ALA A 136 10.30 -53.03 -4.79
N SER A 137 11.33 -52.25 -5.08
CA SER A 137 11.35 -51.38 -6.23
C SER A 137 12.35 -51.95 -7.22
N VAL A 138 11.86 -52.26 -8.41
CA VAL A 138 12.70 -52.66 -9.54
C VAL A 138 12.78 -51.46 -10.47
N VAL A 139 13.99 -51.13 -10.92
CA VAL A 139 14.23 -49.91 -11.68
C VAL A 139 14.84 -50.25 -13.03
N CYS A 140 14.28 -49.68 -14.10
CA CYS A 140 14.81 -49.80 -15.45
C CYS A 140 15.24 -48.42 -15.94
N LEU A 141 16.47 -48.31 -16.43
CA LEU A 141 17.03 -47.04 -16.86
C LEU A 141 17.25 -47.06 -18.37
N LEU A 142 16.72 -46.06 -19.06
CA LEU A 142 16.98 -45.80 -20.48
C LEU A 142 17.83 -44.54 -20.55
N ASN A 143 19.07 -44.67 -21.00
CA ASN A 143 20.02 -43.58 -20.89
C ASN A 143 20.34 -42.98 -22.26
N ASN A 144 20.16 -41.66 -22.36
CA ASN A 144 20.70 -40.82 -23.44
C ASN A 144 20.21 -41.26 -24.82
N PHE A 145 18.92 -41.01 -25.03
CA PHE A 145 18.25 -41.40 -26.25
C PHE A 145 17.48 -40.22 -26.82
N TYR A 146 17.13 -40.35 -28.11
CA TYR A 146 16.30 -39.39 -28.82
C TYR A 146 15.65 -40.14 -29.97
N PRO A 147 14.35 -39.92 -30.25
CA PRO A 147 13.44 -38.97 -29.62
C PRO A 147 12.95 -39.40 -28.24
N ARG A 148 12.09 -38.55 -27.66
CA ARG A 148 11.59 -38.77 -26.29
C ARG A 148 10.69 -39.99 -26.21
N GLU A 149 9.92 -40.26 -27.28
CA GLU A 149 8.95 -41.34 -27.29
C GLU A 149 9.64 -42.69 -27.15
N ALA A 150 9.22 -43.47 -26.15
CA ALA A 150 9.77 -44.79 -25.90
C ALA A 150 8.73 -45.64 -25.19
N LYS A 151 8.77 -46.95 -25.42
CA LYS A 151 7.87 -47.89 -24.78
C LYS A 151 8.66 -48.80 -23.83
N VAL A 152 8.33 -48.73 -22.55
CA VAL A 152 8.92 -49.60 -21.53
C VAL A 152 7.83 -50.53 -21.02
N GLN A 153 8.08 -51.83 -21.06
CA GLN A 153 7.12 -52.85 -20.64
C GLN A 153 7.78 -53.76 -19.63
N TRP A 154 7.18 -53.88 -18.45
CA TRP A 154 7.66 -54.79 -17.43
C TRP A 154 7.05 -56.17 -17.62
N LYS A 155 7.88 -57.20 -17.52
CA LYS A 155 7.42 -58.58 -17.58
C LYS A 155 7.96 -59.29 -16.35
N VAL A 156 7.10 -60.05 -15.69
CA VAL A 156 7.46 -60.84 -14.52
C VAL A 156 7.13 -62.30 -14.85
N ASP A 157 8.16 -63.13 -14.95
CA ASP A 157 8.03 -64.51 -15.43
C ASP A 157 7.31 -64.55 -16.77
N ASN A 158 7.65 -63.60 -17.62
CA ASN A 158 7.11 -63.43 -18.97
C ASN A 158 5.63 -63.01 -19.00
N ALA A 159 5.06 -62.65 -17.85
CA ALA A 159 3.72 -62.09 -17.78
C ALA A 159 3.79 -60.57 -17.83
N LEU A 160 3.05 -59.99 -18.77
CA LEU A 160 3.04 -58.53 -18.93
C LEU A 160 2.41 -57.86 -17.72
N GLN A 161 3.07 -56.84 -17.20
CA GLN A 161 2.61 -56.08 -16.04
C GLN A 161 1.88 -54.83 -16.48
N SER A 162 0.95 -54.38 -15.63
CA SER A 162 0.32 -53.08 -15.84
C SER A 162 -0.17 -52.55 -14.49
N GLY A 163 -0.11 -51.24 -14.34
CA GLY A 163 -0.63 -50.54 -13.18
C GLY A 163 0.29 -50.46 -11.98
N ASN A 164 1.46 -51.09 -12.04
CA ASN A 164 2.40 -51.10 -10.94
C ASN A 164 3.75 -50.51 -11.32
N SER A 165 3.79 -49.65 -12.34
CA SER A 165 5.01 -48.96 -12.75
C SER A 165 4.78 -47.48 -12.98
N GLN A 166 5.83 -46.69 -12.76
CA GLN A 166 5.85 -45.26 -12.99
C GLN A 166 7.12 -44.85 -13.74
N GLU A 167 6.99 -43.82 -14.55
CA GLU A 167 8.07 -43.35 -15.41
C GLU A 167 8.43 -41.91 -15.08
N SER A 168 9.70 -41.57 -15.26
CA SER A 168 10.16 -40.21 -15.16
C SER A 168 11.19 -39.95 -16.24
N VAL A 169 11.14 -38.75 -16.85
CA VAL A 169 12.04 -38.38 -17.94
C VAL A 169 12.78 -37.12 -17.55
N THR A 170 14.06 -37.08 -17.89
CA THR A 170 14.86 -35.90 -17.65
C THR A 170 14.51 -34.80 -18.63
N GLU A 171 14.84 -33.56 -18.26
CA GLU A 171 14.82 -32.49 -19.24
C GLU A 171 15.80 -32.80 -20.34
N GLN A 172 15.54 -32.28 -21.52
CA GLN A 172 16.42 -32.51 -22.64
C GLN A 172 17.80 -31.93 -22.34
N ASP A 173 18.83 -32.71 -22.65
CA ASP A 173 20.19 -32.31 -22.32
C ASP A 173 20.58 -31.06 -23.12
N SER A 174 21.22 -30.12 -22.44
CA SER A 174 21.60 -28.87 -23.07
C SER A 174 22.83 -29.00 -23.95
N LYS A 175 23.53 -30.14 -23.92
CA LYS A 175 24.72 -30.33 -24.73
C LYS A 175 24.50 -31.33 -25.86
N ASP A 176 23.96 -32.53 -25.60
CA ASP A 176 23.75 -33.52 -26.65
C ASP A 176 22.28 -33.74 -27.01
N SER A 177 21.35 -32.99 -26.41
CA SER A 177 19.94 -32.97 -26.81
C SER A 177 19.24 -34.31 -26.64
N THR A 178 19.73 -35.17 -25.76
CA THR A 178 19.09 -36.45 -25.49
C THR A 178 18.22 -36.36 -24.23
N TYR A 179 17.48 -37.45 -24.00
CA TYR A 179 16.70 -37.67 -22.80
C TYR A 179 17.20 -38.91 -22.09
N SER A 180 16.88 -39.01 -20.79
CA SER A 180 17.00 -40.25 -20.04
C SER A 180 15.70 -40.53 -19.30
N LEU A 181 15.39 -41.80 -19.10
CA LEU A 181 14.09 -42.21 -18.59
C LEU A 181 14.27 -43.35 -17.59
N SER A 182 13.51 -43.29 -16.50
CA SER A 182 13.48 -44.34 -15.51
C SER A 182 12.09 -44.92 -15.43
N SER A 183 12.01 -46.24 -15.34
CA SER A 183 10.76 -46.94 -15.05
C SER A 183 10.92 -47.71 -13.75
N THR A 184 10.01 -47.46 -12.80
CA THR A 184 10.07 -48.10 -11.48
C THR A 184 8.87 -49.00 -11.28
N LEU A 185 9.12 -50.31 -11.13
CA LEU A 185 8.10 -51.31 -10.82
C LEU A 185 8.08 -51.52 -9.32
N THR A 186 6.91 -51.36 -8.70
CA THR A 186 6.78 -51.46 -7.26
C THR A 186 5.89 -52.66 -6.90
N LEU A 187 6.46 -53.60 -6.17
CA LEU A 187 5.74 -54.78 -5.73
C LEU A 187 5.90 -54.94 -4.22
N SER A 188 4.92 -55.59 -3.60
CA SER A 188 5.08 -56.01 -2.23
C SER A 188 6.19 -57.05 -2.15
N LYS A 189 6.84 -57.13 -0.97
CA LYS A 189 7.86 -58.15 -0.78
C LYS A 189 7.31 -59.54 -1.05
N ALA A 190 6.07 -59.79 -0.60
CA ALA A 190 5.46 -61.10 -0.81
C ALA A 190 5.33 -61.41 -2.29
N ASP A 191 4.83 -60.44 -3.08
CA ASP A 191 4.66 -60.66 -4.51
C ASP A 191 6.00 -60.78 -5.21
N TYR A 192 7.00 -59.99 -4.77
CA TYR A 192 8.30 -60.06 -5.40
C TYR A 192 8.92 -61.45 -5.23
N GLU A 193 8.79 -62.03 -4.05
CA GLU A 193 9.39 -63.33 -3.80
C GLU A 193 8.62 -64.48 -4.42
N LYS A 194 7.43 -64.20 -4.98
CA LYS A 194 6.64 -65.24 -5.63
C LYS A 194 7.15 -65.57 -7.02
N HIS A 195 8.01 -64.73 -7.59
CA HIS A 195 8.43 -64.86 -8.98
C HIS A 195 9.95 -64.79 -9.07
N LYS A 196 10.47 -65.17 -10.24
CA LYS A 196 11.90 -65.34 -10.45
C LYS A 196 12.47 -64.32 -11.44
N VAL A 197 11.96 -64.29 -12.66
CA VAL A 197 12.58 -63.51 -13.75
C VAL A 197 11.89 -62.16 -13.89
N TYR A 198 12.65 -61.10 -13.69
CA TYR A 198 12.17 -59.74 -13.82
C TYR A 198 12.86 -59.12 -15.02
N ALA A 199 12.08 -58.66 -16.00
CA ALA A 199 12.58 -58.21 -17.29
C ALA A 199 12.03 -56.83 -17.63
N CYS A 200 12.87 -56.03 -18.27
CA CYS A 200 12.49 -54.72 -18.78
C CYS A 200 12.65 -54.72 -20.30
N GLU A 201 11.55 -54.57 -21.02
CA GLU A 201 11.55 -54.55 -22.49
C GLU A 201 11.37 -53.12 -22.99
N VAL A 202 12.31 -52.66 -23.81
CA VAL A 202 12.32 -51.29 -24.30
C VAL A 202 12.11 -51.32 -25.81
N THR A 203 11.15 -50.54 -26.28
CA THR A 203 10.90 -50.35 -27.71
C THR A 203 11.22 -48.89 -28.03
N HIS A 204 12.02 -48.68 -29.07
CA HIS A 204 12.44 -47.31 -29.39
C HIS A 204 12.81 -47.24 -30.86
N GLN A 205 12.63 -46.04 -31.42
CA GLN A 205 12.86 -45.84 -32.86
C GLN A 205 14.31 -46.15 -33.25
N GLY A 206 15.26 -45.94 -32.35
CA GLY A 206 16.65 -46.24 -32.61
C GLY A 206 17.04 -47.68 -32.45
N LEU A 207 16.11 -48.54 -32.05
CA LEU A 207 16.35 -49.97 -31.90
C LEU A 207 15.57 -50.72 -32.98
N SER A 208 16.26 -51.60 -33.70
CA SER A 208 15.61 -52.35 -34.77
C SER A 208 14.63 -53.38 -34.25
N SER A 209 14.81 -53.84 -33.02
CA SER A 209 13.89 -54.75 -32.37
C SER A 209 14.01 -54.51 -30.87
N PRO A 210 12.96 -54.80 -30.10
CA PRO A 210 12.98 -54.48 -28.67
C PRO A 210 14.13 -55.15 -27.92
N VAL A 211 14.68 -54.41 -26.95
CA VAL A 211 15.82 -54.83 -26.14
C VAL A 211 15.32 -55.18 -24.75
N THR A 212 15.75 -56.33 -24.22
CA THR A 212 15.36 -56.79 -22.90
C THR A 212 16.57 -56.94 -21.99
N LYS A 213 16.47 -56.37 -20.80
CA LYS A 213 17.42 -56.57 -19.71
C LYS A 213 16.67 -57.25 -18.56
N SER A 214 17.29 -58.25 -17.95
CA SER A 214 16.57 -59.03 -16.95
C SER A 214 17.53 -59.51 -15.86
N PHE A 215 16.94 -59.97 -14.76
CA PHE A 215 17.67 -60.63 -13.69
C PHE A 215 16.75 -61.68 -13.07
N ASN A 216 17.34 -62.61 -12.31
CA ASN A 216 16.57 -63.60 -11.58
C ASN A 216 16.46 -63.26 -10.09
N ARG A 217 15.71 -64.08 -9.35
CA ARG A 217 15.51 -63.98 -7.89
C ARG A 217 14.63 -62.81 -7.40
N GLU B 1 30.16 -9.39 -10.55
CA GLU B 1 29.56 -10.70 -10.75
C GLU B 1 28.38 -10.78 -9.82
N VAL B 2 27.25 -10.41 -10.38
CA VAL B 2 26.04 -10.32 -9.58
C VAL B 2 25.55 -11.73 -9.22
N GLN B 3 25.34 -11.96 -7.94
CA GLN B 3 24.76 -13.22 -7.51
C GLN B 3 23.65 -12.93 -6.54
N LEU B 4 22.60 -13.75 -6.63
CA LEU B 4 21.46 -13.69 -5.74
C LEU B 4 21.24 -15.08 -5.21
N LEU B 5 21.12 -15.24 -3.90
CA LEU B 5 20.98 -16.56 -3.30
C LEU B 5 19.82 -16.53 -2.33
N GLU B 6 18.75 -17.25 -2.65
CA GLU B 6 17.56 -17.32 -1.81
C GLU B 6 17.66 -18.46 -0.81
N SER B 7 16.92 -18.32 0.28
CA SER B 7 16.80 -19.34 1.30
C SER B 7 15.51 -19.12 2.06
N GLY B 8 15.11 -20.15 2.81
CA GLY B 8 14.01 -20.07 3.75
C GLY B 8 12.80 -20.89 3.39
N GLY B 9 12.76 -21.46 2.20
CA GLY B 9 11.62 -22.24 1.80
C GLY B 9 11.52 -23.56 2.55
N GLY B 10 10.30 -24.06 2.61
CA GLY B 10 10.02 -25.30 3.29
C GLY B 10 8.52 -25.51 3.33
N LEU B 11 8.11 -26.44 4.19
CA LEU B 11 6.72 -26.79 4.36
C LEU B 11 6.09 -25.88 5.40
N VAL B 12 4.91 -25.35 5.09
CA VAL B 12 4.17 -24.45 5.97
C VAL B 12 2.72 -24.92 6.03
N GLN B 13 2.16 -25.05 7.22
CA GLN B 13 0.74 -25.33 7.30
C GLN B 13 -0.06 -24.13 6.81
N PRO B 14 -1.23 -24.35 6.21
CA PRO B 14 -2.07 -23.22 5.80
C PRO B 14 -2.40 -22.32 6.98
N GLY B 15 -2.35 -21.01 6.74
CA GLY B 15 -2.44 -20.02 7.79
C GLY B 15 -1.12 -19.72 8.46
N GLY B 16 -0.09 -20.53 8.23
CA GLY B 16 1.20 -20.34 8.86
C GLY B 16 2.01 -19.25 8.20
N SER B 17 3.22 -19.06 8.72
CA SER B 17 4.07 -17.95 8.34
C SER B 17 5.44 -18.48 7.92
N LEU B 18 6.06 -17.78 6.96
CA LEU B 18 7.37 -18.13 6.46
C LEU B 18 8.10 -16.87 6.01
N ARG B 19 9.41 -16.80 6.28
CA ARG B 19 10.21 -15.68 5.80
C ARG B 19 11.29 -16.17 4.86
N LEU B 20 11.31 -15.61 3.65
CA LEU B 20 12.35 -15.90 2.69
C LEU B 20 13.40 -14.80 2.74
N SER B 21 14.65 -15.18 2.48
CA SER B 21 15.74 -14.24 2.46
C SER B 21 16.41 -14.38 1.11
N CYS B 22 17.11 -13.32 0.70
CA CYS B 22 17.85 -13.30 -0.55
C CYS B 22 19.14 -12.56 -0.32
N GLY B 23 20.27 -13.28 -0.40
CA GLY B 23 21.56 -12.65 -0.27
C GLY B 23 22.06 -12.16 -1.62
N ALA B 24 22.52 -10.92 -1.65
CA ALA B 24 23.02 -10.32 -2.86
C ALA B 24 24.49 -9.99 -2.66
N SER B 25 25.24 -10.04 -3.75
CA SER B 25 26.65 -9.70 -3.74
C SER B 25 27.01 -9.26 -5.14
N GLY B 26 28.13 -8.56 -5.25
CA GLY B 26 28.66 -8.21 -6.55
C GLY B 26 28.14 -6.92 -7.14
N PHE B 27 27.37 -6.15 -6.38
CA PHE B 27 26.92 -4.85 -6.83
C PHE B 27 26.55 -4.04 -5.59
N ILE B 28 26.51 -2.73 -5.77
CA ILE B 28 26.09 -1.84 -4.69
C ILE B 28 24.60 -2.05 -4.46
N PHE B 29 24.27 -2.84 -3.43
CA PHE B 29 22.90 -3.31 -3.21
C PHE B 29 21.91 -2.14 -3.09
N GLY B 30 22.23 -1.15 -2.25
CA GLY B 30 21.28 -0.08 -2.00
C GLY B 30 20.93 0.76 -3.22
N HIS B 31 21.62 0.58 -4.34
CA HIS B 31 21.33 1.33 -5.55
C HIS B 31 20.24 0.70 -6.39
N TYR B 32 19.80 -0.51 -6.09
CA TYR B 32 18.89 -1.22 -6.98
C TYR B 32 17.65 -1.73 -6.26
N ALA B 33 16.51 -1.54 -6.91
CA ALA B 33 15.27 -2.17 -6.48
C ALA B 33 15.38 -3.67 -6.62
N MET B 34 14.69 -4.40 -5.75
CA MET B 34 14.64 -5.85 -5.79
C MET B 34 13.18 -6.26 -5.80
N SER B 35 12.89 -7.40 -6.43
CA SER B 35 11.51 -7.87 -6.49
C SER B 35 11.52 -9.37 -6.20
N TRP B 36 10.35 -9.88 -5.84
CA TRP B 36 10.16 -11.32 -5.68
C TRP B 36 9.16 -11.74 -6.73
N VAL B 37 9.50 -12.78 -7.47
CA VAL B 37 8.63 -13.34 -8.49
C VAL B 37 8.51 -14.83 -8.17
N ARG B 38 7.30 -15.36 -8.28
CA ARG B 38 7.07 -16.76 -7.97
C ARG B 38 6.52 -17.48 -9.20
N GLN B 39 6.61 -18.82 -9.18
CA GLN B 39 6.21 -19.67 -10.31
C GLN B 39 5.48 -20.89 -9.75
N ALA B 40 4.15 -20.91 -9.92
CA ALA B 40 3.29 -21.96 -9.39
C ALA B 40 3.33 -23.23 -10.24
N PRO B 41 2.97 -24.38 -9.65
CA PRO B 41 3.07 -25.66 -10.40
C PRO B 41 2.36 -25.66 -11.73
N GLN B 42 1.16 -25.08 -11.81
CA GLN B 42 0.42 -25.10 -13.06
C GLN B 42 0.30 -23.71 -13.67
N LYS B 43 0.67 -22.68 -12.94
CA LYS B 43 0.53 -21.31 -13.39
C LYS B 43 1.88 -20.85 -13.94
N GLY B 44 1.94 -19.63 -14.41
CA GLY B 44 3.15 -19.07 -14.96
C GLY B 44 3.91 -18.29 -13.92
N LEU B 45 4.74 -17.37 -14.38
CA LEU B 45 5.44 -16.47 -13.49
C LEU B 45 4.45 -15.40 -13.04
N GLU B 46 4.48 -15.11 -11.75
CA GLU B 46 3.61 -14.10 -11.15
C GLU B 46 4.46 -13.23 -10.24
N TRP B 47 4.56 -11.95 -10.59
CA TRP B 47 5.23 -10.98 -9.73
C TRP B 47 4.50 -10.83 -8.40
N VAL B 48 5.25 -10.79 -7.31
CA VAL B 48 4.71 -10.80 -5.97
C VAL B 48 4.87 -9.45 -5.28
N SER B 49 6.08 -8.89 -5.32
CA SER B 49 6.38 -7.73 -4.50
C SER B 49 7.69 -7.10 -4.97
N GLY B 50 7.76 -5.78 -4.87
CA GLY B 50 8.98 -5.07 -5.19
C GLY B 50 9.27 -4.00 -4.16
N ILE B 51 10.56 -3.66 -4.00
CA ILE B 51 11.01 -2.68 -3.03
C ILE B 51 12.13 -1.83 -3.63
N SER B 52 12.07 -0.52 -3.37
CA SER B 52 13.06 0.41 -3.91
C SER B 52 14.43 0.17 -3.25
N GLY B 53 15.45 0.84 -3.80
CA GLY B 53 16.81 0.66 -3.30
C GLY B 53 16.95 0.96 -1.82
N GLY B 54 16.48 2.13 -1.40
CA GLY B 54 16.51 2.50 0.00
C GLY B 54 15.41 1.93 0.84
N GLY B 55 14.43 1.27 0.18
CA GLY B 55 13.34 0.63 0.87
C GLY B 55 12.16 1.49 1.25
N GLU B 56 12.16 2.77 0.87
CA GLU B 56 11.07 3.67 1.26
C GLU B 56 9.79 3.41 0.47
N SER B 57 9.87 2.72 -0.67
CA SER B 57 8.73 2.47 -1.55
C SER B 57 8.57 0.97 -1.77
N THR B 58 7.33 0.48 -1.66
CA THR B 58 7.02 -0.92 -1.90
C THR B 58 5.73 -1.02 -2.72
N ASN B 59 5.55 -2.18 -3.35
CA ASN B 59 4.41 -2.48 -4.18
C ASN B 59 4.12 -3.97 -4.04
N TYR B 60 2.84 -4.36 -4.18
CA TYR B 60 2.45 -5.75 -3.96
C TYR B 60 1.38 -6.17 -4.95
N ALA B 61 1.43 -7.44 -5.35
CA ALA B 61 0.33 -8.03 -6.09
C ALA B 61 -0.92 -8.11 -5.24
N ASP B 62 -2.09 -7.91 -5.86
CA ASP B 62 -3.35 -7.97 -5.12
C ASP B 62 -3.51 -9.29 -4.39
N SER B 63 -3.04 -10.38 -4.97
CA SER B 63 -3.28 -11.70 -4.37
C SER B 63 -2.52 -11.87 -3.05
N VAL B 64 -1.53 -11.03 -2.79
CA VAL B 64 -0.72 -11.15 -1.58
C VAL B 64 -0.78 -9.93 -0.71
N LYS B 65 -1.49 -8.90 -1.12
CA LYS B 65 -1.51 -7.65 -0.38
C LYS B 65 -1.99 -7.93 1.04
N GLY B 66 -1.30 -7.32 2.01
CA GLY B 66 -1.66 -7.44 3.41
C GLY B 66 -1.12 -8.65 4.13
N ARG B 67 -0.79 -9.73 3.42
CA ARG B 67 -0.21 -10.92 4.01
C ARG B 67 1.30 -11.01 3.83
N PHE B 68 1.84 -10.43 2.75
CA PHE B 68 3.26 -10.42 2.49
C PHE B 68 3.81 -9.04 2.83
N THR B 69 5.03 -9.03 3.37
CA THR B 69 5.75 -7.80 3.63
C THR B 69 7.16 -7.98 3.11
N ILE B 70 7.60 -7.07 2.27
CA ILE B 70 8.94 -7.04 1.72
C ILE B 70 9.75 -6.00 2.48
N SER B 71 11.00 -6.33 2.75
CA SER B 71 11.92 -5.42 3.43
C SER B 71 13.31 -5.80 2.98
N ARG B 72 14.28 -4.97 3.37
CA ARG B 72 15.65 -5.17 2.91
C ARG B 72 16.58 -4.55 3.94
N ASP B 73 17.77 -5.11 4.01
CA ASP B 73 18.84 -4.63 4.88
C ASP B 73 20.00 -4.18 3.99
N ASN B 74 20.21 -2.88 3.88
CA ASN B 74 21.24 -2.38 2.99
C ASN B 74 22.65 -2.41 3.60
N SER B 75 22.82 -3.03 4.76
CA SER B 75 24.15 -3.34 5.29
C SER B 75 24.48 -4.82 5.15
N ARG B 76 23.57 -5.70 5.54
CA ARG B 76 23.75 -7.14 5.34
C ARG B 76 23.55 -7.54 3.88
N ASN B 77 23.07 -6.62 3.04
CA ASN B 77 22.80 -6.86 1.61
C ASN B 77 21.84 -8.01 1.42
N THR B 78 20.69 -7.91 2.08
CA THR B 78 19.69 -8.96 2.04
C THR B 78 18.34 -8.32 1.77
N VAL B 79 17.50 -9.02 1.02
CA VAL B 79 16.11 -8.64 0.84
C VAL B 79 15.27 -9.79 1.37
N TYR B 80 14.15 -9.45 2.02
CA TYR B 80 13.28 -10.41 2.68
C TYR B 80 11.87 -10.37 2.13
N LEU B 81 11.20 -11.52 2.21
CA LEU B 81 9.77 -11.67 1.96
C LEU B 81 9.15 -12.34 3.19
N GLN B 82 8.42 -11.57 3.99
CA GLN B 82 7.70 -12.12 5.13
C GLN B 82 6.30 -12.54 4.67
N MET B 83 5.95 -13.81 4.87
CA MET B 83 4.65 -14.33 4.44
C MET B 83 3.89 -14.80 5.65
N ASN B 84 2.74 -14.18 5.91
CA ASN B 84 1.79 -14.59 6.93
C ASN B 84 0.51 -15.06 6.27
N SER B 85 -0.32 -15.80 7.02
CA SER B 85 -1.62 -16.30 6.56
C SER B 85 -1.49 -17.00 5.20
N LEU B 86 -0.49 -17.87 5.09
CA LEU B 86 -0.18 -18.51 3.82
C LEU B 86 -1.32 -19.43 3.38
N ARG B 87 -1.55 -19.48 2.08
CA ARG B 87 -2.61 -20.26 1.50
C ARG B 87 -2.00 -21.36 0.64
N ALA B 88 -2.81 -22.37 0.34
CA ALA B 88 -2.35 -23.45 -0.52
C ALA B 88 -1.83 -22.91 -1.84
N GLU B 89 -2.51 -21.90 -2.39
CA GLU B 89 -2.19 -21.29 -3.68
C GLU B 89 -0.92 -20.45 -3.65
N ASP B 90 -0.30 -20.24 -2.49
CA ASP B 90 1.00 -19.59 -2.42
C ASP B 90 2.16 -20.57 -2.67
N THR B 91 1.86 -21.87 -2.83
CA THR B 91 2.89 -22.85 -3.14
C THR B 91 3.54 -22.50 -4.48
N ALA B 92 4.85 -22.27 -4.45
CA ALA B 92 5.55 -21.89 -5.67
C ALA B 92 7.06 -21.90 -5.41
N ILE B 93 7.82 -21.88 -6.50
CA ILE B 93 9.23 -21.51 -6.42
C ILE B 93 9.29 -19.99 -6.37
N TYR B 94 9.95 -19.45 -5.36
CA TYR B 94 10.04 -18.01 -5.19
C TYR B 94 11.42 -17.51 -5.58
N TYR B 95 11.46 -16.55 -6.50
CA TYR B 95 12.72 -16.02 -7.00
C TYR B 95 12.96 -14.59 -6.54
N CYS B 96 14.23 -14.28 -6.37
CA CYS B 96 14.72 -12.94 -6.08
C CYS B 96 15.23 -12.37 -7.40
N ALA B 97 14.85 -11.14 -7.71
CA ALA B 97 15.29 -10.57 -8.98
C ALA B 97 15.64 -9.10 -8.82
N LYS B 98 16.60 -8.66 -9.62
CA LYS B 98 17.20 -7.34 -9.50
C LYS B 98 16.72 -6.40 -10.61
N ASP B 99 16.40 -5.19 -10.21
CA ASP B 99 16.14 -4.12 -11.14
C ASP B 99 17.43 -3.78 -11.87
N PRO B 100 17.49 -3.87 -13.19
CA PRO B 100 18.77 -3.75 -13.88
C PRO B 100 19.34 -2.36 -13.89
N GLY B 101 18.50 -1.33 -13.91
CA GLY B 101 19.02 0.01 -14.14
C GLY B 101 19.12 0.86 -12.91
N GLY B 102 18.36 0.50 -11.88
CA GLY B 102 18.32 1.32 -10.68
C GLY B 102 17.02 1.19 -9.93
N ASP B 103 16.28 2.28 -9.82
CA ASP B 103 15.14 2.37 -8.92
C ASP B 103 13.89 2.73 -9.69
N SER B 104 13.35 1.79 -10.47
CA SER B 104 12.15 2.03 -11.25
C SER B 104 10.90 2.21 -10.36
N SER B 105 9.99 3.08 -10.81
CA SER B 105 8.74 3.43 -10.14
C SER B 105 7.53 3.07 -11.01
N PRO B 106 6.52 2.40 -10.46
CA PRO B 106 6.48 1.80 -9.12
C PRO B 106 7.50 0.69 -8.97
N ALA B 107 7.90 0.36 -7.74
CA ALA B 107 8.85 -0.71 -7.52
C ALA B 107 8.41 -1.99 -8.22
N GLY B 108 9.26 -2.53 -9.09
CA GLY B 108 8.97 -3.73 -9.83
C GLY B 108 8.50 -3.52 -11.25
N ARG B 109 8.20 -2.30 -11.67
CA ARG B 109 7.75 -2.09 -13.04
C ARG B 109 8.99 -1.99 -13.90
N THR B 110 9.58 -3.16 -14.15
CA THR B 110 10.79 -3.28 -14.97
C THR B 110 10.93 -4.74 -15.34
N TRP B 111 11.84 -5.00 -16.29
CA TRP B 111 12.32 -6.37 -16.42
C TRP B 111 13.40 -6.60 -15.37
N PHE B 112 13.81 -7.85 -15.23
CA PHE B 112 14.70 -8.22 -14.13
C PHE B 112 15.94 -8.91 -14.64
N ASP B 113 17.06 -8.52 -14.07
CA ASP B 113 18.31 -9.16 -14.40
C ASP B 113 19.33 -8.86 -13.31
N PRO B 114 19.84 -9.89 -12.63
CA PRO B 114 19.46 -11.28 -12.85
C PRO B 114 18.45 -11.81 -11.83
N TRP B 115 18.22 -13.12 -11.89
CA TRP B 115 17.35 -13.86 -10.98
C TRP B 115 18.17 -14.82 -10.15
N GLY B 116 17.70 -15.10 -8.93
CA GLY B 116 18.31 -16.11 -8.11
C GLY B 116 17.83 -17.49 -8.51
N GLN B 117 18.37 -18.50 -7.84
CA GLN B 117 18.04 -19.88 -8.21
C GLN B 117 16.64 -20.29 -7.77
N GLY B 118 16.04 -19.54 -6.85
CA GLY B 118 14.71 -19.90 -6.39
C GLY B 118 14.74 -20.79 -5.15
N THR B 119 13.72 -20.63 -4.32
CA THR B 119 13.49 -21.48 -3.16
C THR B 119 12.03 -21.92 -3.18
N LEU B 120 11.79 -23.21 -2.93
CA LEU B 120 10.45 -23.77 -3.03
C LEU B 120 9.72 -23.59 -1.71
N VAL B 121 8.52 -23.03 -1.78
CA VAL B 121 7.63 -22.87 -0.65
C VAL B 121 6.43 -23.76 -0.92
N THR B 122 6.18 -24.71 -0.03
CA THR B 122 5.05 -25.62 -0.13
C THR B 122 4.12 -25.37 1.03
N VAL B 123 2.88 -25.01 0.74
CA VAL B 123 1.87 -24.77 1.76
C VAL B 123 0.93 -25.97 1.73
N SER B 124 0.94 -26.75 2.81
CA SER B 124 0.21 -28.01 2.83
C SER B 124 -0.07 -28.42 4.27
N SER B 125 -1.17 -29.15 4.44
CA SER B 125 -1.51 -29.77 5.73
C SER B 125 -0.80 -31.08 5.97
N ALA B 126 -0.18 -31.64 4.93
CA ALA B 126 0.53 -32.87 5.12
C ALA B 126 1.80 -32.64 5.92
N SER B 127 2.25 -33.70 6.56
CA SER B 127 3.45 -33.66 7.37
C SER B 127 4.66 -34.03 6.56
N THR B 128 5.80 -33.56 7.04
CA THR B 128 7.08 -33.88 6.45
C THR B 128 7.39 -35.34 6.67
N LYS B 129 8.00 -35.97 5.65
CA LYS B 129 8.57 -37.30 5.76
C LYS B 129 9.86 -37.30 4.95
N GLY B 130 10.97 -37.73 5.57
CA GLY B 130 12.22 -37.79 4.88
C GLY B 130 12.33 -39.03 4.02
N PRO B 131 13.23 -39.01 3.04
CA PRO B 131 13.34 -40.14 2.13
C PRO B 131 14.17 -41.27 2.70
N SER B 132 13.82 -42.48 2.27
CA SER B 132 14.70 -43.63 2.35
C SER B 132 15.50 -43.68 1.06
N VAL B 133 16.78 -43.96 1.16
CA VAL B 133 17.61 -44.03 -0.04
C VAL B 133 18.16 -45.45 -0.12
N PHE B 134 18.02 -46.05 -1.29
CA PHE B 134 18.47 -47.41 -1.49
C PHE B 134 19.43 -47.42 -2.66
N PRO B 135 20.43 -48.30 -2.65
CA PRO B 135 21.38 -48.33 -3.75
C PRO B 135 20.78 -49.01 -4.97
N LEU B 136 21.13 -48.48 -6.14
CA LEU B 136 20.90 -49.13 -7.43
C LEU B 136 22.24 -49.69 -7.87
N ALA B 137 22.52 -50.97 -7.50
CA ALA B 137 23.80 -51.62 -7.68
C ALA B 137 24.01 -52.04 -9.14
N PRO B 138 25.21 -51.83 -9.70
CA PRO B 138 25.58 -52.30 -11.04
C PRO B 138 25.84 -53.81 -11.14
N GLY B 146 32.06 -50.81 -21.95
CA GLY B 146 32.94 -50.70 -20.81
C GLY B 146 32.52 -49.64 -19.79
N THR B 147 31.23 -49.25 -19.82
CA THR B 147 30.69 -48.31 -18.84
C THR B 147 29.44 -48.87 -18.19
N ALA B 148 29.46 -48.93 -16.87
CA ALA B 148 28.38 -49.41 -16.02
C ALA B 148 27.54 -48.24 -15.54
N ALA B 149 26.31 -48.54 -15.11
CA ALA B 149 25.43 -47.55 -14.52
C ALA B 149 25.08 -47.98 -13.10
N LEU B 150 24.99 -46.98 -12.22
CA LEU B 150 24.58 -47.18 -10.84
C LEU B 150 23.81 -45.96 -10.37
N GLY B 151 23.21 -46.05 -9.19
CA GLY B 151 22.48 -44.92 -8.68
C GLY B 151 21.86 -45.15 -7.32
N CYS B 152 21.01 -44.20 -6.93
CA CYS B 152 20.34 -44.22 -5.64
C CYS B 152 18.86 -44.04 -5.86
N LEU B 153 18.06 -44.82 -5.15
CA LEU B 153 16.61 -44.67 -5.18
C LEU B 153 16.18 -43.89 -3.95
N VAL B 154 15.56 -42.74 -4.16
CA VAL B 154 15.17 -41.82 -3.10
C VAL B 154 13.65 -41.90 -2.97
N LYS B 155 13.17 -42.69 -2.01
CA LYS B 155 11.78 -43.10 -1.99
C LYS B 155 11.04 -42.55 -0.78
N ASP B 156 9.78 -42.16 -1.02
CA ASP B 156 8.81 -41.86 0.02
C ASP B 156 9.19 -40.64 0.84
N TYR B 157 9.21 -39.45 0.22
CA TYR B 157 9.50 -38.22 0.96
C TYR B 157 8.46 -37.15 0.64
N PHE B 158 8.34 -36.17 1.54
CA PHE B 158 7.45 -35.03 1.39
C PHE B 158 7.89 -33.88 2.27
N PRO B 159 7.91 -32.64 1.77
CA PRO B 159 7.60 -32.28 0.38
C PRO B 159 8.85 -32.26 -0.48
N GLU B 160 8.71 -31.74 -1.70
CA GLU B 160 9.86 -31.41 -2.52
C GLU B 160 10.65 -30.27 -1.88
N PRO B 161 11.96 -30.15 -2.18
CA PRO B 161 12.83 -30.96 -3.03
C PRO B 161 13.80 -31.85 -2.27
N VAL B 162 14.49 -32.70 -3.03
CA VAL B 162 15.70 -33.36 -2.56
C VAL B 162 16.81 -32.94 -3.50
N THR B 163 18.01 -32.83 -2.93
CA THR B 163 19.22 -32.62 -3.70
C THR B 163 20.06 -33.87 -3.57
N VAL B 164 20.66 -34.29 -4.67
CA VAL B 164 21.52 -35.46 -4.71
C VAL B 164 22.86 -35.04 -5.30
N SER B 165 23.92 -35.26 -4.56
CA SER B 165 25.25 -35.12 -5.11
C SER B 165 25.91 -36.49 -5.04
N TRP B 166 27.06 -36.62 -5.69
CA TRP B 166 27.81 -37.86 -5.73
C TRP B 166 29.22 -37.62 -5.27
N ASN B 167 29.69 -38.47 -4.36
CA ASN B 167 31.02 -38.36 -3.77
C ASN B 167 31.29 -36.93 -3.28
N SER B 168 30.29 -36.36 -2.60
CA SER B 168 30.39 -35.02 -2.04
C SER B 168 30.80 -34.01 -3.09
N GLY B 169 30.33 -34.23 -4.33
CA GLY B 169 30.59 -33.34 -5.43
C GLY B 169 31.75 -33.74 -6.31
N ALA B 170 32.49 -34.78 -5.96
CA ALA B 170 33.63 -35.15 -6.77
C ALA B 170 33.21 -35.78 -8.09
N LEU B 171 31.99 -36.31 -8.16
CA LEU B 171 31.47 -36.96 -9.34
C LEU B 171 30.27 -36.16 -9.84
N THR B 172 30.39 -35.59 -11.03
CA THR B 172 29.30 -34.79 -11.61
C THR B 172 29.00 -35.23 -13.03
N SER B 173 30.01 -35.66 -13.78
CA SER B 173 29.83 -36.09 -15.15
C SER B 173 28.99 -37.36 -15.22
N GLY B 174 28.03 -37.38 -16.14
CA GLY B 174 27.21 -38.55 -16.36
C GLY B 174 26.08 -38.73 -15.39
N VAL B 175 25.79 -37.72 -14.55
CA VAL B 175 24.76 -37.81 -13.53
C VAL B 175 23.41 -37.41 -14.13
N HIS B 176 22.39 -38.22 -13.85
CA HIS B 176 21.00 -37.91 -14.18
C HIS B 176 20.19 -38.04 -12.90
N THR B 177 19.67 -36.95 -12.40
CA THR B 177 18.72 -37.00 -11.28
C THR B 177 17.34 -36.74 -11.83
N PHE B 178 16.49 -37.74 -11.79
CA PHE B 178 15.19 -37.61 -12.45
C PHE B 178 14.26 -36.73 -11.64
N PRO B 179 13.32 -36.06 -12.31
CA PRO B 179 12.27 -35.34 -11.59
C PRO B 179 11.52 -36.30 -10.66
N ALA B 180 11.13 -35.80 -9.50
CA ALA B 180 10.32 -36.59 -8.60
C ALA B 180 8.97 -36.88 -9.22
N VAL B 181 8.46 -38.09 -9.03
CA VAL B 181 7.11 -38.45 -9.45
C VAL B 181 6.29 -38.64 -8.18
N LEU B 182 5.09 -38.11 -8.19
CA LEU B 182 4.21 -38.24 -7.04
C LEU B 182 3.55 -39.62 -7.06
N GLN B 183 3.80 -40.43 -6.03
CA GLN B 183 3.21 -41.74 -5.91
C GLN B 183 1.78 -41.64 -5.39
N SER B 184 1.05 -42.75 -5.49
CA SER B 184 -0.32 -42.77 -4.98
C SER B 184 -0.40 -42.50 -3.47
N SER B 185 0.69 -42.66 -2.74
CA SER B 185 0.71 -42.40 -1.31
C SER B 185 0.74 -40.91 -0.97
N GLY B 186 0.82 -40.04 -1.94
CA GLY B 186 1.07 -38.66 -1.59
C GLY B 186 2.53 -38.32 -1.36
N LEU B 187 3.42 -39.29 -1.49
CA LEU B 187 4.86 -39.11 -1.31
C LEU B 187 5.59 -39.13 -2.65
N TYR B 188 6.68 -38.37 -2.71
CA TYR B 188 7.52 -38.31 -3.90
C TYR B 188 8.57 -39.40 -3.86
N SER B 189 9.11 -39.71 -5.04
CA SER B 189 10.18 -40.67 -5.18
C SER B 189 10.95 -40.34 -6.45
N LEU B 190 12.27 -40.48 -6.41
CA LEU B 190 13.08 -40.26 -7.60
C LEU B 190 14.35 -41.08 -7.52
N SER B 191 15.04 -41.14 -8.64
CA SER B 191 16.32 -41.82 -8.73
C SER B 191 17.36 -40.88 -9.30
N SER B 192 18.58 -41.05 -8.82
CA SER B 192 19.75 -40.39 -9.38
C SER B 192 20.69 -41.50 -9.83
N VAL B 193 21.10 -41.46 -11.11
CA VAL B 193 21.96 -42.47 -11.69
C VAL B 193 23.18 -41.79 -12.27
N VAL B 194 24.23 -42.58 -12.47
CA VAL B 194 25.45 -42.08 -13.07
C VAL B 194 26.14 -43.25 -13.77
N THR B 195 26.74 -42.97 -14.91
CA THR B 195 27.50 -43.99 -15.63
C THR B 195 28.97 -43.75 -15.35
N VAL B 196 29.69 -44.85 -15.16
CA VAL B 196 31.12 -44.81 -14.82
C VAL B 196 31.83 -45.91 -15.60
N PRO B 197 33.15 -45.78 -15.78
CA PRO B 197 33.93 -46.88 -16.35
C PRO B 197 33.81 -48.15 -15.51
N SER B 198 33.59 -49.29 -16.19
CA SER B 198 33.46 -50.55 -15.48
C SER B 198 34.75 -50.94 -14.75
N SER B 199 35.91 -50.52 -15.28
CA SER B 199 37.19 -50.86 -14.67
C SER B 199 37.38 -50.20 -13.31
N SER B 200 36.55 -49.22 -12.96
CA SER B 200 36.69 -48.52 -11.69
C SER B 200 35.77 -49.06 -10.61
N LEU B 201 34.88 -50.01 -10.93
CA LEU B 201 33.84 -50.40 -9.98
C LEU B 201 34.43 -50.87 -8.66
N GLY B 202 35.41 -51.76 -8.71
CA GLY B 202 35.86 -52.34 -7.46
C GLY B 202 36.72 -51.42 -6.61
N THR B 203 37.25 -50.34 -7.19
CA THR B 203 38.25 -49.54 -6.52
C THR B 203 37.82 -48.12 -6.28
N GLN B 204 36.89 -47.60 -7.06
CA GLN B 204 36.36 -46.27 -6.81
C GLN B 204 35.08 -46.42 -6.01
N THR B 205 35.03 -45.73 -4.87
CA THR B 205 33.86 -45.74 -4.02
C THR B 205 32.82 -44.79 -4.58
N TYR B 206 31.56 -45.21 -4.56
CA TYR B 206 30.47 -44.35 -5.02
C TYR B 206 29.46 -44.15 -3.89
N ILE B 207 29.25 -42.89 -3.53
CA ILE B 207 28.32 -42.51 -2.48
C ILE B 207 27.45 -41.39 -2.99
N CYS B 208 26.13 -41.53 -2.83
CA CYS B 208 25.20 -40.45 -3.13
C CYS B 208 24.85 -39.72 -1.84
N ASN B 209 24.86 -38.40 -1.91
CA ASN B 209 24.60 -37.51 -0.78
C ASN B 209 23.21 -36.92 -1.00
N VAL B 210 22.22 -37.43 -0.27
CA VAL B 210 20.84 -37.01 -0.41
C VAL B 210 20.51 -36.01 0.70
N ASN B 211 19.90 -34.90 0.32
CA ASN B 211 19.59 -33.83 1.26
C ASN B 211 18.12 -33.47 1.08
N HIS B 212 17.35 -33.59 2.15
CA HIS B 212 15.94 -33.19 2.19
C HIS B 212 15.81 -32.12 3.27
N LYS B 213 16.03 -30.85 2.91
CA LYS B 213 16.02 -29.82 3.95
C LYS B 213 14.72 -29.74 4.76
N PRO B 214 13.52 -29.93 4.20
CA PRO B 214 12.31 -29.82 5.04
C PRO B 214 12.33 -30.68 6.28
N SER B 215 13.12 -31.77 6.30
CA SER B 215 13.11 -32.70 7.43
C SER B 215 14.45 -32.84 8.14
N ASN B 216 15.46 -32.03 7.82
CA ASN B 216 16.82 -32.20 8.36
C ASN B 216 17.37 -33.59 8.11
N THR B 217 17.02 -34.19 6.98
CA THR B 217 17.51 -35.49 6.59
C THR B 217 18.68 -35.32 5.63
N LYS B 218 19.86 -35.81 6.05
CA LYS B 218 21.04 -35.92 5.21
C LYS B 218 21.54 -37.35 5.31
N VAL B 219 21.51 -38.08 4.21
CA VAL B 219 21.90 -39.49 4.23
C VAL B 219 22.96 -39.68 3.17
N ASP B 220 24.04 -40.37 3.53
CA ASP B 220 25.02 -40.83 2.57
C ASP B 220 24.84 -42.33 2.38
N LYS B 221 24.66 -42.75 1.13
CA LYS B 221 24.48 -44.16 0.82
C LYS B 221 25.59 -44.67 -0.09
N LYS B 222 26.33 -45.66 0.39
CA LYS B 222 27.37 -46.32 -0.39
C LYS B 222 26.70 -47.25 -1.39
N VAL B 223 27.12 -47.21 -2.64
CA VAL B 223 26.54 -48.03 -3.70
C VAL B 223 27.62 -48.98 -4.19
N GLU B 224 27.46 -50.27 -3.87
CA GLU B 224 28.50 -51.24 -4.21
C GLU B 224 27.98 -52.31 -5.14
N PRO B 225 28.85 -52.89 -5.98
CA PRO B 225 28.43 -54.01 -6.83
C PRO B 225 28.01 -55.20 -5.98
N LYS B 226 27.01 -55.93 -6.45
CA LYS B 226 26.43 -56.99 -5.62
C LYS B 226 26.98 -58.39 -5.93
N ASP C 1 32.34 16.11 -21.38
CA ASP C 1 31.12 16.84 -21.04
C ASP C 1 30.55 16.32 -19.74
N ILE C 2 29.78 17.19 -19.08
CA ILE C 2 29.08 16.82 -17.86
C ILE C 2 27.83 16.03 -18.25
N VAL C 3 27.63 14.89 -17.58
CA VAL C 3 26.51 13.99 -17.85
C VAL C 3 25.47 14.18 -16.76
N MET C 4 24.22 14.42 -17.16
CA MET C 4 23.10 14.54 -16.22
C MET C 4 22.28 13.25 -16.21
N THR C 5 22.08 12.69 -15.02
CA THR C 5 21.39 11.43 -14.85
C THR C 5 20.20 11.61 -13.92
N GLN C 6 19.01 11.39 -14.44
CA GLN C 6 17.79 11.51 -13.65
C GLN C 6 17.29 10.15 -13.24
N SER C 7 16.62 10.11 -12.10
CA SER C 7 15.95 8.94 -11.60
C SER C 7 14.69 9.43 -10.90
N PRO C 8 13.56 8.77 -11.13
CA PRO C 8 13.44 7.64 -12.05
C PRO C 8 13.08 8.13 -13.46
N ASP C 9 12.92 7.20 -14.41
CA ASP C 9 12.53 7.58 -15.77
C ASP C 9 11.09 8.06 -15.80
N SER C 10 10.28 7.58 -14.87
CA SER C 10 8.88 7.91 -14.77
C SER C 10 8.42 7.55 -13.38
N LEU C 11 7.39 8.24 -12.90
CA LEU C 11 6.80 7.89 -11.61
C LEU C 11 5.37 8.38 -11.62
N ALA C 12 4.55 7.71 -10.82
CA ALA C 12 3.14 8.05 -10.66
C ALA C 12 2.90 8.52 -9.25
N VAL C 13 2.22 9.66 -9.11
CA VAL C 13 1.96 10.26 -7.80
C VAL C 13 0.49 10.70 -7.78
N SER C 14 -0.17 10.47 -6.65
CA SER C 14 -1.57 10.80 -6.50
C SER C 14 -1.76 12.31 -6.32
N LEU C 15 -2.97 12.77 -6.63
CA LEU C 15 -3.32 14.18 -6.45
C LEU C 15 -3.19 14.57 -4.99
N GLY C 16 -2.64 15.77 -4.75
CA GLY C 16 -2.43 16.27 -3.41
C GLY C 16 -1.21 15.74 -2.70
N GLU C 17 -0.52 14.76 -3.30
CA GLU C 17 0.65 14.12 -2.70
C GLU C 17 1.93 14.80 -3.15
N ARG C 18 3.07 14.26 -2.72
CA ARG C 18 4.38 14.83 -2.96
C ARG C 18 5.10 14.03 -4.03
N ALA C 19 5.65 14.72 -5.02
CA ALA C 19 6.48 14.10 -6.06
C ALA C 19 7.91 14.59 -5.91
N THR C 20 8.86 13.66 -6.04
CA THR C 20 10.28 13.97 -5.92
C THR C 20 11.01 13.43 -7.13
N ILE C 21 11.80 14.28 -7.79
CA ILE C 21 12.56 13.92 -8.99
C ILE C 21 14.03 14.24 -8.75
N ASN C 22 14.90 13.27 -9.04
CA ASN C 22 16.32 13.37 -8.79
C ASN C 22 17.07 13.56 -10.09
N CYS C 23 18.19 14.25 -10.00
CA CYS C 23 19.10 14.41 -11.12
C CYS C 23 20.51 14.44 -10.55
N LYS C 24 21.41 13.68 -11.15
CA LYS C 24 22.79 13.64 -10.71
C LYS C 24 23.67 14.14 -11.85
N SER C 25 24.68 14.93 -11.52
CA SER C 25 25.64 15.41 -12.50
C SER C 25 26.99 14.73 -12.30
N SER C 26 27.69 14.47 -13.40
CA SER C 26 28.97 13.77 -13.37
C SER C 26 30.10 14.61 -12.80
N GLN C 27 29.89 15.90 -12.56
CA GLN C 27 30.84 16.66 -11.75
C GLN C 27 30.07 17.77 -11.07
N SER C 28 30.69 18.37 -10.06
CA SER C 28 30.02 19.43 -9.32
C SER C 28 29.81 20.63 -10.24
N VAL C 29 28.58 21.14 -10.25
CA VAL C 29 28.23 22.34 -11.01
C VAL C 29 28.11 23.50 -10.04
N PHE C 30 28.83 23.42 -8.93
CA PHE C 30 28.90 24.50 -7.96
C PHE C 30 30.18 25.28 -8.22
N PHE C 31 30.07 26.60 -8.23
CA PHE C 31 31.22 27.48 -8.42
C PHE C 31 31.63 28.03 -7.06
N SER C 32 32.86 27.74 -6.66
CA SER C 32 33.27 28.14 -5.32
C SER C 32 33.44 29.65 -5.23
N SER C 33 33.78 30.29 -6.35
CA SER C 33 34.14 31.71 -6.33
C SER C 33 32.94 32.60 -6.02
N ASN C 34 31.74 32.27 -6.53
CA ASN C 34 30.59 33.15 -6.33
C ASN C 34 29.43 32.50 -5.59
N ASN C 35 29.59 31.29 -5.04
CA ASN C 35 28.51 30.63 -4.31
C ASN C 35 27.26 30.51 -5.17
N ARG C 36 27.45 30.03 -6.41
CA ARG C 36 26.34 29.89 -7.35
C ARG C 36 26.38 28.48 -7.93
N THR C 37 25.24 27.80 -7.96
CA THR C 37 25.13 26.46 -8.53
C THR C 37 24.46 26.53 -9.90
N TYR C 38 25.14 26.01 -10.92
CA TYR C 38 24.72 26.24 -12.31
C TYR C 38 23.83 25.09 -12.79
N PHE C 39 22.62 25.06 -12.22
CA PHE C 39 21.69 23.95 -12.38
C PHE C 39 20.28 24.50 -12.56
N ALA C 40 19.47 23.84 -13.38
CA ALA C 40 18.12 24.33 -13.60
C ALA C 40 17.15 23.18 -13.83
N TRP C 41 15.89 23.42 -13.49
CA TRP C 41 14.81 22.47 -13.69
C TRP C 41 13.81 23.04 -14.68
N TYR C 42 13.33 22.17 -15.59
CA TYR C 42 12.33 22.53 -16.58
C TYR C 42 11.11 21.65 -16.42
N GLN C 43 9.96 22.20 -16.82
CA GLN C 43 8.72 21.46 -16.93
C GLN C 43 8.30 21.45 -18.38
N GLN C 44 7.96 20.28 -18.90
CA GLN C 44 7.48 20.17 -20.27
C GLN C 44 6.12 19.48 -20.27
N LYS C 45 5.08 20.28 -20.44
CA LYS C 45 3.75 19.74 -20.48
C LYS C 45 3.50 19.14 -21.85
N PRO C 46 2.53 18.23 -21.97
CA PRO C 46 2.30 17.58 -23.27
C PRO C 46 2.06 18.62 -24.37
N GLY C 47 2.76 18.45 -25.49
CA GLY C 47 2.64 19.30 -26.66
C GLY C 47 3.31 20.66 -26.56
N GLN C 48 3.94 20.97 -25.45
CA GLN C 48 4.51 22.28 -25.20
C GLN C 48 6.01 22.18 -25.10
N PRO C 49 6.72 23.28 -25.33
CA PRO C 49 8.16 23.28 -25.12
C PRO C 49 8.48 23.26 -23.64
N PRO C 50 9.73 22.98 -23.26
CA PRO C 50 10.11 23.12 -21.86
C PRO C 50 9.94 24.55 -21.38
N LYS C 51 9.57 24.70 -20.10
CA LYS C 51 9.52 25.98 -19.43
C LYS C 51 10.36 25.88 -18.16
N VAL C 52 11.18 26.89 -17.91
CA VAL C 52 12.07 26.83 -16.75
C VAL C 52 11.25 26.96 -15.47
N LEU C 53 11.51 26.07 -14.50
CA LEU C 53 10.88 26.13 -13.19
C LEU C 53 11.80 26.71 -12.13
N ILE C 54 13.01 26.17 -12.04
CA ILE C 54 13.97 26.49 -10.99
C ILE C 54 15.27 26.84 -11.69
N SER C 55 15.84 27.97 -11.35
CA SER C 55 17.17 28.33 -11.79
C SER C 55 18.09 28.35 -10.58
N TRP C 56 19.39 28.28 -10.84
CA TRP C 56 20.40 28.33 -9.78
C TRP C 56 20.13 27.27 -8.72
N ALA C 57 19.78 26.06 -9.17
CA ALA C 57 19.50 24.90 -8.33
C ALA C 57 18.25 25.05 -7.46
N SER C 58 18.04 26.24 -6.88
CA SER C 58 17.01 26.42 -5.85
C SER C 58 16.16 27.66 -5.99
N THR C 59 16.46 28.54 -6.93
CA THR C 59 15.69 29.77 -7.08
C THR C 59 14.46 29.48 -7.93
N ARG C 60 13.29 29.69 -7.34
CA ARG C 60 12.05 29.49 -8.07
C ARG C 60 11.84 30.65 -9.05
N GLU C 61 11.60 30.31 -10.31
CA GLU C 61 11.39 31.31 -11.34
C GLU C 61 10.04 31.98 -11.17
N SER C 62 9.97 33.25 -11.56
CA SER C 62 8.75 34.04 -11.42
C SER C 62 7.60 33.36 -12.15
N GLY C 63 6.43 33.37 -11.51
CA GLY C 63 5.25 32.75 -12.05
C GLY C 63 5.10 31.29 -11.71
N VAL C 64 6.17 30.64 -11.27
CA VAL C 64 6.11 29.23 -10.90
C VAL C 64 5.44 29.12 -9.52
N PRO C 65 4.43 28.25 -9.37
CA PRO C 65 3.78 28.08 -8.07
C PRO C 65 4.75 27.66 -6.98
N ASP C 66 4.48 28.12 -5.75
CA ASP C 66 5.42 27.92 -4.66
C ASP C 66 5.47 26.48 -4.16
N ARG C 67 4.59 25.61 -4.66
CA ARG C 67 4.67 24.18 -4.33
C ARG C 67 5.81 23.49 -5.08
N PHE C 68 6.45 24.16 -6.04
CA PHE C 68 7.69 23.68 -6.63
C PHE C 68 8.87 24.23 -5.83
N SER C 69 9.79 23.35 -5.46
CA SER C 69 11.03 23.77 -4.83
C SER C 69 12.15 22.84 -5.30
N GLY C 70 13.32 23.42 -5.52
CA GLY C 70 14.52 22.67 -5.88
C GLY C 70 15.50 22.70 -4.71
N SER C 71 16.19 21.58 -4.49
CA SER C 71 17.15 21.45 -3.41
C SER C 71 18.38 20.71 -3.91
N GLY C 72 19.44 20.77 -3.11
CA GLY C 72 20.69 20.16 -3.47
C GLY C 72 21.71 21.18 -3.97
N SER C 73 22.94 20.71 -4.09
CA SER C 73 24.04 21.53 -4.56
C SER C 73 25.15 20.60 -4.99
N GLY C 74 26.01 21.08 -5.88
CA GLY C 74 27.11 20.25 -6.31
C GLY C 74 26.73 19.21 -7.33
N THR C 75 26.44 17.98 -6.86
CA THR C 75 26.17 16.89 -7.77
C THR C 75 24.80 16.25 -7.62
N ASP C 76 24.08 16.47 -6.52
CA ASP C 76 22.83 15.77 -6.25
C ASP C 76 21.71 16.78 -6.05
N PHE C 77 20.69 16.70 -6.91
CA PHE C 77 19.63 17.70 -6.95
C PHE C 77 18.27 17.03 -7.01
N THR C 78 17.27 17.71 -6.45
CA THR C 78 15.93 17.15 -6.35
C THR C 78 14.92 18.23 -6.65
N LEU C 79 13.94 17.90 -7.50
CA LEU C 79 12.78 18.73 -7.70
C LEU C 79 11.65 18.14 -6.88
N THR C 80 11.05 18.96 -6.02
CA THR C 80 9.97 18.52 -5.16
C THR C 80 8.72 19.30 -5.51
N ILE C 81 7.64 18.57 -5.79
CA ILE C 81 6.34 19.14 -6.09
C ILE C 81 5.43 18.69 -4.96
N ASN C 82 5.11 19.60 -4.05
CA ASN C 82 4.16 19.34 -2.97
C ASN C 82 2.73 19.57 -3.46
N SER C 83 1.78 18.96 -2.75
CA SER C 83 0.35 19.13 -3.05
C SER C 83 0.10 19.07 -4.55
N LEU C 84 0.32 17.89 -5.14
CA LEU C 84 0.27 17.72 -6.58
C LEU C 84 -1.07 18.17 -7.15
N GLN C 85 -1.01 18.87 -8.27
CA GLN C 85 -2.20 19.32 -8.98
C GLN C 85 -2.25 18.65 -10.34
N ALA C 86 -3.44 18.63 -10.94
CA ALA C 86 -3.66 17.89 -12.18
C ALA C 86 -2.82 18.43 -13.33
N GLU C 87 -2.59 19.74 -13.38
CA GLU C 87 -1.85 20.35 -14.47
C GLU C 87 -0.35 20.11 -14.39
N ASP C 88 0.11 19.45 -13.33
CA ASP C 88 1.52 19.14 -13.16
C ASP C 88 1.99 17.95 -13.97
N VAL C 89 1.08 17.25 -14.66
CA VAL C 89 1.48 16.16 -15.54
C VAL C 89 2.41 16.74 -16.60
N ALA C 90 3.60 16.17 -16.69
CA ALA C 90 4.63 16.73 -17.55
C ALA C 90 5.84 15.81 -17.46
N VAL C 91 6.82 16.08 -18.34
CA VAL C 91 8.15 15.52 -18.22
C VAL C 91 9.03 16.62 -17.66
N TYR C 92 9.84 16.29 -16.66
CA TYR C 92 10.70 17.26 -15.99
C TYR C 92 12.15 16.96 -16.34
N PHE C 93 12.86 17.98 -16.82
CA PHE C 93 14.24 17.87 -17.24
C PHE C 93 15.09 18.72 -16.33
N CYS C 94 16.27 18.22 -16.01
CA CYS C 94 17.32 19.01 -15.39
C CYS C 94 18.34 19.38 -16.46
N GLN C 95 19.11 20.42 -16.16
CA GLN C 95 20.13 20.89 -17.07
C GLN C 95 21.25 21.53 -16.26
N GLN C 96 22.48 21.30 -16.68
CA GLN C 96 23.61 22.04 -16.14
C GLN C 96 24.01 23.10 -17.14
N TYR C 97 24.42 24.27 -16.64
CA TYR C 97 25.03 25.28 -17.48
C TYR C 97 26.35 25.72 -16.88
N TYR C 98 27.04 24.78 -16.24
CA TYR C 98 28.34 25.05 -15.65
C TYR C 98 29.41 25.14 -16.73
N SER C 99 29.37 24.26 -17.74
CA SER C 99 30.36 24.31 -18.80
C SER C 99 29.73 23.84 -20.10
N SER C 100 30.25 24.39 -21.20
CA SER C 100 29.84 24.01 -22.54
C SER C 100 30.44 22.66 -22.90
N PRO C 101 29.67 21.79 -23.59
CA PRO C 101 28.28 22.05 -23.95
C PRO C 101 27.32 21.82 -22.78
N ILE C 102 26.31 22.67 -22.67
CA ILE C 102 25.28 22.44 -21.67
C ILE C 102 24.58 21.12 -21.98
N THR C 103 24.16 20.43 -20.93
CA THR C 103 23.58 19.11 -21.10
C THR C 103 22.32 18.95 -20.27
N PHE C 104 21.43 18.08 -20.73
CA PHE C 104 20.17 17.84 -20.05
C PHE C 104 20.12 16.40 -19.55
N GLY C 105 19.39 16.19 -18.47
CA GLY C 105 19.03 14.84 -18.12
C GLY C 105 18.07 14.27 -19.14
N GLN C 106 17.91 12.96 -19.09
CA GLN C 106 17.04 12.29 -20.05
C GLN C 106 15.56 12.56 -19.79
N GLY C 107 15.20 13.13 -18.65
CA GLY C 107 13.85 13.48 -18.30
C GLY C 107 13.16 12.46 -17.40
N THR C 108 12.31 12.96 -16.52
CA THR C 108 11.45 12.14 -15.68
C THR C 108 10.00 12.49 -16.01
N ARG C 109 9.24 11.49 -16.44
CA ARG C 109 7.84 11.68 -16.83
C ARG C 109 6.94 11.51 -15.62
N LEU C 110 6.19 12.55 -15.30
CA LEU C 110 5.28 12.56 -14.16
C LEU C 110 3.86 12.22 -14.62
N GLU C 111 3.35 11.09 -14.19
CA GLU C 111 1.96 10.73 -14.45
C GLU C 111 1.18 10.84 -13.15
N ILE C 112 -0.07 11.30 -13.26
CA ILE C 112 -0.94 11.57 -12.10
C ILE C 112 -1.77 10.33 -11.78
N LYS C 113 -1.76 9.92 -10.51
CA LYS C 113 -2.72 8.93 -10.01
C LYS C 113 -3.98 9.67 -9.57
N ARG C 114 -5.14 9.21 -10.04
CA ARG C 114 -6.42 9.82 -9.67
C ARG C 114 -7.45 8.72 -9.44
N THR C 115 -8.66 9.16 -9.18
CA THR C 115 -9.79 8.27 -8.96
C THR C 115 -10.15 7.52 -10.23
N VAL C 116 -10.70 6.31 -10.06
CA VAL C 116 -11.11 5.50 -11.20
C VAL C 116 -12.26 6.19 -11.92
N ALA C 117 -12.19 6.22 -13.25
CA ALA C 117 -13.22 6.82 -14.09
C ALA C 117 -13.53 5.86 -15.24
N ALA C 118 -14.79 5.51 -15.39
CA ALA C 118 -15.18 4.57 -16.43
C ALA C 118 -15.17 5.25 -17.81
N PRO C 119 -14.82 4.51 -18.87
CA PRO C 119 -14.81 5.08 -20.22
C PRO C 119 -16.20 5.18 -20.82
N SER C 120 -16.41 6.24 -21.60
CA SER C 120 -17.51 6.33 -22.55
C SER C 120 -17.06 5.72 -23.86
N VAL C 121 -17.85 4.82 -24.43
CA VAL C 121 -17.43 4.02 -25.58
C VAL C 121 -18.30 4.37 -26.79
N PHE C 122 -17.65 4.58 -27.94
CA PHE C 122 -18.29 4.89 -29.20
C PHE C 122 -17.62 4.06 -30.29
N ILE C 123 -18.41 3.67 -31.29
CA ILE C 123 -17.93 2.92 -32.45
C ILE C 123 -18.36 3.67 -33.70
N PHE C 124 -17.47 3.73 -34.69
CA PHE C 124 -17.72 4.47 -35.92
C PHE C 124 -17.51 3.54 -37.12
N PRO C 125 -18.49 3.44 -38.01
CA PRO C 125 -18.31 2.62 -39.21
C PRO C 125 -17.33 3.27 -40.15
N PRO C 126 -16.87 2.53 -41.16
CA PRO C 126 -16.09 3.16 -42.23
C PRO C 126 -16.96 4.07 -43.08
N SER C 127 -16.37 5.15 -43.56
CA SER C 127 -17.11 6.04 -44.45
C SER C 127 -17.33 5.35 -45.79
N ASP C 128 -18.42 5.75 -46.48
CA ASP C 128 -18.59 5.28 -47.83
C ASP C 128 -17.45 5.74 -48.72
N GLU C 129 -16.93 6.95 -48.45
CA GLU C 129 -15.83 7.48 -49.25
C GLU C 129 -14.61 6.58 -49.15
N GLN C 130 -14.29 6.09 -47.94
CA GLN C 130 -13.12 5.23 -47.79
C GLN C 130 -13.32 3.86 -48.43
N LEU C 131 -14.56 3.36 -48.44
CA LEU C 131 -14.81 2.05 -49.00
C LEU C 131 -14.51 1.98 -50.49
N LYS C 132 -14.69 3.09 -51.23
CA LYS C 132 -14.43 3.06 -52.66
C LYS C 132 -12.94 2.89 -52.97
N SER C 133 -12.07 2.95 -51.97
CA SER C 133 -10.65 2.81 -52.20
C SER C 133 -10.12 1.42 -51.85
N GLY C 134 -10.96 0.53 -51.32
CA GLY C 134 -10.58 -0.85 -51.07
C GLY C 134 -10.26 -1.21 -49.64
N THR C 135 -10.30 -0.26 -48.70
CA THR C 135 -9.99 -0.51 -47.30
C THR C 135 -11.11 0.03 -46.42
N ALA C 136 -11.35 -0.65 -45.31
CA ALA C 136 -12.37 -0.28 -44.33
C ALA C 136 -11.71 -0.10 -42.98
N SER C 137 -11.87 1.08 -42.39
CA SER C 137 -11.40 1.34 -41.04
C SER C 137 -12.61 1.54 -40.14
N VAL C 138 -12.73 0.69 -39.13
CA VAL C 138 -13.72 0.82 -38.07
C VAL C 138 -13.02 1.32 -36.81
N VAL C 139 -13.59 2.33 -36.17
CA VAL C 139 -12.93 3.01 -35.06
C VAL C 139 -13.76 2.82 -33.80
N CYS C 140 -13.09 2.47 -32.71
CA CYS C 140 -13.70 2.39 -31.40
C CYS C 140 -13.02 3.42 -30.51
N LEU C 141 -13.83 4.24 -29.84
CA LEU C 141 -13.35 5.32 -29.01
C LEU C 141 -13.66 5.03 -27.56
N LEU C 142 -12.65 5.14 -26.71
CA LEU C 142 -12.81 5.09 -25.26
C LEU C 142 -12.45 6.48 -24.74
N ASN C 143 -13.43 7.18 -24.19
CA ASN C 143 -13.27 8.59 -23.88
C ASN C 143 -13.21 8.83 -22.38
N ASN C 144 -12.15 9.50 -21.93
CA ASN C 144 -12.03 10.10 -20.59
C ASN C 144 -12.17 9.05 -19.49
N PHE C 145 -11.16 8.19 -19.39
CA PHE C 145 -11.19 7.11 -18.42
C PHE C 145 -9.89 7.06 -17.65
N TYR C 146 -9.93 6.35 -16.51
CA TYR C 146 -8.73 6.15 -15.72
C TYR C 146 -8.89 4.90 -14.88
N PRO C 147 -7.86 4.07 -14.77
CA PRO C 147 -6.55 4.24 -15.40
C PRO C 147 -6.54 3.88 -16.89
N ARG C 148 -5.38 3.97 -17.54
CA ARG C 148 -5.29 3.67 -18.97
C ARG C 148 -5.52 2.20 -19.26
N GLU C 149 -5.19 1.32 -18.32
CA GLU C 149 -5.30 -0.11 -18.58
C GLU C 149 -6.73 -0.47 -18.94
N ALA C 150 -6.90 -1.07 -20.11
CA ALA C 150 -8.21 -1.46 -20.61
C ALA C 150 -8.00 -2.53 -21.65
N LYS C 151 -9.01 -3.37 -21.82
CA LYS C 151 -8.97 -4.42 -22.84
C LYS C 151 -10.04 -4.12 -23.87
N VAL C 152 -9.61 -3.90 -25.11
CA VAL C 152 -10.51 -3.67 -26.24
C VAL C 152 -10.50 -4.91 -27.09
N GLN C 153 -11.67 -5.47 -27.35
CA GLN C 153 -11.82 -6.71 -28.08
C GLN C 153 -12.77 -6.45 -29.24
N TRP C 154 -12.28 -6.65 -30.46
CA TRP C 154 -13.08 -6.52 -31.68
C TRP C 154 -13.71 -7.87 -32.02
N LYS C 155 -15.01 -7.85 -32.31
CA LYS C 155 -15.71 -9.06 -32.73
C LYS C 155 -16.47 -8.77 -34.00
N VAL C 156 -16.32 -9.67 -34.98
CA VAL C 156 -16.97 -9.54 -36.28
C VAL C 156 -17.83 -10.78 -36.47
N ASP C 157 -19.15 -10.60 -36.48
CA ASP C 157 -20.08 -11.72 -36.48
C ASP C 157 -19.74 -12.69 -35.36
N ASN C 158 -19.41 -12.14 -34.19
CA ASN C 158 -19.06 -12.86 -32.98
C ASN C 158 -17.72 -13.60 -33.11
N ALA C 159 -16.97 -13.36 -34.18
CA ALA C 159 -15.62 -13.91 -34.32
C ALA C 159 -14.61 -12.93 -33.76
N LEU C 160 -13.81 -13.39 -32.82
CA LEU C 160 -12.78 -12.55 -32.24
C LEU C 160 -11.69 -12.25 -33.27
N GLN C 161 -11.28 -10.99 -33.35
CA GLN C 161 -10.26 -10.51 -34.26
C GLN C 161 -8.91 -10.44 -33.57
N SER C 162 -7.85 -10.61 -34.36
CA SER C 162 -6.50 -10.45 -33.83
C SER C 162 -5.59 -10.02 -34.97
N GLY C 163 -4.63 -9.15 -34.65
CA GLY C 163 -3.62 -8.76 -35.61
C GLY C 163 -4.01 -7.67 -36.60
N ASN C 164 -5.26 -7.23 -36.60
CA ASN C 164 -5.72 -6.23 -37.56
C ASN C 164 -6.22 -4.96 -36.88
N SER C 165 -5.78 -4.71 -35.65
CA SER C 165 -6.15 -3.51 -34.94
C SER C 165 -4.91 -2.88 -34.33
N GLN C 166 -4.97 -1.56 -34.15
CA GLN C 166 -3.92 -0.81 -33.49
C GLN C 166 -4.58 0.18 -32.53
N GLU C 167 -3.86 0.51 -31.46
CA GLU C 167 -4.38 1.37 -30.41
C GLU C 167 -3.54 2.63 -30.36
N SER C 168 -4.18 3.74 -30.00
CA SER C 168 -3.49 4.99 -29.74
C SER C 168 -4.08 5.62 -28.49
N VAL C 169 -3.24 6.22 -27.67
CA VAL C 169 -3.66 6.80 -26.41
C VAL C 169 -3.22 8.26 -26.35
N THR C 170 -4.10 9.13 -25.88
CA THR C 170 -3.74 10.52 -25.70
C THR C 170 -2.85 10.71 -24.48
N GLU C 171 -2.13 11.81 -24.45
CA GLU C 171 -1.48 12.19 -23.21
C GLU C 171 -2.52 12.40 -22.12
N GLN C 172 -2.10 12.21 -20.89
CA GLN C 172 -3.00 12.39 -19.75
C GLN C 172 -3.49 13.83 -19.71
N ASP C 173 -4.77 14.00 -19.42
CA ASP C 173 -5.38 15.32 -19.46
C ASP C 173 -4.88 16.21 -18.33
N SER C 174 -4.61 17.48 -18.66
CA SER C 174 -4.04 18.43 -17.71
C SER C 174 -5.07 18.97 -16.73
N LYS C 175 -6.35 18.69 -16.94
CA LYS C 175 -7.40 19.19 -16.07
C LYS C 175 -8.08 18.10 -15.26
N ASP C 176 -8.52 17.01 -15.91
CA ASP C 176 -9.19 15.94 -15.19
C ASP C 176 -8.36 14.67 -15.10
N SER C 177 -7.14 14.65 -15.63
CA SER C 177 -6.18 13.54 -15.45
C SER C 177 -6.66 12.23 -16.05
N THR C 178 -7.55 12.28 -17.04
CA THR C 178 -8.03 11.07 -17.69
C THR C 178 -7.25 10.81 -18.97
N TYR C 179 -7.48 9.63 -19.54
CA TYR C 179 -6.97 9.26 -20.84
C TYR C 179 -8.11 9.03 -21.80
N SER C 180 -7.81 9.15 -23.09
CA SER C 180 -8.70 8.69 -24.13
C SER C 180 -7.93 7.80 -25.09
N LEU C 181 -8.64 6.83 -25.67
CA LEU C 181 -8.01 5.78 -26.47
C LEU C 181 -8.85 5.49 -27.69
N SER C 182 -8.18 5.28 -28.82
CA SER C 182 -8.81 4.83 -30.05
C SER C 182 -8.25 3.47 -30.40
N SER C 183 -9.14 2.56 -30.80
CA SER C 183 -8.79 1.29 -31.39
C SER C 183 -9.31 1.26 -32.82
N THR C 184 -8.43 1.02 -33.79
CA THR C 184 -8.82 1.06 -35.20
C THR C 184 -8.65 -0.32 -35.81
N LEU C 185 -9.76 -0.88 -36.28
CA LEU C 185 -9.81 -2.17 -36.97
C LEU C 185 -9.77 -1.92 -38.48
N THR C 186 -8.78 -2.48 -39.15
CA THR C 186 -8.60 -2.26 -40.59
C THR C 186 -8.80 -3.57 -41.32
N LEU C 187 -9.79 -3.60 -42.22
CA LEU C 187 -10.09 -4.74 -43.06
C LEU C 187 -10.12 -4.28 -44.50
N SER C 188 -9.89 -5.22 -45.41
CA SER C 188 -10.11 -4.96 -46.82
C SER C 188 -11.59 -4.73 -47.10
N LYS C 189 -11.87 -4.00 -48.18
CA LYS C 189 -13.26 -3.82 -48.57
C LYS C 189 -13.95 -5.17 -48.77
N ALA C 190 -13.24 -6.11 -49.40
CA ALA C 190 -13.83 -7.42 -49.67
C ALA C 190 -14.28 -8.10 -48.38
N ASP C 191 -13.42 -8.08 -47.35
CA ASP C 191 -13.76 -8.71 -46.08
C ASP C 191 -14.87 -7.93 -45.38
N TYR C 192 -14.83 -6.59 -45.44
CA TYR C 192 -15.79 -5.79 -44.68
C TYR C 192 -17.22 -6.06 -45.12
N GLU C 193 -17.47 -6.14 -46.41
CA GLU C 193 -18.83 -6.34 -46.89
C GLU C 193 -19.31 -7.78 -46.78
N LYS C 194 -18.41 -8.70 -46.40
CA LYS C 194 -18.75 -10.10 -46.22
C LYS C 194 -19.43 -10.39 -44.89
N HIS C 195 -19.39 -9.47 -43.93
CA HIS C 195 -19.91 -9.71 -42.59
C HIS C 195 -20.85 -8.58 -42.21
N LYS C 196 -21.60 -8.79 -41.13
CA LYS C 196 -22.68 -7.88 -40.76
C LYS C 196 -22.45 -7.17 -39.43
N VAL C 197 -22.26 -7.90 -38.35
CA VAL C 197 -22.28 -7.32 -37.00
C VAL C 197 -20.86 -7.00 -36.58
N TYR C 198 -20.59 -5.72 -36.35
CA TYR C 198 -19.28 -5.26 -35.91
C TYR C 198 -19.41 -4.72 -34.51
N ALA C 199 -18.66 -5.29 -33.56
CA ALA C 199 -18.79 -4.97 -32.15
C ALA C 199 -17.44 -4.64 -31.55
N CYS C 200 -17.45 -3.70 -30.61
CA CYS C 200 -16.28 -3.31 -29.83
C CYS C 200 -16.58 -3.58 -28.36
N GLU C 201 -15.85 -4.52 -27.75
CA GLU C 201 -16.07 -4.88 -26.35
C GLU C 201 -14.96 -4.31 -25.49
N VAL C 202 -15.33 -3.52 -24.47
CA VAL C 202 -14.40 -2.81 -23.61
C VAL C 202 -14.53 -3.35 -22.19
N THR C 203 -13.39 -3.71 -21.59
CA THR C 203 -13.31 -4.11 -20.20
C THR C 203 -12.43 -3.13 -19.46
N HIS C 204 -12.91 -2.64 -18.32
CA HIS C 204 -12.18 -1.62 -17.57
C HIS C 204 -12.58 -1.70 -16.10
N GLN C 205 -11.64 -1.29 -15.24
CA GLN C 205 -11.82 -1.38 -13.79
C GLN C 205 -13.07 -0.62 -13.31
N GLY C 206 -13.43 0.47 -13.97
CA GLY C 206 -14.57 1.27 -13.59
C GLY C 206 -15.92 0.78 -14.06
N LEU C 207 -15.95 -0.31 -14.81
CA LEU C 207 -17.18 -0.92 -15.30
C LEU C 207 -17.40 -2.25 -14.60
N SER C 208 -18.58 -2.41 -14.02
CA SER C 208 -18.89 -3.66 -13.33
C SER C 208 -19.08 -4.82 -14.30
N SER C 209 -19.36 -4.54 -15.56
CA SER C 209 -19.46 -5.56 -16.60
C SER C 209 -19.01 -4.95 -17.91
N PRO C 210 -18.48 -5.74 -18.83
CA PRO C 210 -17.94 -5.18 -20.08
C PRO C 210 -19.02 -4.49 -20.90
N VAL C 211 -18.64 -3.40 -21.56
CA VAL C 211 -19.56 -2.59 -22.35
C VAL C 211 -19.29 -2.86 -23.82
N THR C 212 -20.35 -3.12 -24.58
CA THR C 212 -20.24 -3.42 -26.00
C THR C 212 -20.99 -2.38 -26.80
N LYS C 213 -20.33 -1.83 -27.81
CA LYS C 213 -20.94 -0.97 -28.80
C LYS C 213 -20.82 -1.66 -30.15
N SER C 214 -21.91 -1.68 -30.91
CA SER C 214 -21.92 -2.41 -32.16
C SER C 214 -22.82 -1.70 -33.17
N PHE C 215 -22.62 -2.06 -34.45
CA PHE C 215 -23.48 -1.61 -35.54
C PHE C 215 -23.60 -2.71 -36.59
N ASN C 216 -24.61 -2.61 -37.43
CA ASN C 216 -24.80 -3.53 -38.54
C ASN C 216 -24.42 -2.87 -39.88
N ARG C 217 -24.49 -3.66 -40.96
CA ARG C 217 -24.20 -3.23 -42.34
C ARG C 217 -22.71 -2.95 -42.55
N GLU D 1 4.16 40.08 -24.82
CA GLU D 1 5.35 39.67 -24.05
C GLU D 1 6.44 39.15 -24.99
N VAL D 2 7.42 38.43 -24.43
CA VAL D 2 8.46 37.82 -25.24
C VAL D 2 7.89 36.61 -25.96
N GLN D 3 8.04 36.58 -27.26
CA GLN D 3 7.58 35.46 -28.07
C GLN D 3 8.67 35.05 -29.05
N LEU D 4 8.73 33.76 -29.29
CA LEU D 4 9.65 33.15 -30.25
C LEU D 4 8.83 32.25 -31.16
N LEU D 5 9.02 32.37 -32.47
CA LEU D 5 8.21 31.61 -33.41
C LEU D 5 9.12 30.94 -34.43
N GLU D 6 9.21 29.63 -34.36
CA GLU D 6 10.08 28.89 -35.27
C GLU D 6 9.31 28.57 -36.53
N SER D 7 10.04 28.35 -37.61
CA SER D 7 9.44 27.95 -38.86
C SER D 7 10.49 27.30 -39.73
N GLY D 8 10.03 26.55 -40.73
CA GLY D 8 10.89 26.00 -41.77
C GLY D 8 11.07 24.51 -41.77
N GLY D 9 10.56 23.79 -40.77
CA GLY D 9 10.73 22.36 -40.71
C GLY D 9 9.95 21.65 -41.80
N GLY D 10 10.40 20.43 -42.08
CA GLY D 10 9.76 19.60 -43.08
C GLY D 10 10.59 18.35 -43.34
N LEU D 11 10.26 17.70 -44.46
CA LEU D 11 10.95 16.49 -44.90
C LEU D 11 12.18 16.85 -45.73
N VAL D 12 13.30 16.20 -45.43
CA VAL D 12 14.57 16.41 -46.14
C VAL D 12 15.17 15.04 -46.46
N GLN D 13 15.55 14.83 -47.71
CA GLN D 13 16.28 13.61 -48.04
C GLN D 13 17.65 13.64 -47.38
N PRO D 14 18.21 12.47 -47.06
CA PRO D 14 19.56 12.44 -46.47
C PRO D 14 20.59 13.16 -47.35
N GLY D 15 21.46 13.93 -46.69
CA GLY D 15 22.38 14.78 -47.39
C GLY D 15 21.82 16.11 -47.84
N GLY D 16 20.50 16.29 -47.74
CA GLY D 16 19.87 17.51 -48.20
C GLY D 16 20.00 18.65 -47.19
N SER D 17 19.41 19.79 -47.54
CA SER D 17 19.59 21.01 -46.78
C SER D 17 18.25 21.60 -46.37
N LEU D 18 18.27 22.26 -45.22
CA LEU D 18 17.10 22.90 -44.65
C LEU D 18 17.55 24.06 -43.78
N ARG D 19 16.83 25.17 -43.83
CA ARG D 19 17.10 26.33 -42.97
C ARG D 19 15.90 26.60 -42.09
N LEU D 20 16.14 26.63 -40.78
CA LEU D 20 15.13 26.99 -39.79
C LEU D 20 15.23 28.46 -39.45
N SER D 21 14.08 29.07 -39.19
CA SER D 21 14.00 30.48 -38.82
C SER D 21 13.32 30.58 -37.48
N CYS D 22 13.59 31.68 -36.79
CA CYS D 22 12.97 31.95 -35.51
C CYS D 22 12.75 33.44 -35.42
N GLY D 23 11.48 33.85 -35.45
CA GLY D 23 11.16 35.25 -35.28
C GLY D 23 11.00 35.57 -33.81
N ALA D 24 11.63 36.66 -33.39
CA ALA D 24 11.59 37.10 -32.01
C ALA D 24 10.86 38.42 -31.92
N SER D 25 10.17 38.61 -30.80
CA SER D 25 9.43 39.82 -30.50
C SER D 25 9.36 39.98 -28.99
N GLY D 26 9.14 41.21 -28.56
CA GLY D 26 8.95 41.49 -27.15
C GLY D 26 10.21 41.81 -26.36
N PHE D 27 11.36 41.91 -27.01
CA PHE D 27 12.56 42.26 -26.26
C PHE D 27 13.58 42.86 -27.21
N ILE D 28 14.54 43.60 -26.62
CA ILE D 28 15.65 44.16 -27.38
C ILE D 28 16.55 43.01 -27.82
N PHE D 29 16.36 42.59 -29.07
CA PHE D 29 16.89 41.33 -29.58
C PHE D 29 18.42 41.26 -29.47
N GLY D 30 19.11 42.28 -29.96
CA GLY D 30 20.55 42.26 -29.96
C GLY D 30 21.18 42.19 -28.60
N HIS D 31 20.39 42.36 -27.54
CA HIS D 31 20.97 42.28 -26.21
C HIS D 31 21.09 40.86 -25.69
N TYR D 32 20.55 39.88 -26.42
CA TYR D 32 20.43 38.52 -25.88
C TYR D 32 21.00 37.50 -26.84
N ALA D 33 21.80 36.58 -26.29
CA ALA D 33 22.21 35.41 -27.04
C ALA D 33 21.02 34.50 -27.26
N MET D 34 21.03 33.82 -28.42
CA MET D 34 19.96 32.90 -28.79
C MET D 34 20.57 31.54 -29.08
N SER D 35 19.80 30.48 -28.82
CA SER D 35 20.29 29.13 -29.06
C SER D 35 19.20 28.29 -29.71
N TRP D 36 19.64 27.18 -30.29
CA TRP D 36 18.78 26.16 -30.85
C TRP D 36 19.01 24.89 -30.08
N VAL D 37 17.92 24.27 -29.64
CA VAL D 37 17.93 23.01 -28.91
C VAL D 37 16.96 22.10 -29.63
N ARG D 38 17.36 20.83 -29.81
CA ARG D 38 16.52 19.88 -30.50
C ARG D 38 16.17 18.74 -29.57
N GLN D 39 15.11 18.02 -29.91
CA GLN D 39 14.54 17.00 -29.01
C GLN D 39 14.10 15.79 -29.82
N ALA D 40 14.90 14.70 -29.75
CA ALA D 40 14.63 13.41 -30.37
C ALA D 40 13.73 12.56 -29.48
N PRO D 41 12.97 11.64 -30.06
CA PRO D 41 12.02 10.86 -29.25
C PRO D 41 12.63 10.15 -28.07
N GLN D 42 13.80 9.53 -28.23
CA GLN D 42 14.42 8.80 -27.14
C GLN D 42 15.73 9.42 -26.66
N LYS D 43 16.29 10.37 -27.41
CA LYS D 43 17.61 10.91 -27.11
C LYS D 43 17.55 12.24 -26.37
N GLY D 44 16.45 12.47 -25.64
CA GLY D 44 16.24 13.66 -24.83
C GLY D 44 16.48 14.97 -25.52
N LEU D 45 16.72 16.02 -24.73
CA LEU D 45 17.04 17.33 -25.27
C LEU D 45 18.54 17.41 -25.50
N GLU D 46 18.94 17.97 -26.63
CA GLU D 46 20.34 18.15 -26.98
C GLU D 46 20.53 19.55 -27.51
N TRP D 47 21.35 20.35 -26.81
CA TRP D 47 21.72 21.67 -27.30
C TRP D 47 22.47 21.53 -28.62
N VAL D 48 22.17 22.43 -29.55
CA VAL D 48 22.66 22.36 -30.93
C VAL D 48 23.68 23.46 -31.21
N SER D 49 23.35 24.69 -30.88
CA SER D 49 24.13 25.83 -31.34
C SER D 49 23.70 27.09 -30.61
N GLY D 50 24.64 27.98 -30.36
CA GLY D 50 24.35 29.26 -29.76
C GLY D 50 25.07 30.38 -30.48
N ILE D 51 24.49 31.57 -30.39
CA ILE D 51 25.03 32.75 -31.06
C ILE D 51 24.92 33.95 -30.12
N SER D 52 25.95 34.78 -30.09
CA SER D 52 25.96 35.94 -29.22
C SER D 52 24.97 36.98 -29.70
N GLY D 53 24.79 38.01 -28.86
CA GLY D 53 23.85 39.07 -29.20
C GLY D 53 24.18 39.73 -30.52
N GLY D 54 25.43 40.13 -30.71
CA GLY D 54 25.87 40.75 -31.94
C GLY D 54 26.16 39.80 -33.08
N GLY D 55 26.12 38.49 -32.81
CA GLY D 55 26.43 37.51 -33.82
C GLY D 55 27.91 37.25 -34.03
N GLU D 56 28.80 37.92 -33.30
CA GLU D 56 30.22 37.73 -33.55
C GLU D 56 30.74 36.41 -33.01
N SER D 57 30.02 35.78 -32.09
CA SER D 57 30.46 34.57 -31.41
C SER D 57 29.46 33.45 -31.65
N THR D 58 29.96 32.28 -32.02
CA THR D 58 29.08 31.13 -32.23
C THR D 58 29.68 29.90 -31.58
N ASN D 59 28.80 28.93 -31.31
CA ASN D 59 29.14 27.68 -30.64
C ASN D 59 28.29 26.59 -31.25
N TYR D 60 28.83 25.37 -31.30
CA TYR D 60 28.13 24.27 -31.93
C TYR D 60 28.38 22.99 -31.14
N ALA D 61 27.38 22.12 -31.12
CA ALA D 61 27.57 20.77 -30.63
C ALA D 61 28.53 20.03 -31.55
N ASP D 62 29.38 19.19 -30.97
CA ASP D 62 30.39 18.52 -31.80
C ASP D 62 29.73 17.74 -32.92
N SER D 63 28.54 17.16 -32.68
CA SER D 63 27.88 16.33 -33.67
C SER D 63 27.36 17.11 -34.85
N VAL D 64 27.22 18.43 -34.74
CA VAL D 64 26.68 19.22 -35.84
C VAL D 64 27.68 20.23 -36.38
N LYS D 65 28.89 20.30 -35.82
CA LYS D 65 29.87 21.28 -36.25
C LYS D 65 30.14 21.14 -37.74
N GLY D 66 30.18 22.28 -38.42
CA GLY D 66 30.51 22.34 -39.83
C GLY D 66 29.38 22.09 -40.77
N ARG D 67 28.34 21.38 -40.35
CA ARG D 67 27.18 21.15 -41.19
C ARG D 67 26.07 22.14 -40.87
N PHE D 68 25.98 22.57 -39.62
CA PHE D 68 25.01 23.54 -39.16
C PHE D 68 25.70 24.89 -39.05
N THR D 69 24.99 25.95 -39.42
CA THR D 69 25.47 27.30 -39.26
C THR D 69 24.35 28.11 -38.64
N ILE D 70 24.64 28.77 -37.53
CA ILE D 70 23.70 29.64 -36.84
C ILE D 70 24.02 31.07 -37.23
N SER D 71 22.99 31.88 -37.44
CA SER D 71 23.16 33.29 -37.77
C SER D 71 21.93 34.05 -37.28
N ARG D 72 22.00 35.38 -37.34
CA ARG D 72 20.93 36.20 -36.82
C ARG D 72 20.90 37.54 -37.55
N ASP D 73 19.70 38.11 -37.65
CA ASP D 73 19.45 39.38 -38.33
C ASP D 73 18.92 40.35 -37.28
N ASN D 74 19.75 41.28 -36.83
CA ASN D 74 19.36 42.18 -35.75
C ASN D 74 18.49 43.35 -36.20
N SER D 75 18.05 43.36 -37.46
CA SER D 75 17.00 44.25 -37.93
C SER D 75 15.67 43.53 -38.13
N ARG D 76 15.66 42.38 -38.77
CA ARG D 76 14.44 41.59 -38.84
C ARG D 76 14.13 40.91 -37.52
N ASN D 77 15.09 40.89 -36.58
CA ASN D 77 14.95 40.21 -35.27
C ASN D 77 14.59 38.74 -35.44
N THR D 78 15.40 38.02 -36.22
CA THR D 78 15.18 36.60 -36.49
C THR D 78 16.49 35.84 -36.29
N VAL D 79 16.37 34.58 -35.88
CA VAL D 79 17.51 33.67 -35.75
C VAL D 79 17.37 32.57 -36.80
N TYR D 80 18.49 32.14 -37.34
CA TYR D 80 18.51 31.12 -38.38
C TYR D 80 19.38 29.94 -37.95
N LEU D 81 18.99 28.75 -38.42
CA LEU D 81 19.81 27.55 -38.32
C LEU D 81 19.90 26.97 -39.74
N GLN D 82 21.06 27.14 -40.38
CA GLN D 82 21.27 26.57 -41.70
C GLN D 82 21.86 25.17 -41.54
N MET D 83 21.17 24.17 -42.06
CA MET D 83 21.57 22.77 -41.91
C MET D 83 21.88 22.22 -43.28
N ASN D 84 23.11 21.79 -43.49
CA ASN D 84 23.54 21.10 -44.68
C ASN D 84 23.94 19.69 -44.33
N SER D 85 23.99 18.83 -45.34
CA SER D 85 24.45 17.45 -45.18
C SER D 85 23.69 16.75 -44.04
N LEU D 86 22.38 16.94 -44.04
CA LEU D 86 21.56 16.43 -42.95
C LEU D 86 21.60 14.91 -42.94
N ARG D 87 21.58 14.36 -41.74
CA ARG D 87 21.59 12.92 -41.54
C ARG D 87 20.30 12.51 -40.86
N ALA D 88 20.01 11.22 -40.92
CA ALA D 88 18.83 10.68 -40.25
C ALA D 88 18.83 11.07 -38.76
N GLU D 89 20.00 11.01 -38.11
CA GLU D 89 20.07 11.27 -36.69
C GLU D 89 19.81 12.74 -36.34
N ASP D 90 19.72 13.61 -37.34
CA ASP D 90 19.34 15.00 -37.08
C ASP D 90 17.82 15.18 -37.00
N THR D 91 17.05 14.12 -37.24
CA THR D 91 15.60 14.18 -37.09
C THR D 91 15.23 14.49 -35.66
N ALA D 92 14.52 15.59 -35.46
CA ALA D 92 14.14 16.05 -34.13
C ALA D 92 13.21 17.24 -34.27
N ILE D 93 12.58 17.59 -33.16
CA ILE D 93 11.93 18.88 -32.99
C ILE D 93 13.00 19.91 -32.65
N TYR D 94 13.10 20.97 -33.42
CA TYR D 94 14.10 21.99 -33.18
C TYR D 94 13.47 23.21 -32.54
N TYR D 95 14.02 23.63 -31.41
CA TYR D 95 13.54 24.76 -30.64
C TYR D 95 14.47 25.95 -30.73
N CYS D 96 13.85 27.09 -30.60
CA CYS D 96 14.52 28.36 -30.50
C CYS D 96 14.44 28.78 -29.05
N ALA D 97 15.56 29.21 -28.47
CA ALA D 97 15.57 29.55 -27.06
C ALA D 97 16.43 30.77 -26.80
N LYS D 98 15.98 31.57 -25.82
CA LYS D 98 16.55 32.86 -25.53
C LYS D 98 17.36 32.80 -24.25
N ASP D 99 18.53 33.44 -24.28
CA ASP D 99 19.32 33.63 -23.07
C ASP D 99 18.54 34.56 -22.15
N PRO D 100 18.26 34.17 -20.90
CA PRO D 100 17.36 34.96 -20.07
C PRO D 100 17.95 36.28 -19.62
N GLY D 101 19.27 36.36 -19.44
CA GLY D 101 19.87 37.53 -18.85
C GLY D 101 20.58 38.47 -19.80
N GLY D 102 21.01 37.97 -20.95
CA GLY D 102 21.76 38.80 -21.89
C GLY D 102 22.70 38.08 -22.84
N ASP D 103 23.99 38.37 -22.74
CA ASP D 103 24.98 37.90 -23.70
C ASP D 103 26.00 37.06 -22.95
N SER D 104 25.56 35.91 -22.44
CA SER D 104 26.43 35.04 -21.65
C SER D 104 27.52 34.42 -22.52
N SER D 105 28.69 34.23 -21.92
CA SER D 105 29.85 33.67 -22.58
C SER D 105 30.22 32.35 -21.93
N PRO D 106 30.46 31.28 -22.71
CA PRO D 106 30.28 31.23 -24.16
C PRO D 106 28.82 31.28 -24.56
N ALA D 107 28.52 31.72 -25.79
CA ALA D 107 27.15 31.73 -26.27
C ALA D 107 26.53 30.35 -26.09
N GLY D 108 25.39 30.31 -25.40
CA GLY D 108 24.69 29.07 -25.16
C GLY D 108 24.94 28.43 -23.81
N ARG D 109 25.94 28.88 -23.05
CA ARG D 109 26.19 28.31 -21.72
C ARG D 109 25.30 29.01 -20.70
N THR D 110 24.03 28.62 -20.71
CA THR D 110 23.00 29.20 -19.84
C THR D 110 21.79 28.28 -19.83
N TRP D 111 20.86 28.56 -18.92
CA TRP D 111 19.54 27.99 -19.12
C TRP D 111 18.78 28.88 -20.10
N PHE D 112 17.60 28.44 -20.54
CA PHE D 112 16.91 29.17 -21.59
C PHE D 112 15.51 29.51 -21.16
N ASP D 113 15.10 30.75 -21.44
CA ASP D 113 13.75 31.22 -21.15
C ASP D 113 13.45 32.47 -21.96
N PRO D 114 12.44 32.43 -22.84
CA PRO D 114 11.60 31.27 -23.10
C PRO D 114 12.04 30.44 -24.28
N TRP D 115 11.23 29.45 -24.63
CA TRP D 115 11.42 28.60 -25.78
C TRP D 115 10.26 28.81 -26.75
N GLY D 116 10.52 28.59 -28.04
CA GLY D 116 9.46 28.59 -29.01
C GLY D 116 8.74 27.25 -29.04
N GLN D 117 7.74 27.15 -29.90
CA GLN D 117 6.92 25.95 -29.94
C GLN D 117 7.61 24.77 -30.62
N GLY D 118 8.69 25.01 -31.34
CA GLY D 118 9.35 23.89 -31.99
C GLY D 118 8.88 23.69 -33.43
N THR D 119 9.80 23.23 -34.27
CA THR D 119 9.50 22.89 -35.65
C THR D 119 10.12 21.52 -35.93
N LEU D 120 9.34 20.64 -36.55
CA LEU D 120 9.77 19.27 -36.76
C LEU D 120 10.61 19.16 -38.02
N VAL D 121 11.78 18.55 -37.89
CA VAL D 121 12.66 18.25 -39.00
C VAL D 121 12.77 16.74 -39.13
N THR D 122 12.35 16.20 -40.26
CA THR D 122 12.41 14.77 -40.55
C THR D 122 13.36 14.52 -41.71
N VAL D 123 14.40 13.73 -41.45
CA VAL D 123 15.38 13.38 -42.47
C VAL D 123 15.10 11.93 -42.87
N SER D 124 14.67 11.73 -44.10
CA SER D 124 14.24 10.41 -44.57
C SER D 124 14.28 10.36 -46.09
N SER D 125 14.46 9.14 -46.60
CA SER D 125 14.44 8.87 -48.03
C SER D 125 13.05 8.64 -48.56
N ALA D 126 12.06 8.48 -47.69
CA ALA D 126 10.71 8.24 -48.16
C ALA D 126 10.12 9.51 -48.76
N SER D 127 9.19 9.29 -49.68
CA SER D 127 8.54 10.39 -50.37
C SER D 127 7.36 10.86 -49.53
N THR D 128 7.00 12.12 -49.72
CA THR D 128 5.85 12.68 -49.02
C THR D 128 4.56 12.05 -49.54
N LYS D 129 3.61 11.83 -48.62
CA LYS D 129 2.26 11.48 -49.02
C LYS D 129 1.28 12.22 -48.13
N GLY D 130 0.33 12.93 -48.75
CA GLY D 130 -0.67 13.66 -48.01
C GLY D 130 -1.76 12.72 -47.53
N PRO D 131 -2.46 13.11 -46.48
CA PRO D 131 -3.43 12.20 -45.88
C PRO D 131 -4.76 12.21 -46.62
N SER D 132 -5.43 11.06 -46.56
CA SER D 132 -6.85 11.00 -46.82
C SER D 132 -7.57 11.17 -45.49
N VAL D 133 -8.63 11.98 -45.49
CA VAL D 133 -9.38 12.20 -44.26
C VAL D 133 -10.84 11.81 -44.50
N PHE D 134 -11.38 11.01 -43.59
CA PHE D 134 -12.70 10.42 -43.64
C PHE D 134 -13.51 10.78 -42.41
N PRO D 135 -14.82 10.94 -42.55
CA PRO D 135 -15.65 11.31 -41.40
C PRO D 135 -15.87 10.12 -40.48
N LEU D 136 -15.91 10.41 -39.19
CA LEU D 136 -16.38 9.47 -38.18
C LEU D 136 -17.75 9.96 -37.77
N ALA D 137 -18.78 9.45 -38.44
CA ALA D 137 -20.14 9.93 -38.27
C ALA D 137 -20.75 9.42 -36.97
N PRO D 138 -21.55 10.25 -36.28
CA PRO D 138 -22.28 9.85 -35.07
C PRO D 138 -23.47 8.90 -35.31
N THR D 147 -25.19 13.22 -25.22
CA THR D 147 -24.02 13.75 -25.96
C THR D 147 -23.43 12.73 -26.93
N ALA D 148 -23.29 13.16 -28.18
CA ALA D 148 -22.75 12.35 -29.26
C ALA D 148 -21.27 12.59 -29.45
N ALA D 149 -20.61 11.63 -30.11
CA ALA D 149 -19.21 11.77 -30.49
C ALA D 149 -19.07 11.62 -31.99
N LEU D 150 -18.20 12.43 -32.59
CA LEU D 150 -17.91 12.34 -34.01
C LEU D 150 -16.46 12.72 -34.22
N GLY D 151 -15.98 12.55 -35.43
CA GLY D 151 -14.60 12.92 -35.69
C GLY D 151 -14.20 12.67 -37.12
N CYS D 152 -12.88 12.76 -37.34
CA CYS D 152 -12.28 12.55 -38.64
C CYS D 152 -11.11 11.57 -38.50
N LEU D 153 -11.02 10.65 -39.45
CA LEU D 153 -9.90 9.71 -39.55
C LEU D 153 -8.92 10.22 -40.60
N VAL D 154 -7.69 10.49 -40.18
CA VAL D 154 -6.66 11.08 -41.02
C VAL D 154 -5.68 9.95 -41.35
N LYS D 155 -5.81 9.37 -42.53
CA LYS D 155 -5.17 8.09 -42.82
C LYS D 155 -4.11 8.21 -43.93
N ASP D 156 -3.00 7.48 -43.72
CA ASP D 156 -2.00 7.21 -44.73
C ASP D 156 -1.25 8.44 -45.20
N TYR D 157 -0.49 9.07 -44.31
CA TYR D 157 0.32 10.22 -44.67
C TYR D 157 1.74 10.02 -44.15
N PHE D 158 2.67 10.76 -44.74
CA PHE D 158 4.06 10.78 -44.35
C PHE D 158 4.70 12.05 -44.88
N PRO D 159 5.54 12.73 -44.09
CA PRO D 159 5.82 12.35 -42.70
C PRO D 159 4.91 13.08 -41.72
N GLU D 160 5.21 12.99 -40.44
CA GLU D 160 4.60 13.88 -39.47
C GLU D 160 5.05 15.32 -39.75
N PRO D 161 4.27 16.32 -39.29
CA PRO D 161 2.98 16.22 -38.59
C PRO D 161 1.77 16.62 -39.42
N VAL D 162 0.59 16.33 -38.87
CA VAL D 162 -0.66 16.90 -39.34
C VAL D 162 -1.27 17.66 -38.16
N THR D 163 -1.94 18.75 -38.47
CA THR D 163 -2.69 19.50 -37.49
C THR D 163 -4.17 19.37 -37.81
N VAL D 164 -5.00 19.22 -36.78
CA VAL D 164 -6.44 19.09 -36.97
C VAL D 164 -7.14 20.14 -36.13
N SER D 165 -7.94 20.97 -36.76
CA SER D 165 -8.83 21.86 -36.03
C SER D 165 -10.27 21.51 -36.38
N TRP D 166 -11.20 22.11 -35.65
CA TRP D 166 -12.61 21.86 -35.93
C TRP D 166 -13.34 23.19 -36.16
N ASN D 167 -14.10 23.26 -37.24
CA ASN D 167 -14.82 24.47 -37.59
C ASN D 167 -13.89 25.66 -37.59
N SER D 168 -12.72 25.48 -38.19
CA SER D 168 -11.73 26.55 -38.35
C SER D 168 -11.42 27.24 -37.02
N GLY D 169 -11.40 26.46 -35.95
CA GLY D 169 -11.04 26.92 -34.63
C GLY D 169 -12.20 27.29 -33.74
N ALA D 170 -13.41 27.30 -34.27
CA ALA D 170 -14.55 27.70 -33.46
C ALA D 170 -14.94 26.64 -32.45
N LEU D 171 -14.56 25.39 -32.69
CA LEU D 171 -14.88 24.27 -31.81
C LEU D 171 -13.59 23.72 -31.22
N THR D 172 -13.45 23.81 -29.89
CA THR D 172 -12.24 23.32 -29.24
C THR D 172 -12.54 22.43 -28.03
N SER D 173 -13.63 22.70 -27.32
CA SER D 173 -13.95 21.90 -26.14
C SER D 173 -14.32 20.47 -26.54
N GLY D 174 -13.76 19.52 -25.80
CA GLY D 174 -14.02 18.11 -25.99
C GLY D 174 -13.23 17.46 -27.10
N VAL D 175 -12.23 18.14 -27.66
CA VAL D 175 -11.50 17.61 -28.80
C VAL D 175 -10.35 16.74 -28.30
N HIS D 176 -10.24 15.56 -28.87
CA HIS D 176 -9.11 14.67 -28.61
C HIS D 176 -8.50 14.29 -29.95
N THR D 177 -7.29 14.76 -30.23
CA THR D 177 -6.58 14.33 -31.43
C THR D 177 -5.48 13.36 -31.02
N PHE D 178 -5.62 12.12 -31.47
CA PHE D 178 -4.75 11.05 -30.99
C PHE D 178 -3.35 11.19 -31.59
N PRO D 179 -2.34 10.69 -30.89
CA PRO D 179 -1.03 10.58 -31.51
C PRO D 179 -1.12 9.74 -32.77
N ALA D 180 -0.35 10.13 -33.77
CA ALA D 180 -0.27 9.34 -34.99
C ALA D 180 0.34 7.99 -34.66
N VAL D 181 -0.17 6.94 -35.30
CA VAL D 181 0.37 5.59 -35.18
C VAL D 181 1.00 5.19 -36.51
N LEU D 182 2.20 4.64 -36.43
CA LEU D 182 2.89 4.20 -37.62
C LEU D 182 2.37 2.82 -38.00
N GLN D 183 1.74 2.73 -39.16
CA GLN D 183 1.16 1.49 -39.64
C GLN D 183 2.25 0.64 -40.28
N SER D 184 1.94 -0.64 -40.50
CA SER D 184 2.91 -1.53 -41.12
C SER D 184 3.30 -1.07 -42.53
N SER D 185 2.49 -0.22 -43.16
CA SER D 185 2.76 0.30 -44.49
C SER D 185 3.83 1.38 -44.51
N GLY D 186 4.35 1.79 -43.36
CA GLY D 186 5.25 2.92 -43.30
C GLY D 186 4.58 4.27 -43.27
N LEU D 187 3.25 4.32 -43.31
CA LEU D 187 2.49 5.56 -43.30
C LEU D 187 1.83 5.76 -41.93
N TYR D 188 1.65 7.02 -41.58
CA TYR D 188 1.01 7.39 -40.33
C TYR D 188 -0.50 7.41 -40.50
N SER D 189 -1.20 7.34 -39.37
CA SER D 189 -2.64 7.41 -39.35
C SER D 189 -3.09 7.91 -37.97
N LEU D 190 -4.09 8.77 -37.94
CA LEU D 190 -4.65 9.20 -36.66
C LEU D 190 -6.09 9.61 -36.85
N SER D 191 -6.78 9.76 -35.74
CA SER D 191 -8.14 10.26 -35.70
C SER D 191 -8.22 11.43 -34.74
N SER D 192 -9.11 12.37 -35.07
CA SER D 192 -9.47 13.46 -34.19
C SER D 192 -10.95 13.36 -33.93
N VAL D 193 -11.33 13.31 -32.65
CA VAL D 193 -12.71 13.12 -32.23
C VAL D 193 -13.12 14.28 -31.35
N VAL D 194 -14.43 14.46 -31.22
CA VAL D 194 -14.98 15.53 -30.41
C VAL D 194 -16.34 15.09 -29.90
N THR D 195 -16.66 15.47 -28.67
CA THR D 195 -17.97 15.20 -28.12
C THR D 195 -18.79 16.48 -28.14
N VAL D 196 -20.04 16.36 -28.58
CA VAL D 196 -20.93 17.50 -28.77
C VAL D 196 -22.30 17.15 -28.23
N PRO D 197 -23.11 18.16 -27.94
CA PRO D 197 -24.51 17.87 -27.58
C PRO D 197 -25.19 17.12 -28.71
N SER D 198 -25.89 16.03 -28.34
CA SER D 198 -26.57 15.21 -29.34
C SER D 198 -27.71 15.98 -29.99
N SER D 199 -28.30 16.93 -29.26
CA SER D 199 -29.40 17.76 -29.75
C SER D 199 -28.98 18.69 -30.87
N SER D 200 -27.68 18.86 -31.09
CA SER D 200 -27.18 19.77 -32.11
C SER D 200 -26.85 19.06 -33.42
N LEU D 201 -26.89 17.74 -33.46
CA LEU D 201 -26.38 17.01 -34.62
C LEU D 201 -27.10 17.44 -35.90
N GLY D 202 -28.42 17.58 -35.85
CA GLY D 202 -29.15 17.85 -37.07
C GLY D 202 -28.94 19.25 -37.63
N THR D 203 -28.49 20.19 -36.81
CA THR D 203 -28.46 21.59 -37.20
C THR D 203 -27.09 22.25 -37.17
N GLN D 204 -26.15 21.75 -36.38
CA GLN D 204 -24.81 22.34 -36.29
C GLN D 204 -23.84 21.63 -37.23
N THR D 205 -23.16 22.42 -38.06
CA THR D 205 -22.21 21.87 -39.01
C THR D 205 -20.88 21.59 -38.31
N TYR D 206 -20.30 20.43 -38.61
CA TYR D 206 -18.99 20.06 -38.09
C TYR D 206 -18.05 19.76 -39.25
N ILE D 207 -16.92 20.47 -39.26
CA ILE D 207 -15.90 20.32 -40.29
C ILE D 207 -14.56 20.19 -39.58
N CYS D 208 -13.78 19.19 -39.95
CA CYS D 208 -12.40 19.06 -39.48
C CYS D 208 -11.46 19.61 -40.55
N ASN D 209 -10.52 20.44 -40.11
CA ASN D 209 -9.58 21.11 -41.01
C ASN D 209 -8.23 20.46 -40.77
N VAL D 210 -7.81 19.64 -41.72
CA VAL D 210 -6.56 18.90 -41.65
C VAL D 210 -5.51 19.60 -42.50
N ASN D 211 -4.33 19.78 -41.95
CA ASN D 211 -3.23 20.43 -42.65
C ASN D 211 -1.98 19.57 -42.55
N HIS D 212 -1.45 19.15 -43.69
CA HIS D 212 -0.19 18.41 -43.75
C HIS D 212 0.78 19.27 -44.55
N LYS D 213 1.48 20.18 -43.86
CA LYS D 213 2.38 21.11 -44.54
C LYS D 213 3.41 20.42 -45.44
N PRO D 214 4.03 19.28 -45.05
CA PRO D 214 5.00 18.64 -45.95
C PRO D 214 4.48 18.35 -47.35
N SER D 215 3.16 18.24 -47.53
CA SER D 215 2.61 17.92 -48.84
C SER D 215 1.71 19.02 -49.40
N ASN D 216 1.68 20.20 -48.78
CA ASN D 216 0.80 21.31 -49.20
C ASN D 216 -0.66 20.89 -49.24
N THR D 217 -1.04 19.98 -48.35
CA THR D 217 -2.38 19.46 -48.24
C THR D 217 -3.16 20.21 -47.16
N LYS D 218 -4.27 20.82 -47.55
CA LYS D 218 -5.25 21.41 -46.65
C LYS D 218 -6.60 20.80 -47.03
N VAL D 219 -7.22 20.10 -46.08
CA VAL D 219 -8.47 19.39 -46.35
C VAL D 219 -9.49 19.79 -45.30
N ASP D 220 -10.68 20.15 -45.76
CA ASP D 220 -11.83 20.28 -44.89
C ASP D 220 -12.75 19.10 -45.18
N LYS D 221 -13.16 18.39 -44.15
CA LYS D 221 -14.11 17.29 -44.31
C LYS D 221 -15.33 17.52 -43.42
N LYS D 222 -16.50 17.57 -44.03
CA LYS D 222 -17.75 17.68 -43.27
C LYS D 222 -18.12 16.33 -42.66
N VAL D 223 -18.51 16.34 -41.38
CA VAL D 223 -18.89 15.14 -40.63
C VAL D 223 -20.39 15.24 -40.36
N GLU D 224 -21.18 14.39 -41.01
CA GLU D 224 -22.63 14.40 -40.94
C GLU D 224 -23.16 13.07 -40.41
N PRO D 225 -24.35 13.06 -39.81
CA PRO D 225 -24.91 11.77 -39.36
C PRO D 225 -25.11 10.77 -40.48
N LYS D 226 -25.63 11.20 -41.63
CA LYS D 226 -25.77 10.38 -42.83
C LYS D 226 -26.65 9.15 -42.61
N SER D 227 -27.95 9.29 -42.88
CA SER D 227 -28.86 8.13 -42.93
C SER D 227 -29.04 7.66 -44.38
N ASP E 1 0.55 16.86 17.62
CA ASP E 1 0.53 15.70 18.49
C ASP E 1 0.33 16.15 19.92
N ILE E 2 -0.19 15.26 20.75
CA ILE E 2 -0.44 15.58 22.16
C ILE E 2 0.85 15.58 22.95
N VAL E 3 1.06 16.63 23.72
CA VAL E 3 2.27 16.80 24.53
C VAL E 3 1.93 16.47 25.97
N MET E 4 2.71 15.58 26.58
CA MET E 4 2.57 15.23 28.00
C MET E 4 3.67 15.90 28.80
N THR E 5 3.30 16.66 29.83
CA THR E 5 4.24 17.45 30.63
C THR E 5 4.10 17.04 32.09
N GLN E 6 5.18 16.53 32.68
CA GLN E 6 5.11 16.10 34.06
C GLN E 6 5.69 17.14 35.01
N SER E 7 5.15 17.16 36.24
CA SER E 7 5.65 18.01 37.29
C SER E 7 5.54 17.23 38.60
N PRO E 8 6.60 17.20 39.41
CA PRO E 8 7.91 17.81 39.15
C PRO E 8 8.84 16.87 38.39
N ASP E 9 10.06 17.32 38.11
CA ASP E 9 11.04 16.44 37.48
C ASP E 9 11.63 15.43 38.47
N SER E 10 11.70 15.78 39.75
CA SER E 10 12.24 14.85 40.75
C SER E 10 11.75 15.27 42.13
N LEU E 11 11.65 14.29 43.03
CA LEU E 11 11.21 14.55 44.39
C LEU E 11 11.72 13.46 45.31
N ALA E 12 11.90 13.82 46.58
CA ALA E 12 12.32 12.89 47.62
C ALA E 12 11.24 12.81 48.69
N VAL E 13 10.86 11.59 49.05
CA VAL E 13 9.79 11.37 50.03
C VAL E 13 10.27 10.31 51.03
N SER E 14 9.95 10.51 52.30
CA SER E 14 10.37 9.54 53.30
C SER E 14 9.49 8.29 53.23
N LEU E 15 10.05 7.17 53.70
CA LEU E 15 9.28 5.94 53.73
C LEU E 15 8.03 6.15 54.55
N GLY E 16 6.93 5.53 54.12
CA GLY E 16 5.67 5.65 54.83
C GLY E 16 4.89 6.91 54.56
N GLU E 17 5.46 7.85 53.82
CA GLU E 17 4.80 9.08 53.44
C GLU E 17 4.17 8.95 52.05
N ARG E 18 3.57 10.04 51.61
CA ARG E 18 2.84 10.08 50.36
C ARG E 18 3.65 10.82 49.32
N ALA E 19 3.75 10.24 48.14
CA ALA E 19 4.39 10.85 46.99
C ALA E 19 3.33 11.21 45.96
N THR E 20 3.46 12.39 45.36
CA THR E 20 2.49 12.88 44.38
C THR E 20 3.21 13.27 43.10
N ILE E 21 2.76 12.71 41.98
CA ILE E 21 3.36 12.93 40.68
C ILE E 21 2.28 13.42 39.73
N ASN E 22 2.54 14.53 39.06
CA ASN E 22 1.55 15.16 38.21
C ASN E 22 1.92 15.06 36.74
N CYS E 23 0.90 15.02 35.90
CA CYS E 23 1.08 15.03 34.46
C CYS E 23 -0.07 15.84 33.87
N LYS E 24 0.27 16.75 32.97
CA LYS E 24 -0.71 17.55 32.25
C LYS E 24 -0.54 17.23 30.77
N SER E 25 -1.66 17.14 30.06
CA SER E 25 -1.65 16.90 28.63
C SER E 25 -2.08 18.17 27.91
N SER E 26 -1.49 18.40 26.72
CA SER E 26 -1.74 19.64 25.99
C SER E 26 -3.16 19.71 25.45
N GLN E 27 -3.90 18.60 25.41
CA GLN E 27 -5.33 18.61 25.14
C GLN E 27 -5.94 17.46 25.92
N SER E 28 -7.27 17.49 26.02
CA SER E 28 -8.00 16.48 26.77
C SER E 28 -7.85 15.10 26.15
N VAL E 29 -7.56 14.11 27.00
CA VAL E 29 -7.47 12.72 26.58
C VAL E 29 -8.71 11.97 27.07
N PHE E 30 -9.80 12.70 27.28
CA PHE E 30 -11.09 12.17 27.67
C PHE E 30 -11.99 12.04 26.44
N PHE E 31 -12.63 10.89 26.29
CA PHE E 31 -13.55 10.62 25.17
C PHE E 31 -14.98 10.80 25.65
N SER E 32 -15.76 11.61 24.92
CA SER E 32 -17.09 11.92 25.40
C SER E 32 -18.08 10.75 25.22
N SER E 33 -17.93 9.93 24.17
CA SER E 33 -18.95 8.93 23.85
C SER E 33 -19.02 7.83 24.90
N ASN E 34 -17.87 7.39 25.43
CA ASN E 34 -17.79 6.41 26.49
C ASN E 34 -17.06 7.08 27.63
N ASN E 35 -17.43 6.78 28.88
CA ASN E 35 -16.84 7.51 29.99
C ASN E 35 -15.41 7.02 30.26
N ARG E 36 -14.58 7.06 29.21
CA ARG E 36 -13.21 6.56 29.31
C ARG E 36 -12.24 7.65 28.87
N THR E 37 -11.24 7.91 29.72
CA THR E 37 -10.13 8.80 29.41
C THR E 37 -8.87 7.96 29.19
N TYR E 38 -8.22 8.17 28.05
CA TYR E 38 -7.18 7.26 27.52
C TYR E 38 -5.78 7.66 28.02
N PHE E 39 -5.51 7.34 29.29
CA PHE E 39 -4.34 7.81 30.01
C PHE E 39 -3.76 6.65 30.82
N ALA E 40 -2.42 6.61 30.95
CA ALA E 40 -1.76 5.51 31.66
C ALA E 40 -0.53 5.98 32.43
N TRP E 41 -0.23 5.30 33.54
CA TRP E 41 0.94 5.55 34.37
C TRP E 41 1.87 4.35 34.34
N TYR E 42 3.17 4.61 34.24
CA TYR E 42 4.17 3.56 34.24
C TYR E 42 5.16 3.78 35.38
N GLN E 43 5.74 2.66 35.83
CA GLN E 43 6.87 2.65 36.73
C GLN E 43 8.03 1.98 36.02
N GLN E 44 9.21 2.60 36.05
CA GLN E 44 10.41 2.01 35.49
C GLN E 44 11.49 2.00 36.57
N LYS E 45 11.77 0.81 37.10
CA LYS E 45 12.81 0.74 38.11
C LYS E 45 14.17 0.69 37.42
N PRO E 46 15.23 1.03 38.15
CA PRO E 46 16.57 1.06 37.53
C PRO E 46 16.91 -0.25 36.85
N GLY E 47 17.37 -0.16 35.60
CA GLY E 47 17.77 -1.31 34.82
C GLY E 47 16.64 -2.15 34.28
N GLN E 48 15.39 -1.78 34.54
CA GLN E 48 14.25 -2.58 34.15
C GLN E 48 13.40 -1.83 33.14
N PRO E 49 12.65 -2.52 32.29
CA PRO E 49 11.73 -1.84 31.38
C PRO E 49 10.57 -1.24 32.17
N PRO E 50 9.79 -0.35 31.55
CA PRO E 50 8.58 0.15 32.22
C PRO E 50 7.61 -0.97 32.54
N LYS E 51 6.89 -0.80 33.66
CA LYS E 51 5.80 -1.66 34.05
C LYS E 51 4.59 -0.76 34.27
N VAL E 52 3.46 -1.12 33.67
CA VAL E 52 2.27 -0.30 33.78
C VAL E 52 1.70 -0.41 35.19
N LEU E 53 1.35 0.74 35.78
CA LEU E 53 0.69 0.81 37.07
C LEU E 53 -0.81 1.08 36.94
N ILE E 54 -1.15 2.09 36.16
CA ILE E 54 -2.51 2.61 36.10
C ILE E 54 -2.89 2.74 34.62
N SER E 55 -4.03 2.18 34.26
CA SER E 55 -4.63 2.40 32.95
C SER E 55 -5.93 3.20 33.13
N TRP E 56 -6.39 3.80 32.04
CA TRP E 56 -7.65 4.51 32.04
C TRP E 56 -7.70 5.58 33.13
N ALA E 57 -6.60 6.31 33.28
CA ALA E 57 -6.44 7.41 34.23
C ALA E 57 -6.42 6.95 35.69
N SER E 58 -7.29 5.99 36.06
CA SER E 58 -7.54 5.67 37.47
C SER E 58 -7.65 4.18 37.79
N THR E 59 -7.63 3.30 36.80
CA THR E 59 -7.77 1.87 37.04
C THR E 59 -6.42 1.27 37.40
N ARG E 60 -6.35 0.67 38.59
CA ARG E 60 -5.14 0.02 39.06
C ARG E 60 -4.96 -1.30 38.31
N GLU E 61 -3.78 -1.47 37.71
CA GLU E 61 -3.53 -2.69 36.97
C GLU E 61 -3.33 -3.87 37.91
N SER E 62 -3.73 -5.05 37.45
CA SER E 62 -3.62 -6.25 38.27
C SER E 62 -2.18 -6.46 38.74
N GLY E 63 -2.04 -6.83 40.01
CA GLY E 63 -0.74 -7.05 40.60
C GLY E 63 -0.09 -5.82 41.20
N VAL E 64 -0.57 -4.63 40.84
CA VAL E 64 -0.02 -3.40 41.39
C VAL E 64 -0.55 -3.23 42.82
N PRO E 65 0.32 -3.01 43.81
CA PRO E 65 -0.16 -2.83 45.17
C PRO E 65 -1.16 -1.68 45.26
N ASP E 66 -2.14 -1.83 46.15
CA ASP E 66 -3.23 -0.86 46.21
C ASP E 66 -2.83 0.49 46.81
N ARG E 67 -1.60 0.62 47.31
CA ARG E 67 -1.13 1.93 47.75
C ARG E 67 -0.83 2.87 46.60
N PHE E 68 -0.78 2.35 45.36
CA PHE E 68 -0.71 3.18 44.16
C PHE E 68 -2.13 3.49 43.70
N SER E 69 -2.40 4.76 43.44
CA SER E 69 -3.69 5.17 42.88
C SER E 69 -3.50 6.35 41.94
N GLY E 70 -4.24 6.33 40.83
CA GLY E 70 -4.24 7.42 39.87
C GLY E 70 -5.56 8.16 39.90
N SER E 71 -5.50 9.49 39.77
CA SER E 71 -6.67 10.34 39.80
C SER E 71 -6.54 11.41 38.74
N GLY E 72 -7.64 12.14 38.52
CA GLY E 72 -7.70 13.17 37.52
C GLY E 72 -8.45 12.69 36.29
N SER E 73 -8.75 13.66 35.43
CA SER E 73 -9.48 13.38 34.20
C SER E 73 -9.32 14.55 33.27
N GLY E 74 -9.47 14.26 31.97
CA GLY E 74 -9.36 15.33 31.00
C GLY E 74 -7.93 15.70 30.67
N THR E 75 -7.37 16.72 31.35
CA THR E 75 -6.03 17.20 31.07
C THR E 75 -5.09 17.17 32.27
N ASP E 76 -5.60 17.03 33.48
CA ASP E 76 -4.77 17.14 34.67
C ASP E 76 -4.89 15.84 35.45
N PHE E 77 -3.76 15.17 35.63
CA PHE E 77 -3.72 13.82 36.19
C PHE E 77 -2.68 13.74 37.27
N THR E 78 -2.91 12.85 38.22
CA THR E 78 -2.03 12.75 39.37
C THR E 78 -1.84 11.30 39.77
N LEU E 79 -0.59 10.90 39.96
CA LEU E 79 -0.24 9.61 40.55
C LEU E 79 0.13 9.83 42.01
N THR E 80 -0.53 9.09 42.90
CA THR E 80 -0.30 9.17 44.34
C THR E 80 0.22 7.81 44.81
N ILE E 81 1.30 7.83 45.56
CA ILE E 81 1.86 6.62 46.16
C ILE E 81 1.76 6.80 47.67
N ASN E 82 0.81 6.10 48.29
CA ASN E 82 0.68 6.13 49.73
C ASN E 82 1.65 5.16 50.37
N SER E 83 1.96 5.42 51.65
CA SER E 83 2.81 4.57 52.47
C SER E 83 3.99 4.07 51.66
N LEU E 84 4.86 5.00 51.27
CA LEU E 84 5.99 4.70 50.40
C LEU E 84 6.87 3.61 50.98
N GLN E 85 7.29 2.67 50.13
CA GLN E 85 8.20 1.59 50.50
C GLN E 85 9.49 1.74 49.71
N ALA E 86 10.53 1.05 50.18
CA ALA E 86 11.87 1.25 49.60
C ALA E 86 11.94 0.87 48.12
N GLU E 87 11.22 -0.17 47.71
CA GLU E 87 11.30 -0.64 46.32
C GLU E 87 10.54 0.25 45.35
N ASP E 88 9.90 1.32 45.85
CA ASP E 88 9.18 2.25 44.99
C ASP E 88 10.10 3.24 44.30
N VAL E 89 11.39 3.22 44.60
CA VAL E 89 12.35 4.05 43.87
C VAL E 89 12.35 3.63 42.40
N ALA E 90 12.07 4.60 41.51
CA ALA E 90 11.87 4.39 40.09
C ALA E 90 11.68 5.77 39.45
N VAL E 91 11.61 5.79 38.12
CA VAL E 91 11.12 6.94 37.37
C VAL E 91 9.70 6.61 36.91
N TYR E 92 8.78 7.55 37.09
CA TYR E 92 7.38 7.35 36.78
C TYR E 92 6.98 8.17 35.55
N PHE E 93 6.41 7.49 34.57
CA PHE E 93 6.07 8.06 33.28
C PHE E 93 4.56 8.05 33.14
N CYS E 94 4.04 9.12 32.55
CA CYS E 94 2.67 9.12 32.07
C CYS E 94 2.67 8.93 30.56
N GLN E 95 1.53 8.49 30.03
CA GLN E 95 1.36 8.30 28.61
C GLN E 95 -0.09 8.50 28.24
N GLN E 96 -0.33 9.14 27.10
CA GLN E 96 -1.66 9.16 26.51
C GLN E 96 -1.73 8.15 25.37
N TYR E 97 -2.89 7.52 25.24
CA TYR E 97 -3.19 6.70 24.08
C TYR E 97 -4.52 7.13 23.49
N TYR E 98 -4.80 8.44 23.58
CA TYR E 98 -6.03 8.98 23.02
C TYR E 98 -5.96 9.05 21.50
N SER E 99 -4.80 9.45 20.96
CA SER E 99 -4.65 9.53 19.52
C SER E 99 -3.21 9.21 19.17
N SER E 100 -3.03 8.66 17.97
CA SER E 100 -1.71 8.38 17.44
C SER E 100 -1.07 9.68 16.95
N PRO E 101 0.25 9.85 17.14
CA PRO E 101 1.12 8.92 17.86
C PRO E 101 0.98 9.04 19.36
N ILE E 102 1.02 7.91 20.07
CA ILE E 102 1.01 7.96 21.52
C ILE E 102 2.23 8.72 22.00
N THR E 103 2.08 9.46 23.09
CA THR E 103 3.16 10.29 23.58
C THR E 103 3.31 10.09 25.07
N PHE E 104 4.54 10.21 25.55
CA PHE E 104 4.91 9.98 26.93
C PHE E 104 5.39 11.26 27.58
N GLY E 105 5.20 11.36 28.89
CA GLY E 105 5.85 12.40 29.64
C GLY E 105 7.35 12.18 29.72
N GLN E 106 8.05 13.25 30.12
CA GLN E 106 9.50 13.18 30.22
C GLN E 106 9.98 12.38 31.43
N GLY E 107 9.08 12.04 32.36
CA GLY E 107 9.45 11.26 33.52
C GLY E 107 9.66 12.05 34.81
N THR E 108 9.30 11.45 35.94
CA THR E 108 9.54 12.01 37.26
C THR E 108 10.32 11.00 38.09
N ARG E 109 11.48 11.41 38.57
CA ARG E 109 12.37 10.54 39.35
C ARG E 109 11.98 10.62 40.81
N LEU E 110 11.58 9.49 41.37
CA LEU E 110 11.20 9.38 42.77
C LEU E 110 12.39 8.86 43.58
N GLU E 111 12.84 9.65 44.54
CA GLU E 111 13.90 9.28 45.46
C GLU E 111 13.35 9.01 46.87
N ILE E 112 13.94 8.01 47.53
CA ILE E 112 13.55 7.62 48.88
C ILE E 112 14.44 8.34 49.88
N LYS E 113 13.81 9.03 50.84
CA LYS E 113 14.51 9.60 51.99
C LYS E 113 14.65 8.55 53.09
N ARG E 114 15.86 8.43 53.63
CA ARG E 114 16.19 7.39 54.60
C ARG E 114 17.04 8.01 55.70
N THR E 115 17.36 7.22 56.73
CA THR E 115 18.27 7.66 57.77
C THR E 115 19.69 7.76 57.21
N VAL E 116 20.49 8.62 57.83
CA VAL E 116 21.86 8.81 57.36
C VAL E 116 22.66 7.53 57.55
N ALA E 117 23.45 7.18 56.54
CA ALA E 117 24.31 6.01 56.59
C ALA E 117 25.71 6.40 56.12
N ALA E 118 26.73 6.09 56.94
CA ALA E 118 28.11 6.45 56.61
C ALA E 118 28.66 5.51 55.54
N PRO E 119 29.48 6.02 54.63
CA PRO E 119 30.04 5.15 53.59
C PRO E 119 31.19 4.30 54.12
N SER E 120 31.27 3.07 53.62
CA SER E 120 32.48 2.27 53.78
C SER E 120 33.44 2.64 52.66
N VAL E 121 34.68 2.95 53.02
CA VAL E 121 35.64 3.53 52.09
C VAL E 121 36.76 2.53 51.84
N PHE E 122 37.08 2.31 50.55
CA PHE E 122 38.15 1.44 50.12
C PHE E 122 38.94 2.15 49.05
N ILE E 123 40.26 1.91 49.01
CA ILE E 123 41.12 2.48 47.99
C ILE E 123 41.94 1.35 47.34
N PHE E 124 42.09 1.44 46.02
CA PHE E 124 42.77 0.41 45.22
C PHE E 124 43.87 1.10 44.42
N PRO E 125 45.12 0.65 44.54
CA PRO E 125 46.18 1.18 43.69
C PRO E 125 46.03 0.69 42.27
N PRO E 126 46.75 1.30 41.32
CA PRO E 126 46.75 0.75 39.95
C PRO E 126 47.43 -0.60 39.89
N SER E 127 46.91 -1.47 39.04
CA SER E 127 47.50 -2.78 38.86
C SER E 127 48.86 -2.68 38.17
N ASP E 128 49.72 -3.66 38.45
CA ASP E 128 50.97 -3.74 37.71
C ASP E 128 50.72 -3.92 36.21
N GLU E 129 49.65 -4.65 35.84
CA GLU E 129 49.35 -4.86 34.43
C GLU E 129 49.06 -3.54 33.73
N GLN E 130 48.27 -2.66 34.36
CA GLN E 130 47.94 -1.38 33.74
C GLN E 130 49.15 -0.47 33.64
N LEU E 131 50.06 -0.55 34.61
CA LEU E 131 51.21 0.34 34.62
C LEU E 131 52.11 0.11 33.41
N LYS E 132 52.19 -1.13 32.89
CA LYS E 132 53.03 -1.35 31.72
C LYS E 132 52.48 -0.69 30.46
N SER E 133 51.27 -0.12 30.52
CA SER E 133 50.68 0.55 29.38
C SER E 133 50.82 2.07 29.44
N GLY E 134 51.36 2.62 30.53
CA GLY E 134 51.65 4.03 30.56
C GLY E 134 50.66 4.89 31.33
N THR E 135 49.57 4.31 31.84
CA THR E 135 48.55 5.06 32.58
C THR E 135 48.25 4.38 33.91
N ALA E 136 47.95 5.20 34.92
CA ALA E 136 47.62 4.73 36.26
C ALA E 136 46.23 5.22 36.65
N SER E 137 45.36 4.28 37.01
CA SER E 137 44.05 4.58 37.56
C SER E 137 44.02 4.16 39.02
N VAL E 138 43.80 5.12 39.90
CA VAL E 138 43.60 4.87 41.33
C VAL E 138 42.10 5.03 41.61
N VAL E 139 41.54 4.07 42.34
CA VAL E 139 40.09 3.98 42.50
C VAL E 139 39.74 4.10 43.98
N CYS E 140 38.76 4.95 44.28
CA CYS E 140 38.23 5.11 45.63
C CYS E 140 36.75 4.72 45.66
N LEU E 141 36.39 3.87 46.61
CA LEU E 141 35.05 3.32 46.71
C LEU E 141 34.34 3.85 47.95
N LEU E 142 33.13 4.39 47.76
CA LEU E 142 32.23 4.78 48.85
C LEU E 142 31.04 3.82 48.79
N ASN E 143 30.90 2.96 49.78
CA ASN E 143 29.94 1.86 49.70
C ASN E 143 28.79 2.10 50.66
N ASN E 144 27.57 2.09 50.11
CA ASN E 144 26.32 1.97 50.87
C ASN E 144 26.14 3.12 51.87
N PHE E 145 25.90 4.31 51.31
CA PHE E 145 25.73 5.52 52.11
C PHE E 145 24.47 6.26 51.66
N TYR E 146 24.01 7.18 52.53
CA TYR E 146 22.90 8.09 52.28
C TYR E 146 23.11 9.30 53.17
N PRO E 147 22.89 10.54 52.67
CA PRO E 147 22.41 10.88 51.32
C PRO E 147 23.47 10.78 50.24
N ARG E 148 23.04 11.05 49.00
CA ARG E 148 23.94 10.94 47.85
C ARG E 148 25.02 12.01 47.87
N GLU E 149 24.71 13.17 48.45
CA GLU E 149 25.69 14.26 48.47
C GLU E 149 26.92 13.83 49.25
N ALA E 150 28.08 13.87 48.58
CA ALA E 150 29.33 13.51 49.22
C ALA E 150 30.46 14.21 48.47
N LYS E 151 31.54 14.51 49.21
CA LYS E 151 32.71 15.18 48.67
C LYS E 151 33.89 14.24 48.74
N VAL E 152 34.46 13.91 47.58
CA VAL E 152 35.66 13.10 47.49
C VAL E 152 36.78 13.98 46.96
N GLN E 153 37.90 13.99 47.68
CA GLN E 153 39.06 14.82 47.35
C GLN E 153 40.28 13.92 47.23
N TRP E 154 40.91 13.92 46.06
CA TRP E 154 42.14 13.16 45.84
C TRP E 154 43.33 14.02 46.24
N LYS E 155 44.25 13.41 47.00
CA LYS E 155 45.49 14.07 47.39
C LYS E 155 46.65 13.15 47.01
N VAL E 156 47.65 13.70 46.33
CA VAL E 156 48.85 12.98 45.93
C VAL E 156 50.00 13.75 46.58
N ASP E 157 50.64 13.11 47.57
CA ASP E 157 51.64 13.78 48.40
C ASP E 157 51.10 15.09 48.97
N ASN E 158 49.86 15.05 49.45
CA ASN E 158 49.14 16.16 50.07
C ASN E 158 48.81 17.29 49.11
N ALA E 159 48.96 17.08 47.79
CA ALA E 159 48.51 18.04 46.79
C ALA E 159 47.08 17.69 46.35
N LEU E 160 46.15 18.63 46.52
CA LEU E 160 44.78 18.43 46.11
C LEU E 160 44.69 18.42 44.58
N GLN E 161 43.99 17.42 44.04
CA GLN E 161 43.90 17.22 42.61
C GLN E 161 42.61 17.86 42.09
N SER E 162 42.64 18.25 40.81
CA SER E 162 41.44 18.74 40.15
C SER E 162 41.56 18.49 38.65
N GLY E 163 40.42 18.16 38.04
CA GLY E 163 40.38 17.98 36.61
C GLY E 163 40.83 16.64 36.09
N ASN E 164 41.33 15.76 36.96
CA ASN E 164 41.83 14.46 36.54
C ASN E 164 41.13 13.30 37.26
N SER E 165 39.94 13.52 37.79
CA SER E 165 39.17 12.46 38.43
C SER E 165 37.74 12.50 37.93
N GLN E 166 37.10 11.34 37.92
CA GLN E 166 35.70 11.22 37.54
C GLN E 166 34.96 10.31 38.50
N GLU E 167 33.67 10.59 38.69
CA GLU E 167 32.84 9.90 39.64
C GLU E 167 31.69 9.20 38.93
N SER E 168 31.27 8.08 39.51
CA SER E 168 30.08 7.36 39.06
C SER E 168 29.31 6.94 40.30
N VAL E 169 27.98 7.03 40.22
CA VAL E 169 27.10 6.77 41.35
C VAL E 169 26.10 5.69 40.96
N THR E 170 25.86 4.75 41.87
CA THR E 170 24.86 3.74 41.62
C THR E 170 23.46 4.31 41.76
N GLU E 171 22.49 3.60 41.16
CA GLU E 171 21.09 3.88 41.41
C GLU E 171 20.78 3.65 42.89
N GLN E 172 19.78 4.38 43.40
CA GLN E 172 19.42 4.21 44.79
C GLN E 172 18.96 2.77 45.01
N ASP E 173 19.48 2.15 46.08
CA ASP E 173 19.23 0.72 46.30
C ASP E 173 17.75 0.48 46.60
N SER E 174 17.19 -0.55 45.99
CA SER E 174 15.78 -0.81 46.12
C SER E 174 15.41 -1.46 47.46
N LYS E 175 16.41 -1.87 48.25
CA LYS E 175 16.16 -2.51 49.53
C LYS E 175 16.57 -1.67 50.73
N ASP E 176 17.78 -1.12 50.73
CA ASP E 176 18.21 -0.27 51.84
C ASP E 176 18.29 1.20 51.47
N SER E 177 17.91 1.57 50.24
CA SER E 177 17.78 2.97 49.84
C SER E 177 19.12 3.72 49.93
N THR E 178 20.23 3.01 49.83
CA THR E 178 21.55 3.62 49.85
C THR E 178 22.11 3.78 48.44
N TYR E 179 23.19 4.52 48.36
CA TYR E 179 23.98 4.70 47.14
C TYR E 179 25.37 4.13 47.36
N SER E 180 26.06 3.84 46.26
CA SER E 180 27.48 3.60 46.28
C SER E 180 28.13 4.47 45.21
N LEU E 181 29.38 4.85 45.45
CA LEU E 181 30.06 5.82 44.60
C LEU E 181 31.51 5.42 44.38
N SER E 182 31.98 5.57 43.13
CA SER E 182 33.39 5.36 42.79
C SER E 182 33.99 6.65 42.23
N SER E 183 35.19 6.99 42.68
CA SER E 183 35.98 8.08 42.11
C SER E 183 37.27 7.52 41.55
N THR E 184 37.55 7.82 40.28
CA THR E 184 38.70 7.28 39.58
C THR E 184 39.67 8.40 39.22
N LEU E 185 40.88 8.32 39.77
CA LEU E 185 41.96 9.25 39.47
C LEU E 185 42.82 8.67 38.37
N THR E 186 42.98 9.40 37.28
CA THR E 186 43.71 8.93 36.11
C THR E 186 44.94 9.80 35.90
N LEU E 187 46.11 9.16 36.00
CA LEU E 187 47.40 9.82 35.80
C LEU E 187 48.22 9.00 34.81
N SER E 188 49.13 9.68 34.11
CA SER E 188 50.13 8.99 33.32
C SER E 188 51.09 8.22 34.23
N LYS E 189 51.67 7.14 33.69
CA LYS E 189 52.64 6.37 34.45
C LYS E 189 53.78 7.26 34.90
N ALA E 190 54.20 8.19 34.04
CA ALA E 190 55.29 9.10 34.37
C ALA E 190 54.97 9.90 35.62
N ASP E 191 53.75 10.44 35.69
CA ASP E 191 53.35 11.25 36.85
C ASP E 191 53.18 10.38 38.10
N TYR E 192 52.61 9.18 37.94
CA TYR E 192 52.36 8.31 39.09
C TYR E 192 53.65 7.91 39.79
N GLU E 193 54.70 7.61 39.04
CA GLU E 193 55.94 7.20 39.67
C GLU E 193 56.72 8.35 40.28
N LYS E 194 56.31 9.59 40.03
CA LYS E 194 56.99 10.74 40.61
C LYS E 194 56.63 10.98 42.07
N HIS E 195 55.56 10.37 42.57
CA HIS E 195 55.04 10.65 43.91
C HIS E 195 54.82 9.34 44.66
N LYS E 196 54.62 9.46 45.98
CA LYS E 196 54.59 8.30 46.88
C LYS E 196 53.24 8.05 47.51
N VAL E 197 52.68 9.02 48.23
CA VAL E 197 51.51 8.80 49.07
C VAL E 197 50.25 9.21 48.31
N TYR E 198 49.36 8.24 48.10
CA TYR E 198 48.10 8.45 47.41
C TYR E 198 46.98 8.28 48.41
N ALA E 199 46.15 9.31 48.56
CA ALA E 199 45.11 9.35 49.58
C ALA E 199 43.78 9.76 48.96
N CYS E 200 42.72 9.16 49.48
CA CYS E 200 41.34 9.49 49.12
C CYS E 200 40.68 10.02 50.38
N GLU E 201 40.26 11.29 50.34
CA GLU E 201 39.61 11.92 51.48
C GLU E 201 38.12 12.06 51.18
N VAL E 202 37.30 11.52 52.07
CA VAL E 202 35.85 11.45 51.87
C VAL E 202 35.19 12.35 52.91
N THR E 203 34.31 13.22 52.45
CA THR E 203 33.52 14.08 53.32
C THR E 203 32.05 13.68 53.17
N HIS E 204 31.38 13.44 54.27
CA HIS E 204 29.99 13.00 54.20
C HIS E 204 29.28 13.38 55.49
N GLN E 205 27.96 13.59 55.38
CA GLN E 205 27.17 14.03 56.54
C GLN E 205 27.23 13.03 57.69
N GLY E 206 27.37 11.74 57.38
CA GLY E 206 27.43 10.69 58.37
C GLY E 206 28.75 10.49 59.07
N LEU E 207 29.76 11.28 58.74
CA LEU E 207 31.08 11.19 59.37
C LEU E 207 31.33 12.43 60.21
N SER E 208 31.72 12.23 61.48
CA SER E 208 32.00 13.35 62.36
C SER E 208 33.24 14.12 61.93
N SER E 209 34.11 13.50 61.13
CA SER E 209 35.26 14.13 60.52
C SER E 209 35.57 13.38 59.24
N PRO E 210 36.18 14.03 58.24
CA PRO E 210 36.46 13.35 56.98
C PRO E 210 37.36 12.12 57.16
N VAL E 211 37.09 11.10 56.33
CA VAL E 211 37.80 9.82 56.41
C VAL E 211 38.80 9.74 55.28
N THR E 212 40.03 9.29 55.58
CA THR E 212 41.11 9.19 54.62
C THR E 212 41.60 7.75 54.49
N LYS E 213 41.70 7.27 53.25
CA LYS E 213 42.32 5.98 52.92
C LYS E 213 43.55 6.20 52.05
N SER E 214 44.62 5.46 52.32
CA SER E 214 45.90 5.71 51.65
C SER E 214 46.67 4.41 51.40
N PHE E 215 47.65 4.50 50.52
CA PHE E 215 48.64 3.44 50.31
C PHE E 215 49.96 4.08 49.91
N ASN E 216 51.04 3.31 50.05
CA ASN E 216 52.37 3.71 49.62
C ASN E 216 52.73 3.01 48.32
N ARG E 217 53.93 3.30 47.82
CA ARG E 217 54.49 2.71 46.59
C ARG E 217 53.75 3.27 45.37
N GLU F 1 3.99 -17.55 31.61
CA GLU F 1 3.87 -16.09 31.54
C GLU F 1 4.36 -15.48 30.23
N VAL F 2 3.89 -14.27 29.98
CA VAL F 2 4.26 -13.55 28.77
C VAL F 2 5.69 -13.03 28.89
N GLN F 3 6.51 -13.30 27.87
CA GLN F 3 7.88 -12.83 27.83
C GLN F 3 8.17 -12.23 26.46
N LEU F 4 8.95 -11.17 26.46
CA LEU F 4 9.41 -10.51 25.25
C LEU F 4 10.92 -10.34 25.36
N LEU F 5 11.64 -10.70 24.31
CA LEU F 5 13.09 -10.65 24.36
C LEU F 5 13.64 -10.03 23.08
N GLU F 6 14.30 -8.87 23.21
CA GLU F 6 14.91 -8.20 22.08
C GLU F 6 16.33 -8.70 21.84
N SER F 7 16.79 -8.52 20.61
CA SER F 7 18.15 -8.81 20.21
C SER F 7 18.44 -8.04 18.94
N GLY F 8 19.72 -7.92 18.59
CA GLY F 8 20.10 -7.32 17.33
C GLY F 8 20.75 -5.98 17.45
N GLY F 9 20.79 -5.41 18.64
CA GLY F 9 21.38 -4.11 18.82
C GLY F 9 22.89 -4.13 18.69
N GLY F 10 23.43 -2.94 18.40
CA GLY F 10 24.87 -2.79 18.31
C GLY F 10 25.24 -1.44 17.74
N LEU F 11 26.48 -1.35 17.30
CA LEU F 11 27.04 -0.15 16.69
C LEU F 11 26.79 -0.16 15.19
N VAL F 12 26.31 0.97 14.66
CA VAL F 12 26.02 1.14 13.24
C VAL F 12 26.63 2.46 12.79
N GLN F 13 27.34 2.45 11.67
CA GLN F 13 27.78 3.73 11.11
C GLN F 13 26.57 4.53 10.65
N PRO F 14 26.65 5.86 10.66
CA PRO F 14 25.53 6.64 10.12
C PRO F 14 25.23 6.25 8.68
N GLY F 15 23.94 6.14 8.37
CA GLY F 15 23.44 5.68 7.09
C GLY F 15 23.34 4.19 6.92
N GLY F 16 23.89 3.41 7.83
CA GLY F 16 23.84 1.97 7.73
C GLY F 16 22.53 1.41 8.20
N SER F 17 22.45 0.08 8.19
CA SER F 17 21.20 -0.63 8.44
C SER F 17 21.36 -1.60 9.61
N LEU F 18 20.26 -1.83 10.33
CA LEU F 18 20.22 -2.74 11.46
C LEU F 18 18.82 -3.33 11.62
N ARG F 19 18.74 -4.60 11.95
CA ARG F 19 17.44 -5.22 12.21
C ARG F 19 17.37 -5.75 13.64
N LEU F 20 16.38 -5.24 14.38
CA LEU F 20 16.08 -5.69 15.74
C LEU F 20 15.03 -6.78 15.68
N SER F 21 15.15 -7.75 16.58
CA SER F 21 14.21 -8.85 16.66
C SER F 21 13.62 -8.90 18.06
N CYS F 22 12.45 -9.50 18.14
CA CYS F 22 11.76 -9.66 19.42
C CYS F 22 11.05 -11.01 19.39
N GLY F 23 11.50 -11.94 20.23
CA GLY F 23 10.82 -13.21 20.38
C GLY F 23 9.78 -13.11 21.48
N ALA F 24 8.59 -13.66 21.22
CA ALA F 24 7.49 -13.64 22.14
C ALA F 24 7.11 -15.05 22.55
N SER F 25 6.58 -15.18 23.76
CA SER F 25 6.08 -16.45 24.26
C SER F 25 5.03 -16.17 25.31
N GLY F 26 4.18 -17.17 25.56
CA GLY F 26 3.19 -17.07 26.63
C GLY F 26 1.84 -16.53 26.24
N PHE F 27 1.59 -16.32 24.95
CA PHE F 27 0.30 -15.86 24.48
C PHE F 27 0.17 -16.21 23.01
N ILE F 28 -1.07 -16.26 22.53
CA ILE F 28 -1.32 -16.51 21.13
C ILE F 28 -0.87 -15.27 20.35
N PHE F 29 0.34 -15.35 19.79
CA PHE F 29 1.04 -14.17 19.28
C PHE F 29 0.19 -13.41 18.25
N GLY F 30 -0.37 -14.14 17.28
CA GLY F 30 -1.12 -13.47 16.24
C GLY F 30 -2.33 -12.71 16.71
N HIS F 31 -2.72 -12.84 17.98
CA HIS F 31 -3.91 -12.15 18.45
C HIS F 31 -3.63 -10.73 18.92
N TYR F 32 -2.38 -10.32 19.05
CA TYR F 32 -2.05 -9.07 19.73
C TYR F 32 -1.14 -8.21 18.87
N ALA F 33 -1.50 -6.93 18.74
CA ALA F 33 -0.61 -5.98 18.09
C ALA F 33 0.66 -5.81 18.92
N MET F 34 1.77 -5.53 18.24
CA MET F 34 3.07 -5.35 18.86
C MET F 34 3.66 -4.00 18.43
N SER F 35 4.46 -3.41 19.30
CA SER F 35 5.05 -2.11 19.02
C SER F 35 6.51 -2.08 19.43
N TRP F 36 7.23 -1.12 18.87
CA TRP F 36 8.59 -0.81 19.26
C TRP F 36 8.60 0.60 19.82
N VAL F 37 9.19 0.76 20.99
CA VAL F 37 9.30 2.05 21.65
C VAL F 37 10.75 2.26 21.96
N ARG F 38 11.25 3.47 21.77
CA ARG F 38 12.65 3.75 22.02
C ARG F 38 12.78 4.87 23.04
N GLN F 39 13.97 4.94 23.66
CA GLN F 39 14.26 5.91 24.72
C GLN F 39 15.67 6.43 24.49
N ALA F 40 15.76 7.64 23.98
CA ALA F 40 17.02 8.28 23.65
C ALA F 40 17.70 8.79 24.91
N PRO F 41 19.04 9.02 24.85
CA PRO F 41 19.77 9.41 26.07
C PRO F 41 19.16 10.59 26.82
N GLN F 42 18.70 11.61 26.12
CA GLN F 42 18.11 12.77 26.77
C GLN F 42 16.64 13.02 26.46
N LYS F 43 16.06 12.32 25.47
CA LYS F 43 14.76 12.68 24.92
C LYS F 43 13.58 11.82 25.42
N GLY F 44 13.71 11.15 26.56
CA GLY F 44 12.58 10.36 27.08
C GLY F 44 12.05 9.28 26.11
N LEU F 45 10.83 8.81 26.38
CA LEU F 45 10.23 7.74 25.59
C LEU F 45 9.53 8.26 24.34
N GLU F 46 9.78 7.57 23.22
CA GLU F 46 9.22 7.89 21.92
C GLU F 46 8.77 6.60 21.24
N TRP F 47 7.48 6.45 21.03
CA TRP F 47 6.97 5.33 20.26
C TRP F 47 7.46 5.43 18.82
N VAL F 48 7.82 4.29 18.25
CA VAL F 48 8.46 4.21 16.95
C VAL F 48 7.52 3.61 15.91
N SER F 49 6.90 2.47 16.22
CA SER F 49 6.24 1.70 15.20
C SER F 49 5.36 0.65 15.84
N GLY F 50 4.21 0.37 15.22
CA GLY F 50 3.33 -0.68 15.69
C GLY F 50 2.80 -1.49 14.52
N ILE F 51 2.44 -2.74 14.82
CA ILE F 51 1.94 -3.67 13.82
C ILE F 51 0.76 -4.44 14.40
N SER F 52 -0.29 -4.62 13.59
CA SER F 52 -1.44 -5.36 14.05
C SER F 52 -1.10 -6.85 14.20
N GLY F 53 -2.03 -7.59 14.82
CA GLY F 53 -1.78 -9.00 15.09
C GLY F 53 -1.42 -9.80 13.85
N GLY F 54 -2.19 -9.66 12.78
CA GLY F 54 -1.92 -10.36 11.55
C GLY F 54 -0.86 -9.72 10.67
N GLY F 55 -0.40 -8.52 11.04
CA GLY F 55 0.61 -7.85 10.25
C GLY F 55 0.09 -7.07 9.05
N GLU F 56 -1.23 -7.05 8.84
CA GLU F 56 -1.85 -6.40 7.69
C GLU F 56 -1.91 -4.88 7.83
N SER F 57 -1.75 -4.34 9.05
CA SER F 57 -1.81 -2.90 9.34
C SER F 57 -0.54 -2.47 10.04
N THR F 58 0.05 -1.37 9.58
CA THR F 58 1.25 -0.83 10.23
C THR F 58 1.10 0.68 10.41
N ASN F 59 1.86 1.19 11.37
CA ASN F 59 1.85 2.61 11.72
C ASN F 59 3.26 2.96 12.17
N TYR F 60 3.68 4.20 11.91
CA TYR F 60 5.04 4.65 12.19
C TYR F 60 5.05 6.10 12.66
N ALA F 61 6.00 6.41 13.54
CA ALA F 61 6.31 7.79 13.85
C ALA F 61 6.91 8.49 12.63
N ASP F 62 6.59 9.77 12.45
CA ASP F 62 7.09 10.48 11.28
C ASP F 62 8.61 10.47 11.19
N SER F 63 9.30 10.50 12.33
CA SER F 63 10.75 10.62 12.32
C SER F 63 11.43 9.38 11.75
N VAL F 64 10.72 8.27 11.65
CA VAL F 64 11.31 7.04 11.15
C VAL F 64 10.61 6.53 9.90
N LYS F 65 9.59 7.23 9.42
CA LYS F 65 8.85 6.76 8.26
C LYS F 65 9.79 6.58 7.08
N GLY F 66 9.61 5.45 6.39
CA GLY F 66 10.37 5.15 5.20
C GLY F 66 11.73 4.55 5.44
N ARG F 67 12.31 4.76 6.62
CA ARG F 67 13.59 4.16 6.93
C ARG F 67 13.44 2.92 7.77
N PHE F 68 12.40 2.90 8.61
CA PHE F 68 12.06 1.76 9.46
C PHE F 68 10.89 0.99 8.86
N THR F 69 10.96 -0.32 8.98
CA THR F 69 9.89 -1.23 8.58
C THR F 69 9.69 -2.25 9.69
N ILE F 70 8.46 -2.36 10.14
CA ILE F 70 8.08 -3.33 11.15
C ILE F 70 7.44 -4.51 10.43
N SER F 71 7.68 -5.71 10.91
CA SER F 71 7.11 -6.91 10.34
C SER F 71 7.05 -7.95 11.45
N ARG F 72 6.35 -9.05 11.18
CA ARG F 72 6.16 -10.04 12.21
C ARG F 72 5.95 -11.41 11.59
N ASP F 73 6.39 -12.44 12.31
CA ASP F 73 6.31 -13.84 11.89
C ASP F 73 5.41 -14.57 12.88
N ASN F 74 4.19 -14.87 12.46
CA ASN F 74 3.19 -15.48 13.34
C ASN F 74 3.34 -16.99 13.50
N SER F 75 4.42 -17.58 12.97
CA SER F 75 4.81 -18.94 13.31
C SER F 75 6.01 -18.99 14.23
N ARG F 76 7.05 -18.21 13.92
CA ARG F 76 8.21 -18.06 14.79
C ARG F 76 7.92 -17.19 16.01
N ASN F 77 6.78 -16.50 16.05
CA ASN F 77 6.41 -15.62 17.17
C ASN F 77 7.47 -14.55 17.38
N THR F 78 7.74 -13.80 16.31
CA THR F 78 8.79 -12.79 16.31
C THR F 78 8.30 -11.46 15.73
N VAL F 79 8.80 -10.37 16.28
CA VAL F 79 8.57 -9.02 15.74
C VAL F 79 9.92 -8.48 15.29
N TYR F 80 9.93 -7.81 14.15
CA TYR F 80 11.17 -7.28 13.60
C TYR F 80 11.05 -5.79 13.39
N LEU F 81 12.16 -5.08 13.58
CA LEU F 81 12.28 -3.67 13.21
C LEU F 81 13.47 -3.55 12.28
N GLN F 82 13.19 -3.37 10.98
CA GLN F 82 14.23 -3.16 10.01
C GLN F 82 14.54 -1.68 9.93
N MET F 83 15.79 -1.31 10.18
CA MET F 83 16.19 0.09 10.16
C MET F 83 17.21 0.28 9.04
N ASN F 84 16.87 1.11 8.07
CA ASN F 84 17.80 1.53 7.04
C ASN F 84 18.03 3.02 7.20
N SER F 85 19.09 3.52 6.57
CA SER F 85 19.41 4.94 6.58
C SER F 85 19.44 5.50 7.99
N LEU F 86 20.11 4.77 8.90
CA LEU F 86 20.11 5.15 10.30
C LEU F 86 20.87 6.46 10.51
N ARG F 87 20.36 7.28 11.42
CA ARG F 87 20.93 8.58 11.76
C ARG F 87 21.40 8.56 13.20
N ALA F 88 22.25 9.54 13.53
CA ALA F 88 22.74 9.64 14.90
C ALA F 88 21.60 9.69 15.91
N GLU F 89 20.55 10.45 15.60
CA GLU F 89 19.45 10.61 16.56
C GLU F 89 18.62 9.35 16.73
N ASP F 90 18.87 8.29 15.96
CA ASP F 90 18.22 7.03 16.25
C ASP F 90 18.90 6.26 17.37
N THR F 91 20.02 6.76 17.88
CA THR F 91 20.66 6.13 19.02
C THR F 91 19.69 6.15 20.18
N ALA F 92 19.35 4.96 20.68
CA ALA F 92 18.40 4.82 21.78
C ALA F 92 18.38 3.37 22.24
N ILE F 93 17.78 3.15 23.40
CA ILE F 93 17.35 1.82 23.81
C ILE F 93 16.01 1.52 23.14
N TYR F 94 15.95 0.43 22.40
CA TYR F 94 14.74 0.06 21.68
C TYR F 94 14.03 -1.04 22.44
N TYR F 95 12.77 -0.80 22.77
CA TYR F 95 11.98 -1.75 23.54
C TYR F 95 10.92 -2.37 22.65
N CYS F 96 10.61 -3.62 22.97
CA CYS F 96 9.53 -4.36 22.37
C CYS F 96 8.37 -4.31 23.37
N ALA F 97 7.16 -4.01 22.89
CA ALA F 97 6.03 -3.92 23.80
C ALA F 97 4.78 -4.51 23.16
N LYS F 98 3.94 -5.12 24.00
CA LYS F 98 2.76 -5.84 23.59
C LYS F 98 1.49 -5.04 23.90
N ASP F 99 0.56 -5.05 22.96
CA ASP F 99 -0.78 -4.51 23.18
C ASP F 99 -1.49 -5.37 24.22
N PRO F 100 -1.91 -4.79 25.36
CA PRO F 100 -2.41 -5.63 26.45
C PRO F 100 -3.77 -6.25 26.19
N GLY F 101 -4.61 -5.58 25.43
CA GLY F 101 -5.98 -6.02 25.30
C GLY F 101 -6.21 -6.78 24.02
N GLY F 102 -5.34 -6.56 23.04
CA GLY F 102 -5.54 -7.18 21.75
C GLY F 102 -4.91 -6.39 20.64
N ASP F 103 -5.75 -5.89 19.74
CA ASP F 103 -5.32 -5.31 18.48
C ASP F 103 -5.89 -3.91 18.30
N SER F 104 -5.42 -2.94 19.09
CA SER F 104 -5.91 -1.58 18.95
C SER F 104 -5.39 -0.93 17.66
N SER F 105 -6.22 -0.06 17.07
CA SER F 105 -6.01 0.69 15.83
C SER F 105 -5.97 2.20 16.09
N PRO F 106 -5.06 2.93 15.44
CA PRO F 106 -3.98 2.38 14.61
C PRO F 106 -3.00 1.64 15.49
N ALA F 107 -2.23 0.71 14.94
CA ALA F 107 -1.31 -0.08 15.73
C ALA F 107 -0.47 0.79 16.64
N GLY F 108 -0.46 0.46 17.92
CA GLY F 108 0.29 1.17 18.92
C GLY F 108 -0.51 2.16 19.74
N ARG F 109 -1.76 2.44 19.39
CA ARG F 109 -2.56 3.41 20.13
C ARG F 109 -3.16 2.69 21.34
N THR F 110 -2.30 2.49 22.35
CA THR F 110 -2.67 1.78 23.56
C THR F 110 -1.55 1.99 24.56
N TRP F 111 -1.80 1.59 25.81
CA TRP F 111 -0.67 1.37 26.72
C TRP F 111 -0.09 -0.02 26.47
N PHE F 112 1.05 -0.32 27.08
CA PHE F 112 1.73 -1.57 26.76
C PHE F 112 2.02 -2.39 28.01
N ASP F 113 1.81 -3.69 27.90
CA ASP F 113 2.17 -4.57 28.98
C ASP F 113 2.25 -5.98 28.42
N PRO F 114 3.41 -6.65 28.47
CA PRO F 114 4.65 -6.10 29.03
C PRO F 114 5.60 -5.50 28.00
N TRP F 115 6.78 -5.10 28.49
CA TRP F 115 7.84 -4.61 27.65
C TRP F 115 9.02 -5.58 27.70
N GLY F 116 9.81 -5.62 26.63
CA GLY F 116 11.02 -6.41 26.66
C GLY F 116 12.10 -5.66 27.40
N GLN F 117 13.26 -6.32 27.54
CA GLN F 117 14.31 -5.74 28.37
C GLN F 117 14.98 -4.55 27.68
N GLY F 118 14.83 -4.42 26.37
CA GLY F 118 15.46 -3.34 25.63
C GLY F 118 16.81 -3.75 25.07
N THR F 119 17.13 -3.21 23.89
CA THR F 119 18.42 -3.44 23.26
C THR F 119 18.96 -2.10 22.78
N LEU F 120 20.24 -1.83 23.04
CA LEU F 120 20.82 -0.52 22.73
C LEU F 120 21.27 -0.49 21.27
N VAL F 121 20.84 0.55 20.55
CA VAL F 121 21.27 0.79 19.18
C VAL F 121 22.07 2.09 19.18
N THR F 122 23.35 2.02 18.80
CA THR F 122 24.22 3.18 18.78
C THR F 122 24.60 3.47 17.34
N VAL F 123 24.24 4.65 16.85
CA VAL F 123 24.56 5.06 15.49
C VAL F 123 25.65 6.11 15.56
N SER F 124 26.85 5.73 15.11
CA SER F 124 28.03 6.57 15.27
C SER F 124 29.10 6.17 14.26
N SER F 125 29.92 7.14 13.89
CA SER F 125 31.08 6.87 13.04
C SER F 125 32.28 6.40 13.84
N ALA F 126 32.16 6.40 15.17
CA ALA F 126 33.23 5.89 16.01
C ALA F 126 33.36 4.38 15.83
N SER F 127 34.58 3.90 16.03
CA SER F 127 34.86 2.49 15.87
C SER F 127 34.69 1.74 17.18
N THR F 128 34.37 0.45 17.06
CA THR F 128 34.26 -0.41 18.22
C THR F 128 35.63 -0.55 18.90
N LYS F 129 35.64 -0.59 20.22
CA LYS F 129 36.87 -0.90 20.94
C LYS F 129 36.54 -1.73 22.16
N GLY F 130 37.21 -2.86 22.30
CA GLY F 130 37.01 -3.72 23.44
C GLY F 130 37.71 -3.16 24.63
N PRO F 131 37.30 -3.56 25.83
CA PRO F 131 37.86 -3.00 27.05
C PRO F 131 39.16 -3.68 27.47
N SER F 132 39.96 -2.91 28.19
CA SER F 132 41.02 -3.45 29.04
C SER F 132 40.42 -3.68 30.41
N VAL F 133 40.77 -4.81 31.03
CA VAL F 133 40.25 -5.16 32.35
C VAL F 133 41.43 -5.25 33.31
N PHE F 134 41.35 -4.53 34.42
CA PHE F 134 42.43 -4.52 35.39
C PHE F 134 41.86 -4.89 36.76
N PRO F 135 42.63 -5.60 37.58
CA PRO F 135 42.11 -5.98 38.90
C PRO F 135 42.12 -4.80 39.86
N LEU F 136 41.13 -4.79 40.75
CA LEU F 136 41.11 -3.94 41.94
C LEU F 136 41.43 -4.86 43.12
N ALA F 137 42.72 -5.00 43.42
CA ALA F 137 43.16 -5.96 44.42
C ALA F 137 42.93 -5.41 45.83
N PRO F 138 42.48 -6.24 46.77
CA PRO F 138 42.34 -5.82 48.18
C PRO F 138 43.68 -5.69 48.89
N GLY F 146 34.68 -5.67 58.51
CA GLY F 146 35.16 -7.00 58.85
C GLY F 146 35.43 -7.87 57.64
N THR F 147 35.00 -7.40 56.46
CA THR F 147 35.09 -8.11 55.19
C THR F 147 35.70 -7.19 54.15
N ALA F 148 36.65 -7.72 53.37
CA ALA F 148 37.39 -6.94 52.40
C ALA F 148 36.62 -6.82 51.10
N ALA F 149 37.03 -5.85 50.28
CA ALA F 149 36.41 -5.59 48.98
C ALA F 149 37.43 -5.74 47.86
N LEU F 150 36.95 -6.26 46.72
CA LEU F 150 37.76 -6.40 45.52
C LEU F 150 36.89 -6.12 44.32
N GLY F 151 37.52 -6.01 43.15
CA GLY F 151 36.74 -5.75 41.96
C GLY F 151 37.61 -5.68 40.72
N CYS F 152 36.98 -5.25 39.63
CA CYS F 152 37.60 -5.14 38.32
C CYS F 152 37.35 -3.76 37.73
N LEU F 153 38.39 -3.18 37.14
CA LEU F 153 38.29 -1.92 36.43
C LEU F 153 38.21 -2.19 34.93
N VAL F 154 37.10 -1.81 34.32
CA VAL F 154 36.82 -2.08 32.92
C VAL F 154 36.96 -0.77 32.16
N LYS F 155 38.11 -0.58 31.51
CA LYS F 155 38.55 0.72 31.00
C LYS F 155 38.65 0.73 29.48
N ASP F 156 38.23 1.85 28.88
CA ASP F 156 38.46 2.18 27.48
C ASP F 156 37.73 1.28 26.48
N TYR F 157 36.41 1.33 26.46
CA TYR F 157 35.63 0.54 25.52
C TYR F 157 34.57 1.41 24.85
N PHE F 158 34.10 0.94 23.70
CA PHE F 158 33.03 1.63 23.00
C PHE F 158 32.37 0.63 22.06
N PRO F 159 31.05 0.64 21.94
CA PRO F 159 30.13 1.48 22.72
C PRO F 159 29.69 0.72 23.96
N GLU F 160 28.67 1.23 24.65
CA GLU F 160 28.00 0.44 25.66
C GLU F 160 27.29 -0.74 24.98
N PRO F 161 26.99 -1.82 25.73
CA PRO F 161 27.23 -2.07 27.14
C PRO F 161 28.31 -3.11 27.43
N VAL F 162 28.68 -3.22 28.69
CA VAL F 162 29.42 -4.37 29.18
C VAL F 162 28.61 -4.98 30.33
N THR F 163 28.69 -6.29 30.45
CA THR F 163 28.15 -7.00 31.59
C THR F 163 29.31 -7.63 32.37
N VAL F 164 29.22 -7.60 33.69
CA VAL F 164 30.26 -8.13 34.55
C VAL F 164 29.65 -9.13 35.51
N SER F 165 30.15 -10.37 35.47
CA SER F 165 29.79 -11.39 36.45
C SER F 165 31.04 -11.85 37.20
N TRP F 166 30.82 -12.63 38.26
CA TRP F 166 31.92 -13.09 39.10
C TRP F 166 31.89 -14.61 39.20
N ASN F 167 33.06 -15.23 38.94
CA ASN F 167 33.19 -16.69 38.97
C ASN F 167 32.11 -17.35 38.13
N SER F 168 31.94 -16.82 36.92
CA SER F 168 30.96 -17.34 35.96
C SER F 168 29.57 -17.40 36.59
N GLY F 169 29.27 -16.42 37.44
CA GLY F 169 27.96 -16.29 38.03
C GLY F 169 27.80 -16.85 39.42
N ALA F 170 28.83 -17.51 39.97
CA ALA F 170 28.70 -18.10 41.30
C ALA F 170 28.69 -17.07 42.43
N LEU F 171 29.21 -15.87 42.20
CA LEU F 171 29.24 -14.82 43.20
C LEU F 171 28.35 -13.66 42.73
N THR F 172 27.31 -13.36 43.50
CA THR F 172 26.36 -12.30 43.15
C THR F 172 26.10 -11.38 44.34
N SER F 173 26.19 -11.92 45.55
CA SER F 173 25.89 -11.14 46.75
C SER F 173 26.92 -10.03 46.95
N GLY F 174 26.43 -8.82 47.24
CA GLY F 174 27.30 -7.70 47.59
C GLY F 174 27.98 -7.02 46.42
N VAL F 175 27.56 -7.32 45.19
CA VAL F 175 28.18 -6.81 43.97
C VAL F 175 27.57 -5.46 43.64
N HIS F 176 28.41 -4.49 43.29
CA HIS F 176 27.99 -3.20 42.75
C HIS F 176 28.72 -2.99 41.42
N THR F 177 27.99 -2.97 40.31
CA THR F 177 28.60 -2.63 39.02
C THR F 177 28.18 -1.20 38.69
N PHE F 178 29.14 -0.27 38.67
CA PHE F 178 28.86 1.14 38.54
C PHE F 178 28.49 1.52 37.11
N PRO F 179 27.67 2.56 36.95
CA PRO F 179 27.38 3.08 35.61
C PRO F 179 28.65 3.54 34.90
N ALA F 180 28.67 3.34 33.58
CA ALA F 180 29.80 3.79 32.78
C ALA F 180 29.89 5.31 32.78
N VAL F 181 31.12 5.79 32.76
CA VAL F 181 31.42 7.22 32.62
C VAL F 181 32.10 7.41 31.29
N LEU F 182 31.71 8.45 30.56
CA LEU F 182 32.33 8.76 29.28
C LEU F 182 33.60 9.57 29.52
N GLN F 183 34.73 9.03 29.07
CA GLN F 183 35.98 9.74 29.25
C GLN F 183 36.14 10.79 28.15
N SER F 184 37.10 11.69 28.37
CA SER F 184 37.39 12.73 27.38
C SER F 184 37.85 12.14 26.07
N SER F 185 38.33 10.90 26.09
CA SER F 185 38.77 10.19 24.89
C SER F 185 37.62 9.69 24.02
N GLY F 186 36.38 9.85 24.47
CA GLY F 186 35.26 9.26 23.78
C GLY F 186 35.02 7.80 24.11
N LEU F 187 35.80 7.23 25.02
CA LEU F 187 35.66 5.84 25.42
C LEU F 187 35.03 5.76 26.81
N TYR F 188 34.26 4.71 27.04
CA TYR F 188 33.62 4.46 28.32
C TYR F 188 34.58 3.74 29.26
N SER F 189 34.28 3.85 30.55
CA SER F 189 35.05 3.16 31.58
C SER F 189 34.14 2.95 32.78
N LEU F 190 34.29 1.80 33.44
CA LEU F 190 33.52 1.57 34.67
C LEU F 190 34.30 0.64 35.58
N SER F 191 33.82 0.54 36.80
CA SER F 191 34.39 -0.36 37.79
C SER F 191 33.29 -1.25 38.31
N SER F 192 33.62 -2.50 38.57
CA SER F 192 32.70 -3.43 39.21
C SER F 192 33.36 -3.93 40.49
N VAL F 193 32.67 -3.77 41.61
CA VAL F 193 33.23 -4.11 42.90
C VAL F 193 32.32 -5.15 43.56
N VAL F 194 32.90 -5.90 44.49
CA VAL F 194 32.19 -6.91 45.27
C VAL F 194 32.90 -7.05 46.60
N THR F 195 32.11 -7.24 47.67
CA THR F 195 32.66 -7.47 49.00
C THR F 195 32.54 -8.96 49.34
N VAL F 196 33.61 -9.52 49.89
CA VAL F 196 33.66 -10.96 50.18
C VAL F 196 34.24 -11.18 51.57
N PRO F 197 33.96 -12.34 52.17
CA PRO F 197 34.58 -12.67 53.46
C PRO F 197 36.09 -12.61 53.41
N SER F 198 36.69 -11.97 54.41
CA SER F 198 38.15 -11.85 54.46
C SER F 198 38.80 -13.21 54.63
N SER F 199 38.11 -14.16 55.27
CA SER F 199 38.64 -15.50 55.47
C SER F 199 38.76 -16.31 54.17
N SER F 200 38.14 -15.87 53.08
CA SER F 200 38.15 -16.62 51.82
C SER F 200 39.20 -16.14 50.83
N LEU F 201 39.91 -15.04 51.15
CA LEU F 201 40.82 -14.43 50.18
C LEU F 201 41.91 -15.40 49.73
N GLY F 202 42.52 -16.13 50.66
CA GLY F 202 43.66 -16.93 50.29
C GLY F 202 43.34 -18.20 49.52
N THR F 203 42.10 -18.69 49.60
CA THR F 203 41.77 -20.01 49.09
C THR F 203 40.71 -20.04 48.01
N GLN F 204 39.83 -19.04 47.94
CA GLN F 204 38.79 -18.99 46.93
C GLN F 204 39.28 -18.15 45.76
N THR F 205 39.18 -18.72 44.56
CA THR F 205 39.62 -18.03 43.35
C THR F 205 38.53 -17.04 42.94
N TYR F 206 38.94 -15.82 42.57
CA TYR F 206 38.02 -14.77 42.15
C TYR F 206 38.34 -14.31 40.74
N ILE F 207 37.37 -14.42 39.84
CA ILE F 207 37.54 -14.04 38.45
C ILE F 207 36.32 -13.21 38.08
N CYS F 208 36.55 -12.04 37.49
CA CYS F 208 35.44 -11.26 36.96
C CYS F 208 35.32 -11.57 35.48
N ASN F 209 34.10 -11.79 35.03
CA ASN F 209 33.82 -12.16 33.65
C ASN F 209 33.23 -10.95 32.98
N VAL F 210 34.04 -10.27 32.19
CA VAL F 210 33.64 -9.08 31.48
C VAL F 210 33.31 -9.48 30.04
N ASN F 211 32.17 -9.03 29.56
CA ASN F 211 31.70 -9.37 28.24
C ASN F 211 31.29 -8.07 27.55
N HIS F 212 31.94 -7.77 26.43
CA HIS F 212 31.62 -6.60 25.62
C HIS F 212 31.18 -7.11 24.25
N LYS F 213 29.89 -7.45 24.14
CA LYS F 213 29.39 -8.05 22.90
C LYS F 213 29.68 -7.23 21.65
N PRO F 214 29.61 -5.88 21.66
CA PRO F 214 29.96 -5.12 20.45
C PRO F 214 31.32 -5.40 19.83
N SER F 215 32.29 -5.92 20.59
CA SER F 215 33.64 -6.19 20.09
C SER F 215 34.05 -7.65 20.18
N ASN F 216 33.14 -8.57 20.50
CA ASN F 216 33.48 -9.98 20.77
C ASN F 216 34.58 -10.11 21.81
N THR F 217 34.59 -9.19 22.76
CA THR F 217 35.56 -9.25 23.83
C THR F 217 34.87 -9.97 24.99
N LYS F 218 35.42 -11.11 25.36
CA LYS F 218 35.03 -11.84 26.55
C LYS F 218 36.33 -12.06 27.30
N VAL F 219 36.43 -11.47 28.49
CA VAL F 219 37.67 -11.46 29.24
C VAL F 219 37.39 -11.98 30.63
N ASP F 220 38.19 -12.94 31.08
CA ASP F 220 38.23 -13.37 32.46
C ASP F 220 39.50 -12.81 33.07
N LYS F 221 39.36 -12.10 34.18
CA LYS F 221 40.49 -11.49 34.87
C LYS F 221 40.52 -11.99 36.31
N LYS F 222 41.62 -12.64 36.68
CA LYS F 222 41.81 -13.12 38.04
C LYS F 222 42.17 -11.95 38.95
N VAL F 223 41.51 -11.85 40.09
CA VAL F 223 41.74 -10.78 41.06
C VAL F 223 42.28 -11.42 42.33
N GLU F 224 43.57 -11.21 42.60
CA GLU F 224 44.23 -11.71 43.80
C GLU F 224 44.92 -10.56 44.54
N PRO F 225 45.12 -10.68 45.87
CA PRO F 225 45.81 -9.66 46.67
C PRO F 225 47.27 -9.43 46.28
N ASP G 1 -15.69 -0.05 24.19
CA ASP G 1 -16.39 -0.53 23.02
C ASP G 1 -15.60 -0.16 21.79
N ILE G 2 -15.79 -0.88 20.69
CA ILE G 2 -15.11 -0.53 19.44
C ILE G 2 -15.85 0.64 18.79
N VAL G 3 -15.11 1.64 18.34
CA VAL G 3 -15.67 2.85 17.74
C VAL G 3 -15.53 2.77 16.23
N MET G 4 -16.64 2.98 15.52
CA MET G 4 -16.67 3.06 14.07
C MET G 4 -16.74 4.52 13.64
N THR G 5 -15.80 4.95 12.80
CA THR G 5 -15.72 6.33 12.33
C THR G 5 -15.69 6.33 10.82
N GLN G 6 -16.72 6.94 10.21
CA GLN G 6 -16.84 7.02 8.77
C GLN G 6 -16.33 8.35 8.25
N SER G 7 -15.83 8.30 7.01
CA SER G 7 -15.37 9.44 6.28
C SER G 7 -15.79 9.25 4.83
N PRO G 8 -16.44 10.25 4.21
CA PRO G 8 -16.85 11.50 4.82
C PRO G 8 -18.23 11.42 5.50
N ASP G 9 -18.68 12.52 6.10
CA ASP G 9 -20.03 12.55 6.65
C ASP G 9 -21.07 12.65 5.53
N SER G 10 -20.71 13.25 4.42
CA SER G 10 -21.62 13.36 3.28
C SER G 10 -20.80 13.62 2.04
N LEU G 11 -21.32 13.17 0.90
CA LEU G 11 -20.67 13.44 -0.36
C LEU G 11 -21.71 13.36 -1.46
N ALA G 12 -21.49 14.13 -2.52
CA ALA G 12 -22.36 14.17 -3.68
C ALA G 12 -21.59 13.64 -4.88
N VAL G 13 -22.21 12.72 -5.62
CA VAL G 13 -21.59 12.06 -6.76
C VAL G 13 -22.57 12.05 -7.93
N SER G 14 -22.05 12.27 -9.13
CA SER G 14 -22.90 12.33 -10.30
C SER G 14 -23.34 10.93 -10.71
N LEU G 15 -24.46 10.88 -11.44
CA LEU G 15 -24.93 9.62 -11.97
C LEU G 15 -23.86 9.00 -12.87
N GLY G 16 -23.71 7.69 -12.80
CA GLY G 16 -22.75 7.00 -13.62
C GLY G 16 -21.32 7.07 -13.15
N GLU G 17 -21.04 7.85 -12.12
CA GLU G 17 -19.70 7.97 -11.58
C GLU G 17 -19.52 6.97 -10.44
N ARG G 18 -18.35 6.99 -9.83
CA ARG G 18 -18.01 6.05 -8.75
C ARG G 18 -18.08 6.78 -7.41
N ALA G 19 -18.70 6.12 -6.42
CA ALA G 19 -18.74 6.63 -5.06
C ALA G 19 -17.86 5.76 -4.15
N THR G 20 -17.17 6.42 -3.23
CA THR G 20 -16.32 5.75 -2.26
C THR G 20 -16.66 6.23 -0.85
N ILE G 21 -16.94 5.29 0.05
CA ILE G 21 -17.27 5.58 1.43
C ILE G 21 -16.35 4.76 2.34
N ASN G 22 -15.70 5.43 3.29
CA ASN G 22 -14.71 4.80 4.14
C ASN G 22 -15.21 4.69 5.57
N CYS G 23 -14.69 3.69 6.28
CA CYS G 23 -14.97 3.47 7.69
C CYS G 23 -13.73 2.87 8.34
N LYS G 24 -13.39 3.38 9.53
CA LYS G 24 -12.28 2.90 10.32
C LYS G 24 -12.81 2.36 11.64
N SER G 25 -12.17 1.32 12.16
CA SER G 25 -12.51 0.78 13.47
C SER G 25 -11.42 1.13 14.47
N SER G 26 -11.82 1.40 15.72
CA SER G 26 -10.84 1.82 16.73
C SER G 26 -9.93 0.68 17.13
N GLN G 27 -10.27 -0.55 16.75
CA GLN G 27 -9.36 -1.68 16.86
C GLN G 27 -9.68 -2.65 15.74
N SER G 28 -8.75 -3.56 15.47
CA SER G 28 -8.93 -4.50 14.38
C SER G 28 -10.10 -5.43 14.65
N VAL G 29 -10.95 -5.60 13.64
CA VAL G 29 -12.05 -6.55 13.71
C VAL G 29 -11.73 -7.81 12.91
N PHE G 30 -10.44 -8.08 12.71
CA PHE G 30 -9.98 -9.32 12.10
C PHE G 30 -9.53 -10.26 13.20
N PHE G 31 -10.02 -11.50 13.16
CA PHE G 31 -9.57 -12.55 14.05
C PHE G 31 -8.70 -13.52 13.25
N SER G 32 -7.44 -13.65 13.65
CA SER G 32 -6.51 -14.44 12.84
C SER G 32 -6.79 -15.92 12.94
N SER G 33 -7.34 -16.39 14.07
CA SER G 33 -7.49 -17.82 14.28
C SER G 33 -8.51 -18.42 13.32
N ASN G 34 -9.54 -17.68 12.94
CA ASN G 34 -10.54 -18.23 12.05
C ASN G 34 -10.67 -17.48 10.71
N ASN G 35 -9.72 -16.58 10.40
CA ASN G 35 -9.63 -15.91 9.11
C ASN G 35 -10.95 -15.23 8.70
N ARG G 36 -11.51 -14.47 9.63
CA ARG G 36 -12.76 -13.74 9.38
C ARG G 36 -12.66 -12.30 9.87
N THR G 37 -13.12 -11.37 9.05
CA THR G 37 -13.22 -9.97 9.44
C THR G 37 -14.67 -9.66 9.75
N TYR G 38 -14.95 -9.18 10.95
CA TYR G 38 -16.32 -9.09 11.43
C TYR G 38 -16.88 -7.69 11.17
N PHE G 39 -17.14 -7.43 9.89
CA PHE G 39 -17.46 -6.09 9.44
C PHE G 39 -18.61 -6.17 8.44
N ALA G 40 -19.47 -5.17 8.45
CA ALA G 40 -20.63 -5.16 7.57
C ALA G 40 -20.98 -3.76 7.11
N TRP G 41 -21.54 -3.67 5.91
CA TRP G 41 -21.99 -2.41 5.33
C TRP G 41 -23.51 -2.44 5.19
N TYR G 42 -24.16 -1.31 5.51
CA TYR G 42 -25.60 -1.17 5.36
C TYR G 42 -25.94 0.02 4.48
N GLN G 43 -27.10 -0.09 3.83
CA GLN G 43 -27.72 1.01 3.10
C GLN G 43 -29.08 1.28 3.73
N GLN G 44 -29.37 2.56 4.02
CA GLN G 44 -30.67 2.97 4.54
C GLN G 44 -31.26 4.06 3.66
N LYS G 45 -32.27 3.72 2.88
CA LYS G 45 -32.96 4.68 2.03
C LYS G 45 -33.98 5.47 2.84
N PRO G 46 -34.39 6.64 2.35
CA PRO G 46 -35.32 7.48 3.13
C PRO G 46 -36.61 6.75 3.49
N GLY G 47 -36.98 6.83 4.76
CA GLY G 47 -38.16 6.20 5.29
C GLY G 47 -38.06 4.69 5.47
N GLN G 48 -36.93 4.10 5.17
CA GLN G 48 -36.78 2.66 5.19
C GLN G 48 -35.74 2.21 6.22
N PRO G 49 -35.84 0.98 6.71
CA PRO G 49 -34.83 0.47 7.60
C PRO G 49 -33.53 0.23 6.85
N PRO G 50 -32.43 0.01 7.57
CA PRO G 50 -31.21 -0.40 6.87
C PRO G 50 -31.39 -1.75 6.19
N LYS G 51 -30.70 -1.92 5.07
CA LYS G 51 -30.61 -3.19 4.37
C LYS G 51 -29.12 -3.53 4.25
N VAL G 52 -28.76 -4.77 4.59
CA VAL G 52 -27.36 -5.17 4.55
C VAL G 52 -26.88 -5.29 3.10
N LEU G 53 -25.72 -4.69 2.81
CA LEU G 53 -25.08 -4.78 1.52
C LEU G 53 -23.90 -5.75 1.52
N ILE G 54 -23.04 -5.63 2.52
CA ILE G 54 -21.77 -6.36 2.57
C ILE G 54 -21.64 -6.96 3.96
N SER G 55 -21.36 -8.25 4.03
CA SER G 55 -20.97 -8.91 5.26
C SER G 55 -19.53 -9.40 5.15
N TRP G 56 -18.92 -9.66 6.31
CA TRP G 56 -17.55 -10.18 6.37
C TRP G 56 -16.59 -9.28 5.61
N ALA G 57 -16.76 -7.98 5.80
CA ALA G 57 -15.95 -6.92 5.21
C ALA G 57 -16.09 -6.84 3.71
N SER G 58 -16.11 -7.99 3.05
CA SER G 58 -15.96 -8.02 1.60
C SER G 58 -16.92 -8.95 0.88
N THR G 59 -17.76 -9.69 1.59
CA THR G 59 -18.72 -10.58 0.94
C THR G 59 -20.00 -9.82 0.62
N ARG G 60 -20.33 -9.73 -0.66
CA ARG G 60 -21.55 -9.08 -1.11
C ARG G 60 -22.76 -9.96 -0.87
N GLU G 61 -23.76 -9.39 -0.20
CA GLU G 61 -24.96 -10.14 0.16
C GLU G 61 -25.83 -10.39 -1.06
N SER G 62 -26.55 -11.52 -1.02
CA SER G 62 -27.42 -11.92 -2.11
C SER G 62 -28.47 -10.85 -2.39
N GLY G 63 -28.73 -10.62 -3.68
CA GLY G 63 -29.68 -9.63 -4.12
C GLY G 63 -29.10 -8.24 -4.27
N VAL G 64 -27.97 -7.97 -3.66
CA VAL G 64 -27.37 -6.64 -3.77
C VAL G 64 -26.75 -6.50 -5.16
N PRO G 65 -27.02 -5.41 -5.87
CA PRO G 65 -26.45 -5.24 -7.20
C PRO G 65 -24.92 -5.30 -7.16
N ASP G 66 -24.34 -5.85 -8.22
CA ASP G 66 -22.91 -6.13 -8.25
C ASP G 66 -22.04 -4.88 -8.40
N ARG G 67 -22.63 -3.70 -8.54
CA ARG G 67 -21.85 -2.47 -8.53
C ARG G 67 -21.39 -2.06 -7.14
N PHE G 68 -21.97 -2.67 -6.10
CA PHE G 68 -21.52 -2.49 -4.72
C PHE G 68 -20.46 -3.53 -4.42
N SER G 69 -19.34 -3.08 -3.86
CA SER G 69 -18.30 -3.98 -3.40
C SER G 69 -17.65 -3.38 -2.16
N GLY G 70 -17.40 -4.23 -1.18
CA GLY G 70 -16.72 -3.81 0.05
C GLY G 70 -15.32 -4.39 0.06
N SER G 71 -14.36 -3.61 0.55
CA SER G 71 -12.98 -4.03 0.56
C SER G 71 -12.32 -3.60 1.86
N GLY G 72 -11.12 -4.12 2.06
CA GLY G 72 -10.37 -3.84 3.25
C GLY G 72 -10.44 -4.99 4.24
N SER G 73 -9.61 -4.86 5.27
CA SER G 73 -9.57 -5.85 6.33
C SER G 73 -8.88 -5.20 7.52
N GLY G 74 -9.18 -5.73 8.69
CA GLY G 74 -8.56 -5.22 9.89
C GLY G 74 -9.20 -3.97 10.44
N THR G 75 -8.70 -2.80 10.05
CA THR G 75 -9.18 -1.55 10.60
C THR G 75 -9.70 -0.55 9.56
N ASP G 76 -9.43 -0.75 8.26
CA ASP G 76 -9.77 0.21 7.22
C ASP G 76 -10.62 -0.45 6.15
N PHE G 77 -11.80 0.11 5.94
CA PHE G 77 -12.78 -0.49 5.05
C PHE G 77 -13.35 0.56 4.12
N THR G 78 -13.74 0.10 2.93
CA THR G 78 -14.22 0.98 1.88
C THR G 78 -15.41 0.30 1.20
N LEU G 79 -16.49 1.06 1.05
CA LEU G 79 -17.62 0.65 0.24
C LEU G 79 -17.48 1.38 -1.10
N THR G 80 -17.49 0.62 -2.18
CA THR G 80 -17.32 1.16 -3.53
C THR G 80 -18.56 0.89 -4.34
N ILE G 81 -19.10 1.94 -4.96
CA ILE G 81 -20.27 1.83 -5.81
C ILE G 81 -19.87 2.27 -7.21
N ASN G 82 -19.74 1.33 -8.14
CA ASN G 82 -19.54 1.70 -9.53
C ASN G 82 -20.87 2.09 -10.15
N SER G 83 -20.79 2.85 -11.26
CA SER G 83 -21.96 3.23 -12.06
C SER G 83 -23.16 3.62 -11.21
N LEU G 84 -23.03 4.72 -10.46
CA LEU G 84 -24.06 5.12 -9.52
C LEU G 84 -25.41 5.30 -10.22
N GLN G 85 -26.46 4.82 -9.57
CA GLN G 85 -27.82 4.91 -10.07
C GLN G 85 -28.64 5.82 -9.14
N ALA G 86 -29.78 6.28 -9.64
CA ALA G 86 -30.57 7.25 -8.88
C ALA G 86 -31.08 6.66 -7.56
N GLU G 87 -31.40 5.37 -7.52
CA GLU G 87 -31.98 4.77 -6.33
C GLU G 87 -30.97 4.55 -5.23
N ASP G 88 -29.70 4.86 -5.48
CA ASP G 88 -28.63 4.71 -4.51
C ASP G 88 -28.58 5.85 -3.49
N VAL G 89 -29.42 6.86 -3.62
CA VAL G 89 -29.49 7.90 -2.61
C VAL G 89 -29.89 7.27 -1.28
N ALA G 90 -29.05 7.46 -0.26
CA ALA G 90 -29.23 6.79 1.02
C ALA G 90 -28.14 7.26 1.97
N VAL G 91 -28.28 6.87 3.22
CA VAL G 91 -27.22 6.97 4.21
C VAL G 91 -26.60 5.58 4.35
N TYR G 92 -25.28 5.51 4.33
CA TYR G 92 -24.57 4.24 4.39
C TYR G 92 -23.87 4.10 5.74
N PHE G 93 -24.14 2.98 6.42
CA PHE G 93 -23.60 2.73 7.75
C PHE G 93 -22.64 1.55 7.72
N CYS G 94 -21.56 1.65 8.49
CA CYS G 94 -20.73 0.48 8.75
C CYS G 94 -21.04 -0.09 10.14
N GLN G 95 -20.70 -1.37 10.33
CA GLN G 95 -20.93 -1.99 11.61
C GLN G 95 -19.87 -3.06 11.87
N GLN G 96 -19.38 -3.11 13.10
CA GLN G 96 -18.56 -4.23 13.53
C GLN G 96 -19.40 -5.18 14.36
N TYR G 97 -19.14 -6.46 14.22
CA TYR G 97 -19.70 -7.48 15.09
C TYR G 97 -18.58 -8.37 15.61
N TYR G 98 -17.42 -7.76 15.86
CA TYR G 98 -16.29 -8.46 16.43
C TYR G 98 -16.49 -8.70 17.93
N SER G 99 -17.02 -7.71 18.65
CA SER G 99 -17.21 -7.85 20.08
C SER G 99 -18.45 -7.09 20.51
N SER G 100 -19.11 -7.64 21.53
CA SER G 100 -20.27 -6.99 22.11
C SER G 100 -19.86 -5.81 22.98
N PRO G 101 -20.62 -4.71 22.95
CA PRO G 101 -21.79 -4.51 22.10
C PRO G 101 -21.41 -4.14 20.67
N ILE G 102 -22.16 -4.66 19.70
CA ILE G 102 -21.92 -4.27 18.32
C ILE G 102 -22.11 -2.76 18.17
N THR G 103 -21.33 -2.15 17.28
CA THR G 103 -21.35 -0.70 17.13
C THR G 103 -21.39 -0.34 15.65
N PHE G 104 -22.02 0.81 15.36
CA PHE G 104 -22.22 1.32 14.02
C PHE G 104 -21.42 2.61 13.83
N GLY G 105 -21.08 2.89 12.58
CA GLY G 105 -20.60 4.21 12.24
C GLY G 105 -21.72 5.24 12.31
N GLN G 106 -21.31 6.50 12.28
CA GLN G 106 -22.28 7.60 12.38
C GLN G 106 -23.09 7.79 11.11
N GLY G 107 -22.70 7.14 10.01
CA GLY G 107 -23.42 7.23 8.75
C GLY G 107 -22.77 8.19 7.76
N THR G 108 -22.83 7.86 6.47
CA THR G 108 -22.38 8.76 5.41
C THR G 108 -23.55 8.97 4.46
N ARG G 109 -23.90 10.24 4.24
CA ARG G 109 -25.02 10.60 3.38
C ARG G 109 -24.55 10.74 1.93
N LEU G 110 -25.13 9.93 1.04
CA LEU G 110 -24.80 9.93 -0.37
C LEU G 110 -25.83 10.76 -1.14
N GLU G 111 -25.38 11.85 -1.72
CA GLU G 111 -26.24 12.72 -2.52
C GLU G 111 -25.96 12.51 -3.99
N ILE G 112 -27.00 12.52 -4.81
CA ILE G 112 -26.84 12.31 -6.25
C ILE G 112 -26.73 13.67 -6.94
N LYS G 113 -25.66 13.85 -7.71
CA LYS G 113 -25.52 15.01 -8.59
C LYS G 113 -26.19 14.73 -9.94
N ARG G 114 -27.02 15.67 -10.39
CA ARG G 114 -27.66 15.55 -11.69
C ARG G 114 -27.71 16.93 -12.34
N THR G 115 -28.26 16.99 -13.55
CA THR G 115 -28.36 18.27 -14.23
C THR G 115 -29.30 19.21 -13.48
N VAL G 116 -29.06 20.52 -13.66
CA VAL G 116 -29.85 21.53 -12.96
C VAL G 116 -31.29 21.48 -13.44
N ALA G 117 -32.23 21.60 -12.48
CA ALA G 117 -33.66 21.63 -12.76
C ALA G 117 -34.30 22.79 -12.01
N ALA G 118 -35.05 23.60 -12.73
CA ALA G 118 -35.70 24.74 -12.11
C ALA G 118 -36.93 24.29 -11.31
N PRO G 119 -37.22 24.97 -10.20
CA PRO G 119 -38.41 24.62 -9.41
C PRO G 119 -39.69 25.17 -10.01
N SER G 120 -40.77 24.39 -9.89
CA SER G 120 -42.10 24.93 -10.09
C SER G 120 -42.55 25.56 -8.78
N VAL G 121 -42.97 26.82 -8.84
CA VAL G 121 -43.21 27.62 -7.64
C VAL G 121 -44.70 27.91 -7.52
N PHE G 122 -45.25 27.67 -6.34
CA PHE G 122 -46.65 27.91 -6.05
C PHE G 122 -46.76 28.59 -4.70
N ILE G 123 -47.76 29.46 -4.58
CA ILE G 123 -48.04 30.17 -3.34
C ILE G 123 -49.49 29.89 -2.96
N PHE G 124 -49.71 29.70 -1.67
CA PHE G 124 -51.04 29.37 -1.14
C PHE G 124 -51.44 30.38 -0.08
N PRO G 125 -52.57 31.04 -0.21
CA PRO G 125 -53.03 31.96 0.82
C PRO G 125 -53.47 31.19 2.05
N PRO G 126 -53.60 31.87 3.20
CA PRO G 126 -54.17 31.20 4.37
C PRO G 126 -55.63 30.86 4.11
N SER G 127 -56.04 29.71 4.62
CA SER G 127 -57.41 29.27 4.47
C SER G 127 -58.37 30.16 5.28
N ASP G 128 -59.62 30.25 4.81
CA ASP G 128 -60.62 30.96 5.60
C ASP G 128 -60.85 30.29 6.95
N GLU G 129 -60.74 28.96 7.01
CA GLU G 129 -60.93 28.26 8.28
C GLU G 129 -59.89 28.67 9.31
N GLN G 130 -58.62 28.80 8.89
CA GLN G 130 -57.53 29.12 9.81
C GLN G 130 -57.60 30.53 10.35
N LEU G 131 -58.09 31.48 9.55
CA LEU G 131 -58.12 32.87 10.01
C LEU G 131 -59.03 33.05 11.22
N LYS G 132 -60.11 32.26 11.32
CA LYS G 132 -60.98 32.43 12.47
C LYS G 132 -60.30 31.99 13.77
N SER G 133 -59.10 31.43 13.69
CA SER G 133 -58.37 30.99 14.87
C SER G 133 -57.28 31.97 15.29
N GLY G 134 -57.06 33.05 14.53
CA GLY G 134 -56.16 34.10 14.93
C GLY G 134 -54.79 34.07 14.30
N THR G 135 -54.47 33.05 13.51
CA THR G 135 -53.16 32.92 12.90
C THR G 135 -53.32 32.68 11.40
N ALA G 136 -52.35 33.18 10.65
CA ALA G 136 -52.31 33.03 9.20
C ALA G 136 -51.00 32.37 8.81
N SER G 137 -51.10 31.26 8.09
CA SER G 137 -49.93 30.60 7.50
C SER G 137 -49.99 30.75 5.99
N VAL G 138 -48.98 31.40 5.43
CA VAL G 138 -48.83 31.49 3.97
C VAL G 138 -47.76 30.50 3.57
N VAL G 139 -48.04 29.69 2.55
CA VAL G 139 -47.19 28.57 2.17
C VAL G 139 -46.68 28.79 0.75
N CYS G 140 -45.36 28.62 0.57
CA CYS G 140 -44.73 28.68 -0.73
C CYS G 140 -44.13 27.31 -1.04
N LEU G 141 -44.43 26.79 -2.22
CA LEU G 141 -44.00 25.46 -2.64
C LEU G 141 -43.00 25.57 -3.77
N LEU G 142 -41.83 24.96 -3.59
CA LEU G 142 -40.81 24.82 -4.62
C LEU G 142 -40.76 23.35 -4.98
N ASN G 143 -41.15 23.01 -6.20
CA ASN G 143 -41.35 21.63 -6.59
C ASN G 143 -40.30 21.17 -7.59
N ASN G 144 -39.62 20.08 -7.26
CA ASN G 144 -38.82 19.27 -8.19
C ASN G 144 -37.70 20.09 -8.82
N PHE G 145 -36.72 20.42 -7.98
CA PHE G 145 -35.57 21.21 -8.40
C PHE G 145 -34.28 20.53 -7.96
N TYR G 146 -33.17 20.97 -8.59
CA TYR G 146 -31.83 20.54 -8.24
C TYR G 146 -30.85 21.61 -8.71
N PRO G 147 -29.83 21.97 -7.93
CA PRO G 147 -29.43 21.44 -6.63
C PRO G 147 -30.28 21.92 -5.45
N ARG G 148 -29.92 21.47 -4.25
CA ARG G 148 -30.68 21.78 -3.04
C ARG G 148 -30.60 23.25 -2.67
N GLU G 149 -29.47 23.91 -2.96
CA GLU G 149 -29.27 25.29 -2.55
C GLU G 149 -30.29 26.21 -3.20
N ALA G 150 -31.04 26.94 -2.38
CA ALA G 150 -32.04 27.88 -2.87
C ALA G 150 -32.28 28.93 -1.80
N LYS G 151 -32.69 30.12 -2.24
CA LYS G 151 -32.99 31.24 -1.36
C LYS G 151 -34.47 31.57 -1.49
N VAL G 152 -35.21 31.49 -0.37
CA VAL G 152 -36.61 31.87 -0.33
C VAL G 152 -36.75 33.14 0.50
N GLN G 153 -37.35 34.17 -0.09
CA GLN G 153 -37.49 35.46 0.55
C GLN G 153 -38.97 35.86 0.52
N TRP G 154 -39.53 36.09 1.70
CA TRP G 154 -40.91 36.56 1.81
C TRP G 154 -40.98 38.09 1.82
N LYS G 155 -41.92 38.63 1.05
CA LYS G 155 -42.17 40.07 1.00
C LYS G 155 -43.64 40.35 1.27
N VAL G 156 -43.90 41.28 2.20
CA VAL G 156 -45.24 41.69 2.58
C VAL G 156 -45.34 43.19 2.35
N ASP G 157 -46.16 43.61 1.40
CA ASP G 157 -46.20 44.99 0.92
C ASP G 157 -44.80 45.48 0.55
N ASN G 158 -44.04 44.60 -0.11
CA ASN G 158 -42.68 44.83 -0.58
C ASN G 158 -41.65 45.01 0.53
N ALA G 159 -42.00 44.73 1.78
CA ALA G 159 -41.03 44.70 2.86
C ALA G 159 -40.50 43.28 3.00
N LEU G 160 -39.19 43.11 2.89
CA LEU G 160 -38.59 41.79 3.01
C LEU G 160 -38.75 41.29 4.44
N GLN G 161 -39.18 40.04 4.56
CA GLN G 161 -39.45 39.43 5.86
C GLN G 161 -38.25 38.62 6.34
N SER G 162 -38.12 38.52 7.66
CA SER G 162 -37.12 37.68 8.28
C SER G 162 -37.61 37.26 9.67
N GLY G 163 -37.31 36.04 10.06
CA GLY G 163 -37.63 35.52 11.37
C GLY G 163 -39.03 34.94 11.54
N ASN G 164 -39.88 35.02 10.52
CA ASN G 164 -41.26 34.53 10.62
C ASN G 164 -41.55 33.44 9.60
N SER G 165 -40.53 32.76 9.11
CA SER G 165 -40.71 31.69 8.14
C SER G 165 -39.91 30.47 8.57
N GLN G 166 -40.39 29.31 8.15
CA GLN G 166 -39.70 28.05 8.38
C GLN G 166 -39.73 27.26 7.07
N GLU G 167 -38.67 26.48 6.86
CA GLU G 167 -38.51 25.73 5.62
C GLU G 167 -38.44 24.24 5.93
N SER G 168 -38.92 23.45 4.97
CA SER G 168 -38.81 22.00 5.01
C SER G 168 -38.42 21.52 3.62
N VAL G 169 -37.55 20.51 3.56
CA VAL G 169 -37.05 19.96 2.32
C VAL G 169 -37.36 18.48 2.27
N THR G 170 -37.82 17.98 1.12
CA THR G 170 -38.03 16.54 1.01
C THR G 170 -36.69 15.82 0.89
N GLU G 171 -36.73 14.53 1.19
CA GLU G 171 -35.59 13.70 0.88
C GLU G 171 -35.38 13.71 -0.63
N GLN G 172 -34.13 13.52 -1.06
CA GLN G 172 -33.87 13.53 -2.49
C GLN G 172 -34.64 12.39 -3.15
N ASP G 173 -35.30 12.70 -4.26
CA ASP G 173 -36.16 11.71 -4.90
C ASP G 173 -35.33 10.55 -5.45
N SER G 174 -35.85 9.34 -5.28
CA SER G 174 -35.10 8.15 -5.65
C SER G 174 -35.10 7.88 -7.15
N LYS G 175 -35.95 8.57 -7.92
CA LYS G 175 -36.06 8.33 -9.36
C LYS G 175 -35.54 9.47 -10.21
N ASP G 176 -35.94 10.70 -9.93
CA ASP G 176 -35.47 11.84 -10.70
C ASP G 176 -34.46 12.71 -9.93
N SER G 177 -34.12 12.32 -8.70
CA SER G 177 -33.03 12.94 -7.93
C SER G 177 -33.27 14.41 -7.67
N THR G 178 -34.53 14.84 -7.66
CA THR G 178 -34.86 16.22 -7.37
C THR G 178 -35.27 16.37 -5.91
N TYR G 179 -35.34 17.62 -5.48
CA TYR G 179 -35.84 18.01 -4.17
C TYR G 179 -37.10 18.83 -4.35
N SER G 180 -37.91 18.87 -3.29
CA SER G 180 -38.99 19.83 -3.18
C SER G 180 -38.91 20.50 -1.81
N LEU G 181 -39.37 21.75 -1.75
CA LEU G 181 -39.21 22.57 -0.56
C LEU G 181 -40.47 23.37 -0.31
N SER G 182 -40.87 23.47 0.96
CA SER G 182 -42.01 24.28 1.38
C SER G 182 -41.52 25.37 2.32
N SER G 183 -41.97 26.61 2.09
CA SER G 183 -41.69 27.72 3.00
C SER G 183 -43.01 28.23 3.59
N THR G 184 -43.06 28.34 4.90
CA THR G 184 -44.28 28.70 5.59
C THR G 184 -44.10 30.02 6.33
N LEU G 185 -44.86 31.03 5.91
CA LEU G 185 -44.86 32.34 6.55
C LEU G 185 -46.00 32.39 7.55
N THR G 186 -45.67 32.64 8.82
CA THR G 186 -46.63 32.61 9.92
C THR G 186 -46.79 34.00 10.52
N LEU G 187 -48.01 34.54 10.42
CA LEU G 187 -48.36 35.86 10.91
C LEU G 187 -49.58 35.77 11.81
N SER G 188 -49.71 36.75 12.70
CA SER G 188 -50.94 36.91 13.45
C SER G 188 -52.07 37.31 12.50
N LYS G 189 -53.30 36.98 12.88
CA LYS G 189 -54.45 37.43 12.10
C LYS G 189 -54.46 38.94 12.01
N ALA G 190 -54.14 39.61 13.11
CA ALA G 190 -54.13 41.07 13.13
C ALA G 190 -53.13 41.64 12.13
N ASP G 191 -51.91 41.09 12.13
CA ASP G 191 -50.89 41.59 11.22
C ASP G 191 -51.22 41.25 9.77
N TYR G 192 -51.77 40.06 9.53
CA TYR G 192 -52.13 39.65 8.17
C TYR G 192 -53.16 40.60 7.57
N GLU G 193 -54.10 41.07 8.39
CA GLU G 193 -55.14 41.99 7.94
C GLU G 193 -54.64 43.41 7.76
N LYS G 194 -53.41 43.72 8.17
CA LYS G 194 -52.85 45.05 7.98
C LYS G 194 -52.32 45.27 6.58
N HIS G 195 -52.12 44.22 5.80
CA HIS G 195 -51.40 44.32 4.54
C HIS G 195 -52.20 43.66 3.43
N LYS G 196 -51.78 43.92 2.18
CA LYS G 196 -52.54 43.52 0.99
C LYS G 196 -51.79 42.51 0.14
N VAL G 197 -50.60 42.84 -0.34
CA VAL G 197 -49.90 42.06 -1.37
C VAL G 197 -48.89 41.14 -0.71
N TYR G 198 -49.07 39.83 -0.89
CA TYR G 198 -48.19 38.81 -0.34
C TYR G 198 -47.47 38.10 -1.46
N ALA G 199 -46.13 38.10 -1.40
CA ALA G 199 -45.30 37.59 -2.49
C ALA G 199 -44.23 36.63 -1.97
N CYS G 200 -43.92 35.62 -2.78
CA CYS G 200 -42.85 34.66 -2.53
C CYS G 200 -41.83 34.79 -3.65
N GLU G 201 -40.61 35.22 -3.31
CA GLU G 201 -39.55 35.43 -4.28
C GLU G 201 -38.52 34.32 -4.13
N VAL G 202 -38.25 33.60 -5.21
CA VAL G 202 -37.43 32.40 -5.18
C VAL G 202 -36.17 32.65 -6.01
N THR G 203 -35.01 32.33 -5.42
CA THR G 203 -33.72 32.40 -6.10
C THR G 203 -33.15 30.99 -6.21
N HIS G 204 -32.73 30.61 -7.43
CA HIS G 204 -32.24 29.26 -7.65
C HIS G 204 -31.29 29.25 -8.84
N GLN G 205 -30.35 28.31 -8.82
CA GLN G 205 -29.33 28.22 -9.87
C GLN G 205 -29.95 27.97 -11.24
N GLY G 206 -31.09 27.30 -11.30
CA GLY G 206 -31.80 27.00 -12.53
C GLY G 206 -32.65 28.11 -13.07
N LEU G 207 -32.69 29.27 -12.39
CA LEU G 207 -33.44 30.43 -12.82
C LEU G 207 -32.49 31.56 -13.22
N SER G 208 -32.71 32.14 -14.41
CA SER G 208 -31.88 33.25 -14.86
C SER G 208 -32.11 34.53 -14.07
N SER G 209 -33.26 34.65 -13.42
CA SER G 209 -33.59 35.78 -12.55
C SER G 209 -34.63 35.29 -11.54
N PRO G 210 -34.72 35.92 -10.37
CA PRO G 210 -35.65 35.44 -9.34
C PRO G 210 -37.10 35.45 -9.82
N VAL G 211 -37.84 34.43 -9.39
CA VAL G 211 -39.24 34.23 -9.78
C VAL G 211 -40.11 34.64 -8.62
N THR G 212 -41.18 35.38 -8.91
CA THR G 212 -42.12 35.85 -7.89
C THR G 212 -43.50 35.28 -8.15
N LYS G 213 -44.09 34.67 -7.13
CA LYS G 213 -45.48 34.24 -7.14
C LYS G 213 -46.21 35.04 -6.06
N SER G 214 -47.39 35.56 -6.37
CA SER G 214 -48.06 36.46 -5.44
C SER G 214 -49.57 36.33 -5.52
N PHE G 215 -50.24 36.86 -4.51
CA PHE G 215 -51.69 37.02 -4.50
C PHE G 215 -52.05 38.27 -3.72
N ASN G 216 -53.28 38.74 -3.92
CA ASN G 216 -53.82 39.87 -3.16
C ASN G 216 -54.81 39.38 -2.12
N ARG G 217 -55.33 40.32 -1.33
CA ARG G 217 -56.34 40.06 -0.31
C ARG G 217 -55.74 39.27 0.85
N GLU H 1 -41.46 -14.71 2.24
CA GLU H 1 -40.35 -13.86 2.62
C GLU H 1 -40.35 -13.62 4.12
N VAL H 2 -39.19 -13.26 4.64
CA VAL H 2 -39.03 -12.94 6.05
C VAL H 2 -39.55 -11.53 6.31
N GLN H 3 -40.44 -11.39 7.30
CA GLN H 3 -41.00 -10.10 7.63
C GLN H 3 -40.96 -9.82 9.12
N LEU H 4 -40.68 -8.57 9.45
CA LEU H 4 -40.67 -8.08 10.81
C LEU H 4 -41.52 -6.81 10.88
N LEU H 5 -42.42 -6.75 11.84
CA LEU H 5 -43.32 -5.61 11.99
C LEU H 5 -43.37 -5.20 13.45
N GLU H 6 -42.87 -4.01 13.75
CA GLU H 6 -42.88 -3.49 15.11
C GLU H 6 -44.19 -2.78 15.42
N SER H 7 -44.52 -2.69 16.71
CA SER H 7 -45.67 -1.92 17.15
C SER H 7 -45.42 -1.51 18.59
N GLY H 8 -46.21 -0.54 19.06
CA GLY H 8 -46.19 -0.15 20.46
C GLY H 8 -45.59 1.20 20.75
N GLY H 9 -45.02 1.87 19.75
CA GLY H 9 -44.44 3.17 20.00
C GLY H 9 -45.48 4.24 20.25
N GLY H 10 -45.05 5.27 20.97
CA GLY H 10 -45.91 6.39 21.27
C GLY H 10 -45.25 7.32 22.26
N LEU H 11 -46.06 8.23 22.81
CA LEU H 11 -45.60 9.23 23.75
C LEU H 11 -45.60 8.64 25.15
N VAL H 12 -44.51 8.87 25.88
CA VAL H 12 -44.31 8.37 27.24
C VAL H 12 -43.81 9.52 28.10
N GLN H 13 -44.41 9.70 29.27
CA GLN H 13 -43.87 10.65 30.24
C GLN H 13 -42.51 10.14 30.74
N PRO H 14 -41.58 11.04 31.08
CA PRO H 14 -40.34 10.58 31.70
C PRO H 14 -40.63 9.82 32.98
N GLY H 15 -39.92 8.73 33.18
CA GLY H 15 -40.20 7.81 34.27
C GLY H 15 -41.26 6.77 33.97
N GLY H 16 -42.00 6.91 32.88
CA GLY H 16 -43.04 5.97 32.52
C GLY H 16 -42.51 4.72 31.82
N SER H 17 -43.46 3.90 31.39
CA SER H 17 -43.18 2.58 30.83
C SER H 17 -43.85 2.41 29.47
N LEU H 18 -43.22 1.62 28.62
CA LEU H 18 -43.74 1.31 27.29
C LEU H 18 -43.22 -0.06 26.87
N ARG H 19 -44.06 -0.86 26.22
CA ARG H 19 -43.64 -2.17 25.73
C ARG H 19 -43.79 -2.19 24.22
N LEU H 20 -42.70 -2.45 23.52
CA LEU H 20 -42.72 -2.60 22.06
C LEU H 20 -42.85 -4.08 21.70
N SER H 21 -43.51 -4.34 20.59
CA SER H 21 -43.71 -5.68 20.09
C SER H 21 -43.12 -5.79 18.69
N CYS H 22 -42.84 -7.01 18.28
CA CYS H 22 -42.33 -7.24 16.93
C CYS H 22 -42.90 -8.57 16.45
N GLY H 23 -43.75 -8.54 15.43
CA GLY H 23 -44.28 -9.75 14.84
C GLY H 23 -43.35 -10.26 13.75
N ALA H 24 -43.09 -11.56 13.77
CA ALA H 24 -42.23 -12.18 12.77
C ALA H 24 -43.01 -13.22 11.99
N SER H 25 -42.66 -13.38 10.72
CA SER H 25 -43.27 -14.38 9.86
C SER H 25 -42.30 -14.74 8.77
N GLY H 26 -42.47 -15.93 8.20
CA GLY H 26 -41.65 -16.34 7.09
C GLY H 26 -40.38 -17.09 7.43
N PHE H 27 -40.19 -17.45 8.70
CA PHE H 27 -39.05 -18.26 9.10
C PHE H 27 -39.40 -18.90 10.43
N ILE H 28 -38.69 -19.99 10.74
CA ILE H 28 -38.85 -20.71 12.00
C ILE H 28 -38.31 -19.84 13.13
N PHE H 29 -39.21 -19.16 13.84
CA PHE H 29 -38.83 -18.07 14.73
C PHE H 29 -37.86 -18.53 15.81
N GLY H 30 -38.17 -19.62 16.49
CA GLY H 30 -37.33 -20.04 17.60
C GLY H 30 -35.90 -20.40 17.22
N HIS H 31 -35.61 -20.51 15.92
CA HIS H 31 -34.27 -20.87 15.48
C HIS H 31 -33.33 -19.68 15.34
N TYR H 32 -33.83 -18.45 15.49
CA TYR H 32 -33.05 -17.25 15.18
C TYR H 32 -33.06 -16.28 16.36
N ALA H 33 -31.88 -15.78 16.70
CA ALA H 33 -31.77 -14.70 17.66
C ALA H 33 -32.38 -13.42 17.12
N MET H 34 -32.90 -12.59 18.02
CA MET H 34 -33.50 -11.32 17.65
C MET H 34 -32.86 -10.22 18.48
N SER H 35 -32.82 -9.01 17.90
CA SER H 35 -32.22 -7.88 18.58
C SER H 35 -33.08 -6.64 18.38
N TRP H 36 -32.87 -5.67 19.26
CA TRP H 36 -33.48 -4.35 19.17
C TRP H 36 -32.38 -3.34 18.99
N VAL H 37 -32.54 -2.48 17.99
CA VAL H 37 -31.61 -1.41 17.68
C VAL H 37 -32.43 -0.12 17.61
N ARG H 38 -31.93 0.95 18.22
CA ARG H 38 -32.63 2.22 18.18
C ARG H 38 -31.73 3.26 17.52
N GLN H 39 -32.36 4.34 17.09
CA GLN H 39 -31.68 5.39 16.32
C GLN H 39 -32.17 6.73 16.85
N ALA H 40 -31.32 7.40 17.63
CA ALA H 40 -31.63 8.70 18.20
C ALA H 40 -31.46 9.78 17.13
N PRO H 41 -32.11 10.93 17.30
CA PRO H 41 -32.04 11.96 16.26
C PRO H 41 -30.63 12.33 15.84
N GLN H 42 -29.72 12.46 16.80
CA GLN H 42 -28.35 12.83 16.49
C GLN H 42 -27.30 11.79 16.86
N LYS H 43 -27.66 10.74 17.60
CA LYS H 43 -26.68 9.82 18.16
C LYS H 43 -26.54 8.52 17.38
N GLY H 44 -26.68 8.55 16.06
CA GLY H 44 -26.53 7.36 15.20
C GLY H 44 -27.27 6.12 15.66
N LEU H 45 -26.92 4.93 15.15
CA LEU H 45 -27.59 3.71 15.59
C LEU H 45 -26.91 3.14 16.80
N GLU H 46 -27.72 2.66 17.75
CA GLU H 46 -27.24 2.09 18.99
C GLU H 46 -27.98 0.78 19.22
N TRP H 47 -27.24 -0.32 19.23
CA TRP H 47 -27.82 -1.59 19.63
C TRP H 47 -28.27 -1.51 21.08
N VAL H 48 -29.42 -2.10 21.36
CA VAL H 48 -30.06 -2.03 22.66
C VAL H 48 -30.04 -3.37 23.35
N SER H 49 -30.45 -4.42 22.65
CA SER H 49 -30.72 -5.67 23.35
C SER H 49 -30.83 -6.81 22.35
N GLY H 50 -30.35 -7.99 22.76
CA GLY H 50 -30.48 -9.17 21.95
C GLY H 50 -30.95 -10.33 22.81
N ILE H 51 -31.64 -11.27 22.17
CA ILE H 51 -32.17 -12.44 22.84
C ILE H 51 -31.95 -13.66 21.96
N SER H 52 -31.57 -14.78 22.57
CA SER H 52 -31.31 -15.96 21.79
C SER H 52 -32.61 -16.53 21.21
N GLY H 53 -32.44 -17.48 20.31
CA GLY H 53 -33.59 -18.12 19.68
C GLY H 53 -34.55 -18.73 20.68
N GLY H 54 -34.02 -19.49 21.63
CA GLY H 54 -34.82 -20.07 22.69
C GLY H 54 -35.17 -19.14 23.85
N GLY H 55 -34.60 -17.93 23.86
CA GLY H 55 -34.87 -16.96 24.89
C GLY H 55 -34.09 -17.15 26.16
N GLU H 56 -33.25 -18.18 26.23
CA GLU H 56 -32.52 -18.50 27.45
C GLU H 56 -31.36 -17.55 27.73
N SER H 57 -30.84 -16.85 26.71
CA SER H 57 -29.69 -15.98 26.85
C SER H 57 -30.05 -14.59 26.32
N THR H 58 -29.70 -13.54 27.07
CA THR H 58 -30.01 -12.17 26.68
C THR H 58 -28.81 -11.25 26.91
N ASN H 59 -28.84 -10.10 26.25
CA ASN H 59 -27.78 -9.11 26.36
C ASN H 59 -28.39 -7.73 26.27
N TYR H 60 -27.74 -6.76 26.92
CA TYR H 60 -28.24 -5.40 26.97
C TYR H 60 -27.08 -4.42 26.88
N ALA H 61 -27.32 -3.30 26.18
CA ALA H 61 -26.42 -2.17 26.23
C ALA H 61 -26.42 -1.59 27.63
N ASP H 62 -25.26 -1.11 28.07
CA ASP H 62 -25.14 -0.63 29.45
C ASP H 62 -26.12 0.48 29.76
N SER H 63 -26.42 1.33 28.77
CA SER H 63 -27.28 2.50 28.98
C SER H 63 -28.72 2.12 29.28
N VAL H 64 -29.11 0.88 29.00
CA VAL H 64 -30.48 0.42 29.21
C VAL H 64 -30.56 -0.73 30.19
N LYS H 65 -29.42 -1.17 30.73
CA LYS H 65 -29.40 -2.29 31.66
C LYS H 65 -30.36 -2.04 32.81
N GLY H 66 -31.16 -3.06 33.15
CA GLY H 66 -32.03 -3.00 34.31
C GLY H 66 -33.34 -2.28 34.10
N ARG H 67 -33.41 -1.37 33.13
CA ARG H 67 -34.64 -0.67 32.81
C ARG H 67 -35.37 -1.29 31.64
N PHE H 68 -34.61 -1.91 30.72
CA PHE H 68 -35.13 -2.59 29.56
C PHE H 68 -35.09 -4.09 29.82
N THR H 69 -36.10 -4.79 29.32
CA THR H 69 -36.16 -6.23 29.37
C THR H 69 -36.62 -6.74 28.02
N ILE H 70 -35.85 -7.66 27.45
CA ILE H 70 -36.21 -8.32 26.20
C ILE H 70 -36.80 -9.68 26.54
N SER H 71 -37.79 -10.10 25.78
CA SER H 71 -38.42 -11.41 25.94
C SER H 71 -39.00 -11.80 24.60
N ARG H 72 -39.44 -13.04 24.50
CA ARG H 72 -39.93 -13.49 23.21
C ARG H 72 -40.90 -14.63 23.43
N ASP H 73 -41.86 -14.72 22.53
CA ASP H 73 -42.87 -15.76 22.55
C ASP H 73 -42.71 -16.58 21.28
N ASN H 74 -42.18 -17.79 21.41
CA ASN H 74 -41.88 -18.60 20.25
C ASN H 74 -43.09 -19.34 19.70
N SER H 75 -44.29 -19.06 20.21
CA SER H 75 -45.52 -19.52 19.61
C SER H 75 -46.26 -18.43 18.85
N ARG H 76 -46.41 -17.24 19.47
CA ARG H 76 -46.96 -16.09 18.77
C ARG H 76 -45.97 -15.48 17.77
N ASN H 77 -44.72 -15.93 17.77
CA ASN H 77 -43.67 -15.38 16.89
C ASN H 77 -43.51 -13.87 17.07
N THR H 78 -43.31 -13.45 18.32
CA THR H 78 -43.10 -12.05 18.64
C THR H 78 -41.94 -11.86 19.61
N VAL H 79 -41.28 -10.71 19.49
CA VAL H 79 -40.23 -10.26 20.39
C VAL H 79 -40.73 -9.02 21.10
N TYR H 80 -40.40 -8.89 22.36
CA TYR H 80 -40.86 -7.75 23.15
C TYR H 80 -39.67 -6.99 23.70
N LEU H 81 -39.87 -5.68 23.87
CA LEU H 81 -38.94 -4.80 24.60
C LEU H 81 -39.75 -4.08 25.68
N GLN H 82 -39.58 -4.51 26.92
CA GLN H 82 -40.25 -3.86 28.05
C GLN H 82 -39.34 -2.74 28.55
N MET H 83 -39.85 -1.51 28.56
CA MET H 83 -39.05 -0.35 28.94
C MET H 83 -39.66 0.25 30.19
N ASN H 84 -38.87 0.32 31.26
CA ASN H 84 -39.25 1.00 32.48
C ASN H 84 -38.29 2.16 32.69
N SER H 85 -38.71 3.11 33.55
CA SER H 85 -37.89 4.24 33.94
C SER H 85 -37.33 4.97 32.70
N LEU H 86 -38.21 5.24 31.74
CA LEU H 86 -37.78 5.84 30.48
C LEU H 86 -37.30 7.25 30.71
N ARG H 87 -36.24 7.62 30.00
CA ARG H 87 -35.59 8.92 30.08
C ARG H 87 -35.70 9.65 28.76
N ALA H 88 -35.44 10.95 28.82
CA ALA H 88 -35.50 11.77 27.61
C ALA H 88 -34.64 11.20 26.50
N GLU H 89 -33.41 10.77 26.83
CA GLU H 89 -32.46 10.30 25.84
C GLU H 89 -32.82 8.94 25.26
N ASP H 90 -33.86 8.28 25.77
CA ASP H 90 -34.33 7.04 25.16
C ASP H 90 -35.20 7.29 23.94
N THR H 91 -35.51 8.56 23.63
CA THR H 91 -36.28 8.89 22.43
C THR H 91 -35.52 8.47 21.17
N ALA H 92 -36.15 7.62 20.36
CA ALA H 92 -35.52 7.10 19.16
C ALA H 92 -36.56 6.31 18.35
N ILE H 93 -36.20 6.02 17.09
CA ILE H 93 -36.91 4.99 16.33
C ILE H 93 -36.35 3.63 16.73
N TYR H 94 -37.22 2.71 17.13
CA TYR H 94 -36.79 1.40 17.62
C TYR H 94 -37.01 0.35 16.53
N TYR H 95 -35.93 -0.36 16.18
CA TYR H 95 -35.97 -1.35 15.14
C TYR H 95 -35.89 -2.77 15.70
N CYS H 96 -36.57 -3.65 15.00
CA CYS H 96 -36.55 -5.07 15.23
C CYS H 96 -35.64 -5.65 14.17
N ALA H 97 -34.68 -6.49 14.57
CA ALA H 97 -33.75 -7.02 13.58
C ALA H 97 -33.45 -8.48 13.88
N LYS H 98 -33.25 -9.27 12.81
CA LYS H 98 -33.11 -10.71 12.90
C LYS H 98 -31.64 -11.12 12.71
N ASP H 99 -31.21 -12.08 13.52
CA ASP H 99 -29.91 -12.72 13.30
C ASP H 99 -29.96 -13.52 12.01
N PRO H 100 -29.11 -13.25 11.03
CA PRO H 100 -29.28 -13.88 9.72
C PRO H 100 -28.97 -15.35 9.72
N GLY H 101 -28.02 -15.81 10.54
CA GLY H 101 -27.53 -17.17 10.40
C GLY H 101 -28.09 -18.15 11.40
N GLY H 102 -28.55 -17.65 12.54
CA GLY H 102 -29.04 -18.52 13.59
C GLY H 102 -28.92 -17.87 14.95
N ASP H 103 -28.15 -18.47 15.84
CA ASP H 103 -28.13 -18.09 17.25
C ASP H 103 -26.70 -17.70 17.65
N SER H 104 -26.25 -16.55 17.18
CA SER H 104 -24.90 -16.10 17.47
C SER H 104 -24.73 -15.77 18.95
N SER H 105 -23.53 -16.06 19.45
CA SER H 105 -23.18 -15.85 20.86
C SER H 105 -22.02 -14.87 20.98
N PRO H 106 -22.09 -13.87 21.88
CA PRO H 106 -23.26 -13.52 22.70
C PRO H 106 -24.42 -13.09 21.84
N ALA H 107 -25.63 -13.20 22.37
CA ALA H 107 -26.82 -12.81 21.62
C ALA H 107 -26.69 -11.38 21.11
N GLY H 108 -26.85 -11.20 19.80
CA GLY H 108 -26.77 -9.88 19.22
C GLY H 108 -25.44 -9.50 18.61
N ARG H 109 -24.40 -10.32 18.79
CA ARG H 109 -23.07 -10.05 18.21
C ARG H 109 -23.05 -10.60 16.79
N THR H 110 -23.71 -9.86 15.90
CA THR H 110 -23.87 -10.25 14.51
C THR H 110 -24.33 -9.02 13.73
N TRP H 111 -24.28 -9.13 12.41
CA TRP H 111 -25.06 -8.19 11.62
C TRP H 111 -26.51 -8.67 11.59
N PHE H 112 -27.39 -7.85 11.04
CA PHE H 112 -28.81 -8.15 11.13
C PHE H 112 -29.44 -8.12 9.75
N ASP H 113 -30.28 -9.10 9.47
CA ASP H 113 -31.01 -9.11 8.22
C ASP H 113 -32.22 -10.03 8.31
N PRO H 114 -33.44 -9.48 8.13
CA PRO H 114 -33.73 -8.07 7.86
C PRO H 114 -34.08 -7.25 9.09
N TRP H 115 -34.49 -6.02 8.84
CA TRP H 115 -34.95 -5.11 9.87
C TRP H 115 -36.44 -4.83 9.66
N GLY H 116 -37.12 -4.48 10.74
CA GLY H 116 -38.50 -4.07 10.65
C GLY H 116 -38.61 -2.61 10.24
N GLN H 117 -39.85 -2.14 10.09
CA GLN H 117 -40.00 -0.79 9.58
C GLN H 117 -39.66 0.26 10.64
N GLY H 118 -39.67 -0.12 11.90
CA GLY H 118 -39.33 0.81 12.98
C GLY H 118 -40.56 1.47 13.57
N THR H 119 -40.51 1.71 14.87
CA THR H 119 -41.56 2.39 15.60
C THR H 119 -40.96 3.49 16.49
N LEU H 120 -41.61 4.66 16.49
CA LEU H 120 -41.10 5.84 17.17
C LEU H 120 -41.52 5.88 18.64
N VAL H 121 -40.55 6.07 19.51
CA VAL H 121 -40.76 6.22 20.95
C VAL H 121 -40.36 7.63 21.35
N THR H 122 -41.30 8.40 21.90
CA THR H 122 -41.02 9.77 22.33
C THR H 122 -41.17 9.88 23.84
N VAL H 123 -40.09 10.30 24.51
CA VAL H 123 -40.13 10.51 25.96
C VAL H 123 -40.07 12.01 26.21
N SER H 124 -41.17 12.57 26.71
CA SER H 124 -41.32 14.01 26.88
C SER H 124 -42.39 14.29 27.92
N SER H 125 -42.26 15.42 28.60
CA SER H 125 -43.28 15.86 29.55
C SER H 125 -44.43 16.58 28.88
N ALA H 126 -44.28 16.88 27.59
CA ALA H 126 -45.29 17.62 26.88
C ALA H 126 -46.52 16.76 26.69
N SER H 127 -47.66 17.43 26.58
CA SER H 127 -48.92 16.75 26.44
C SER H 127 -49.20 16.47 24.98
N THR H 128 -49.96 15.42 24.73
CA THR H 128 -50.36 15.12 23.37
C THR H 128 -51.25 16.23 22.86
N LYS H 129 -51.10 16.61 21.59
CA LYS H 129 -52.05 17.54 20.98
C LYS H 129 -52.32 17.15 19.52
N GLY H 130 -53.58 17.01 19.17
CA GLY H 130 -53.95 16.66 17.82
C GLY H 130 -53.89 17.83 16.85
N PRO H 131 -53.76 17.54 15.56
CA PRO H 131 -53.54 18.61 14.58
C PRO H 131 -54.83 19.25 14.09
N SER H 132 -54.71 20.53 13.74
CA SER H 132 -55.67 21.17 12.86
C SER H 132 -55.14 21.07 11.44
N VAL H 133 -56.02 20.76 10.50
CA VAL H 133 -55.64 20.56 9.11
C VAL H 133 -56.37 21.59 8.27
N PHE H 134 -55.63 22.31 7.42
CA PHE H 134 -56.17 23.38 6.61
C PHE H 134 -55.86 23.15 5.13
N PRO H 135 -56.77 23.55 4.25
CA PRO H 135 -56.54 23.36 2.81
C PRO H 135 -55.53 24.37 2.26
N LEU H 136 -54.73 23.91 1.32
CA LEU H 136 -53.91 24.79 0.49
C LEU H 136 -54.56 24.81 -0.88
N ALA H 137 -55.50 25.75 -1.07
CA ALA H 137 -56.33 25.77 -2.27
C ALA H 137 -55.57 26.32 -3.47
N PRO H 138 -55.75 25.72 -4.66
CA PRO H 138 -55.18 26.23 -5.91
C PRO H 138 -55.90 27.50 -6.40
N GLY H 146 -50.08 25.54 -17.98
CA GLY H 146 -50.40 25.65 -16.57
C GLY H 146 -50.70 24.33 -15.89
N THR H 147 -49.83 23.92 -14.97
CA THR H 147 -50.02 22.74 -14.14
C THR H 147 -50.22 23.19 -12.69
N ALA H 148 -51.31 22.75 -12.06
CA ALA H 148 -51.66 23.24 -10.73
C ALA H 148 -51.15 22.35 -9.59
N ALA H 149 -51.00 22.98 -8.43
CA ALA H 149 -50.61 22.33 -7.18
C ALA H 149 -51.62 22.61 -6.08
N LEU H 150 -51.85 21.61 -5.23
CA LEU H 150 -52.72 21.79 -4.06
C LEU H 150 -52.18 20.93 -2.92
N GLY H 151 -52.72 21.15 -1.73
CA GLY H 151 -52.28 20.36 -0.59
C GLY H 151 -53.00 20.73 0.68
N CYS H 152 -52.47 20.19 1.79
CA CYS H 152 -53.02 20.35 3.13
C CYS H 152 -51.94 20.81 4.09
N LEU H 153 -52.28 21.76 4.95
CA LEU H 153 -51.39 22.21 6.01
C LEU H 153 -51.83 21.57 7.33
N VAL H 154 -50.93 20.81 7.95
CA VAL H 154 -51.18 20.07 9.17
C VAL H 154 -50.44 20.75 10.32
N LYS H 155 -51.16 21.55 11.11
CA LYS H 155 -50.54 22.50 12.03
C LYS H 155 -50.83 22.15 13.48
N ASP H 156 -49.83 22.36 14.33
CA ASP H 156 -49.95 22.37 15.79
C ASP H 156 -50.31 21.01 16.38
N TYR H 157 -49.43 20.04 16.25
CA TYR H 157 -49.65 18.72 16.83
C TYR H 157 -48.41 18.26 17.56
N PHE H 158 -48.62 17.30 18.46
CA PHE H 158 -47.52 16.72 19.22
C PHE H 158 -48.00 15.38 19.75
N PRO H 159 -47.15 14.34 19.73
CA PRO H 159 -45.81 14.34 19.16
C PRO H 159 -45.83 13.86 17.72
N GLU H 160 -44.65 13.56 17.16
CA GLU H 160 -44.60 12.84 15.91
C GLU H 160 -45.15 11.43 16.11
N PRO H 161 -45.63 10.78 15.04
CA PRO H 161 -45.76 11.23 13.66
C PRO H 161 -47.19 11.48 13.20
N VAL H 162 -47.35 12.07 12.02
CA VAL H 162 -48.62 12.07 11.32
C VAL H 162 -48.41 11.44 9.95
N THR H 163 -49.44 10.75 9.48
CA THR H 163 -49.46 10.19 8.15
C THR H 163 -50.50 10.93 7.32
N VAL H 164 -50.16 11.24 6.08
CA VAL H 164 -51.06 11.95 5.18
C VAL H 164 -51.19 11.10 3.93
N SER H 165 -52.42 10.74 3.58
CA SER H 165 -52.75 10.13 2.31
C SER H 165 -53.72 11.05 1.60
N TRP H 166 -53.97 10.75 0.33
CA TRP H 166 -54.91 11.53 -0.48
C TRP H 166 -55.93 10.61 -1.11
N ASN H 167 -57.21 10.96 -0.98
CA ASN H 167 -58.32 10.16 -1.51
C ASN H 167 -58.23 8.71 -1.01
N SER H 168 -57.93 8.57 0.29
CA SER H 168 -57.83 7.27 0.96
C SER H 168 -56.87 6.35 0.23
N GLY H 169 -55.79 6.92 -0.32
CA GLY H 169 -54.76 6.15 -0.96
C GLY H 169 -54.87 6.03 -2.47
N ALA H 170 -55.97 6.53 -3.05
CA ALA H 170 -56.16 6.41 -4.49
C ALA H 170 -55.21 7.33 -5.28
N LEU H 171 -54.68 8.37 -4.65
CA LEU H 171 -53.77 9.29 -5.30
C LEU H 171 -52.41 9.18 -4.62
N THR H 172 -51.41 8.79 -5.39
CA THR H 172 -50.05 8.61 -4.89
C THR H 172 -49.05 9.33 -5.76
N SER H 173 -49.36 9.45 -7.06
CA SER H 173 -48.46 10.09 -8.01
C SER H 173 -48.34 11.58 -7.72
N GLY H 174 -47.11 12.09 -7.66
CA GLY H 174 -46.86 13.51 -7.52
C GLY H 174 -47.01 14.09 -6.13
N VAL H 175 -47.15 13.24 -5.11
CA VAL H 175 -47.37 13.70 -3.74
C VAL H 175 -46.02 13.92 -3.04
N HIS H 176 -45.90 15.04 -2.34
CA HIS H 176 -44.76 15.35 -1.47
C HIS H 176 -45.31 15.70 -0.10
N THR H 177 -44.99 14.89 0.89
CA THR H 177 -45.32 15.20 2.27
C THR H 177 -44.03 15.65 2.95
N PHE H 178 -44.00 16.91 3.38
CA PHE H 178 -42.75 17.44 3.88
C PHE H 178 -42.44 16.93 5.29
N PRO H 179 -41.17 16.81 5.64
CA PRO H 179 -40.81 16.52 7.03
C PRO H 179 -41.38 17.60 7.95
N ALA H 180 -41.80 17.16 9.14
CA ALA H 180 -42.33 18.09 10.13
C ALA H 180 -41.24 19.04 10.61
N VAL H 181 -41.63 20.28 10.87
CA VAL H 181 -40.76 21.27 11.48
C VAL H 181 -41.31 21.62 12.87
N LEU H 182 -40.42 21.68 13.85
CA LEU H 182 -40.82 22.01 15.22
C LEU H 182 -40.90 23.52 15.36
N GLN H 183 -42.09 24.03 15.65
CA GLN H 183 -42.23 25.47 15.80
C GLN H 183 -41.79 25.90 17.19
N SER H 184 -41.60 27.22 17.34
CA SER H 184 -41.17 27.76 18.62
C SER H 184 -42.16 27.47 19.74
N SER H 185 -43.41 27.14 19.38
CA SER H 185 -44.45 26.80 20.35
C SER H 185 -44.26 25.41 20.94
N GLY H 186 -43.29 24.63 20.48
CA GLY H 186 -43.13 23.24 20.87
C GLY H 186 -44.01 22.27 20.12
N LEU H 187 -44.81 22.74 19.16
CA LEU H 187 -45.70 21.92 18.38
C LEU H 187 -45.16 21.76 16.96
N TYR H 188 -45.43 20.59 16.37
CA TYR H 188 -44.96 20.32 15.02
C TYR H 188 -45.95 20.85 14.00
N SER H 189 -45.46 21.02 12.77
CA SER H 189 -46.30 21.44 11.67
C SER H 189 -45.68 20.94 10.37
N LEU H 190 -46.52 20.50 9.43
CA LEU H 190 -46.00 20.11 8.13
C LEU H 190 -47.07 20.33 7.07
N SER H 191 -46.64 20.26 5.82
CA SER H 191 -47.53 20.37 4.69
C SER H 191 -47.36 19.17 3.78
N SER H 192 -48.45 18.77 3.14
CA SER H 192 -48.45 17.75 2.09
C SER H 192 -49.03 18.34 0.83
N VAL H 193 -48.30 18.24 -0.28
CA VAL H 193 -48.70 18.83 -1.55
C VAL H 193 -48.73 17.75 -2.61
N VAL H 194 -49.48 18.01 -3.69
CA VAL H 194 -49.57 17.10 -4.82
C VAL H 194 -49.89 17.91 -6.07
N THR H 195 -49.31 17.52 -7.20
CA THR H 195 -49.56 18.19 -8.46
C THR H 195 -50.53 17.37 -9.30
N VAL H 196 -51.46 18.08 -9.95
CA VAL H 196 -52.53 17.46 -10.73
C VAL H 196 -52.72 18.23 -12.03
N PRO H 197 -53.33 17.60 -13.03
CA PRO H 197 -53.71 18.33 -14.25
C PRO H 197 -54.65 19.49 -13.94
N SER H 198 -54.35 20.65 -14.53
CA SER H 198 -55.21 21.81 -14.30
C SER H 198 -56.60 21.60 -14.87
N SER H 199 -56.72 20.81 -15.94
CA SER H 199 -58.02 20.54 -16.54
C SER H 199 -58.94 19.73 -15.64
N SER H 200 -58.39 19.11 -14.58
CA SER H 200 -59.16 18.28 -13.67
C SER H 200 -59.59 19.02 -12.41
N LEU H 201 -59.11 20.25 -12.21
CA LEU H 201 -59.38 20.96 -10.96
C LEU H 201 -60.88 21.15 -10.74
N GLY H 202 -61.61 21.57 -11.79
CA GLY H 202 -63.00 21.93 -11.64
C GLY H 202 -63.94 20.76 -11.41
N THR H 203 -63.51 19.54 -11.72
CA THR H 203 -64.39 18.39 -11.67
C THR H 203 -63.95 17.27 -10.74
N GLN H 204 -62.66 17.16 -10.42
CA GLN H 204 -62.16 16.12 -9.52
C GLN H 204 -62.01 16.67 -8.11
N THR H 205 -62.63 15.99 -7.14
CA THR H 205 -62.53 16.37 -5.74
C THR H 205 -61.23 15.80 -5.15
N TYR H 206 -60.55 16.62 -4.36
CA TYR H 206 -59.30 16.22 -3.71
C TYR H 206 -59.46 16.37 -2.20
N ILE H 207 -59.25 15.29 -1.48
CA ILE H 207 -59.40 15.27 -0.02
C ILE H 207 -58.15 14.58 0.56
N CYS H 208 -57.54 15.21 1.56
CA CYS H 208 -56.39 14.64 2.26
C CYS H 208 -56.82 13.95 3.54
N ASN H 209 -56.27 12.77 3.77
CA ASN H 209 -56.58 11.95 4.94
C ASN H 209 -55.40 12.06 5.90
N VAL H 210 -55.60 12.82 6.96
CA VAL H 210 -54.58 13.05 7.99
C VAL H 210 -54.89 12.13 9.16
N ASN H 211 -53.87 11.42 9.65
CA ASN H 211 -54.02 10.48 10.73
C ASN H 211 -52.93 10.76 11.77
N HIS H 212 -53.34 11.15 12.97
CA HIS H 212 -52.42 11.37 14.09
C HIS H 212 -52.77 10.39 15.19
N LYS H 213 -52.23 9.18 15.09
CA LYS H 213 -52.56 8.14 16.06
C LYS H 213 -52.27 8.53 17.50
N PRO H 214 -51.18 9.25 17.84
CA PRO H 214 -50.95 9.59 19.25
C PRO H 214 -52.11 10.28 19.95
N SER H 215 -52.99 10.93 19.19
CA SER H 215 -54.10 11.68 19.75
C SER H 215 -55.46 11.19 19.28
N ASN H 216 -55.54 10.05 18.60
CA ASN H 216 -56.81 9.55 18.03
C ASN H 216 -57.46 10.57 17.10
N THR H 217 -56.66 11.34 16.39
CA THR H 217 -57.18 12.32 15.45
C THR H 217 -57.13 11.72 14.05
N LYS H 218 -58.29 11.63 13.40
CA LYS H 218 -58.40 11.26 11.99
C LYS H 218 -59.25 12.33 11.33
N VAL H 219 -58.68 13.06 10.39
CA VAL H 219 -59.36 14.17 9.74
C VAL H 219 -59.23 14.05 8.23
N ASP H 220 -60.35 14.14 7.53
CA ASP H 220 -60.36 14.28 6.08
C ASP H 220 -60.74 15.72 5.76
N LYS H 221 -59.92 16.38 4.95
CA LYS H 221 -60.17 17.76 4.56
C LYS H 221 -60.24 17.85 3.04
N LYS H 222 -61.39 18.30 2.54
CA LYS H 222 -61.54 18.55 1.11
C LYS H 222 -60.84 19.85 0.74
N VAL H 223 -60.06 19.82 -0.34
CA VAL H 223 -59.30 20.97 -0.78
C VAL H 223 -59.94 21.44 -2.09
N GLU H 224 -60.65 22.56 -2.03
CA GLU H 224 -61.36 23.09 -3.18
C GLU H 224 -60.93 24.52 -3.43
N PRO H 225 -61.02 25.01 -4.67
CA PRO H 225 -60.68 26.41 -4.98
C PRO H 225 -61.60 27.41 -4.28
C1 NAG I . 11.53 4.41 -33.29
C2 NAG I . 12.22 5.15 -34.45
C3 NAG I . 12.87 4.16 -35.45
C4 NAG I . 13.65 3.06 -34.75
C5 NAG I . 12.76 2.45 -33.68
C6 NAG I . 13.40 1.35 -32.87
C7 NAG I . 11.13 7.31 -34.83
C8 NAG I . 12.02 7.86 -33.76
N2 NAG I . 11.28 6.02 -35.13
O3 NAG I . 13.73 4.90 -36.31
O4 NAG I . 14.01 2.03 -35.67
O5 NAG I . 12.40 3.47 -32.75
O6 NAG I . 13.36 1.78 -31.52
O7 NAG I . 10.33 8.01 -35.41
C1 NAG I . 15.44 1.80 -35.80
C2 NAG I . 15.66 0.39 -36.38
C3 NAG I . 17.14 0.14 -36.67
C4 NAG I . 17.69 1.25 -37.56
C5 NAG I . 17.44 2.61 -36.89
C6 NAG I . 17.87 3.78 -37.74
C7 NAG I . 13.89 -1.10 -35.56
C8 NAG I . 13.52 -2.16 -34.57
N2 NAG I . 15.15 -0.64 -35.48
O3 NAG I . 17.29 -1.12 -37.32
O4 NAG I . 19.09 1.04 -37.76
O5 NAG I . 16.03 2.77 -36.65
O6 NAG I . 17.61 5.01 -37.08
O7 NAG I . 13.09 -0.67 -36.39
C1 FUC I . 12.54 1.01 -30.60
C2 FUC I . 10.96 0.71 -30.91
C3 FUC I . 10.62 -0.65 -30.31
C4 FUC I . 11.31 -0.76 -28.95
C5 FUC I . 12.87 -0.74 -29.18
C6 FUC I . 13.65 0.18 -28.23
O2 FUC I . 10.49 0.76 -32.25
O3 FUC I . 9.25 -0.79 -30.06
O4 FUC I . 10.85 0.26 -28.06
O5 FUC I . 13.15 -0.26 -30.47
C1 NAG J . 25.47 30.85 -0.45
C2 NAG J . 25.61 31.40 0.97
C3 NAG J . 24.52 30.81 1.88
C4 NAG J . 23.14 30.97 1.26
C5 NAG J . 23.14 30.43 -0.18
C6 NAG J . 21.84 30.61 -0.91
C7 NAG J . 27.84 32.08 1.75
C8 NAG J . 29.15 31.60 2.28
N2 NAG J . 26.93 31.12 1.51
O3 NAG J . 24.56 31.45 3.15
O4 NAG J . 22.16 30.25 2.01
O5 NAG J . 24.16 31.09 -0.94
O6 NAG J . 21.55 29.50 -1.73
O7 NAG J . 27.59 33.26 1.55
C1 NAG J . 21.16 31.11 2.59
C2 NAG J . 19.83 30.33 2.71
C3 NAG J . 18.78 31.15 3.46
C4 NAG J . 19.33 31.69 4.77
C5 NAG J . 20.62 32.45 4.50
C6 NAG J . 21.28 32.99 5.74
C7 NAG J . 18.78 28.76 1.11
C8 NAG J . 18.69 27.79 2.24
N2 NAG J . 19.33 29.95 1.39
O3 NAG J . 17.64 30.34 3.72
O4 NAG J . 18.39 32.55 5.39
O5 NAG J . 21.56 31.57 3.87
O6 NAG J . 20.81 32.35 6.92
O7 NAG J . 18.37 28.50 -0.01
C1 FUC J . 22.06 29.74 -3.07
C2 FUC J . 23.22 28.72 -3.38
C3 FUC J . 22.83 27.76 -4.49
C4 FUC J . 22.43 28.55 -5.76
C5 FUC J . 21.38 29.65 -5.41
C6 FUC J . 21.82 31.08 -5.75
O2 FUC J . 23.65 27.99 -2.24
O3 FUC J . 23.95 26.93 -4.80
O4 FUC J . 23.56 29.12 -6.39
O5 FUC J . 21.01 29.64 -4.01
C1 NAG K . -17.75 7.55 34.48
C2 NAG K . -19.10 6.85 34.55
C3 NAG K . -19.06 5.74 35.63
C4 NAG K . -18.04 6.02 36.74
C5 NAG K . -16.68 6.49 36.21
C6 NAG K . -15.54 5.55 36.50
C7 NAG K . -21.21 7.98 34.01
C8 NAG K . -22.19 9.02 34.43
N2 NAG K . -20.15 7.80 34.82
O3 NAG K . -18.77 4.49 35.03
O4 NAG K . -18.57 6.97 37.67
O5 NAG K . -16.73 6.66 34.78
O6 NAG K . -14.30 6.18 36.21
O7 NAG K . -21.37 7.30 33.00
C1 FUC K . -13.69 5.52 35.08
C2 FUC K . -13.14 6.58 34.05
C3 FUC K . -11.89 6.05 33.37
C4 FUC K . -12.00 4.49 33.13
C5 FUC K . -12.05 3.77 34.50
C6 FUC K . -12.79 2.43 34.47
O2 FUC K . -12.86 7.85 34.62
O3 FUC K . -11.69 6.71 32.14
O4 FUC K . -13.14 4.13 32.33
O5 FUC K . -12.66 4.61 35.52
C1 NAG L . -8.89 -16.51 4.32
C2 NAG L . -8.25 -17.55 3.40
C3 NAG L . -8.15 -17.03 1.97
C4 NAG L . -9.48 -16.44 1.48
C5 NAG L . -10.11 -15.50 2.49
C6 NAG L . -11.53 -15.13 2.15
C7 NAG L . -6.58 -19.16 4.25
C8 NAG L . -5.17 -19.34 4.73
N2 NAG L . -6.92 -17.91 3.89
O3 NAG L . -7.77 -18.12 1.14
O4 NAG L . -9.19 -15.65 0.33
O5 NAG L . -10.15 -16.12 3.79
O6 NAG L . -12.21 -14.50 3.24
O7 NAG L . -7.38 -20.09 4.20
C1 NAG L . -9.77 -16.20 -0.85
C2 NAG L . -9.83 -15.08 -1.87
C3 NAG L . -10.33 -15.60 -3.22
C4 NAG L . -9.55 -16.83 -3.66
C5 NAG L . -9.52 -17.85 -2.52
C6 NAG L . -8.66 -19.06 -2.83
C7 NAG L . -10.24 -12.96 -0.70
C8 NAG L . -11.27 -11.94 -0.30
N2 NAG L . -10.68 -14.00 -1.40
O3 NAG L . -10.16 -14.57 -4.18
O4 NAG L . -10.22 -17.42 -4.78
O5 NAG L . -8.98 -17.25 -1.34
O6 NAG L . -7.40 -18.94 -2.16
O7 NAG L . -9.05 -12.84 -0.39
C1 BMA L . -9.35 -17.56 -5.93
C2 BMA L . -10.01 -18.61 -6.85
C3 BMA L . -9.13 -18.80 -8.10
C4 BMA L . -8.91 -17.44 -8.80
C5 BMA L . -8.26 -16.48 -7.79
C6 BMA L . -7.89 -15.12 -8.36
O2 BMA L . -11.30 -18.18 -7.29
O3 BMA L . -9.67 -19.77 -9.00
O4 BMA L . -8.08 -17.61 -9.95
O5 BMA L . -9.15 -16.32 -6.64
O6 BMA L . -9.07 -14.32 -8.54
C1 MAN L . -9.31 -21.09 -8.57
C2 MAN L . -8.77 -21.84 -9.81
C3 MAN L . -9.88 -21.85 -10.89
C4 MAN L . -11.30 -22.29 -10.32
C5 MAN L . -11.59 -21.64 -8.91
C6 MAN L . -12.78 -22.26 -8.18
O2 MAN L . -8.42 -23.22 -9.54
O3 MAN L . -9.52 -22.65 -12.04
O4 MAN L . -12.32 -21.92 -11.24
O5 MAN L . -10.43 -21.73 -8.05
O6 MAN L . -12.95 -23.61 -8.62
C1 MAN L . -8.62 -13.03 -9.02
C2 MAN L . -9.81 -12.04 -9.06
C3 MAN L . -10.81 -12.50 -10.14
C4 MAN L . -10.12 -12.78 -11.51
C5 MAN L . -8.89 -13.71 -11.33
C6 MAN L . -8.04 -13.87 -12.59
O2 MAN L . -9.39 -10.70 -9.41
O3 MAN L . -11.88 -11.57 -10.29
O4 MAN L . -11.05 -13.45 -12.36
O5 MAN L . -8.01 -13.17 -10.30
O6 MAN L . -6.92 -14.67 -12.27
C1 FUC L . -12.19 -13.05 3.08
C2 FUC L . -13.28 -12.43 4.00
C3 FUC L . -12.87 -12.48 5.46
C4 FUC L . -11.51 -11.82 5.65
C5 FUC L . -10.51 -12.56 4.78
C6 FUC L . -9.09 -12.00 4.85
O2 FUC L . -14.53 -13.05 3.83
O3 FUC L . -13.80 -11.75 6.25
O4 FUC L . -11.55 -10.45 5.25
O5 FUC L . -10.92 -12.51 3.41
C1 GOL M . 27.69 -18.63 -31.22
O1 GOL M . 26.70 -19.61 -31.10
C2 GOL M . 27.21 -17.37 -30.44
O2 GOL M . 27.56 -17.42 -29.08
C3 GOL M . 27.84 -16.14 -31.20
O3 GOL M . 26.87 -15.13 -31.29
C1 GOL N . -1.29 -24.33 -29.60
O1 GOL N . -1.17 -22.95 -29.32
C2 GOL N . -0.01 -25.04 -29.05
O2 GOL N . -0.22 -25.78 -27.89
C3 GOL N . 0.49 -25.95 -30.14
O3 GOL N . 1.49 -26.68 -29.50
C1 GOL O . 1.80 -1.43 -33.40
O1 GOL O . 0.54 -2.07 -33.30
C2 GOL O . 1.73 0.05 -32.83
O2 GOL O . 0.95 0.23 -31.65
C3 GOL O . 3.25 0.51 -32.66
O3 GOL O . 3.75 0.96 -33.91
S SO4 P . 23.09 -19.37 -19.46
O1 SO4 P . 21.64 -19.38 -19.26
O2 SO4 P . 23.37 -18.96 -20.82
O3 SO4 P . 23.60 -20.71 -19.22
O4 SO4 P . 23.73 -18.41 -18.55
S SO4 Q . 1.01 -49.23 -17.44
O1 SO4 Q . -0.10 -48.27 -17.59
O2 SO4 Q . 0.59 -50.49 -18.02
O3 SO4 Q . 1.32 -49.40 -16.02
O4 SO4 Q . 2.18 -48.73 -18.15
C1 GOL R . 26.95 1.95 -9.64
O1 GOL R . 25.90 2.77 -9.16
C2 GOL R . 26.55 0.49 -9.31
O2 GOL R . 25.57 0.10 -10.15
C3 GOL R . 27.84 -0.41 -9.45
O3 GOL R . 27.49 -1.71 -8.96
C1 GOL S . 15.75 -23.36 2.39
O1 GOL S . 16.49 -22.99 3.52
C2 GOL S . 16.64 -23.02 1.16
O2 GOL S . 18.01 -23.05 1.48
C3 GOL S . 16.23 -24.06 0.04
O3 GOL S . 16.02 -23.40 -1.19
S SO4 T . 25.52 -47.66 3.95
O1 SO4 T . 25.41 -46.41 3.21
O2 SO4 T . 24.47 -47.74 4.96
O3 SO4 T . 26.83 -47.69 4.58
O4 SO4 T . 25.39 -48.79 3.03
C1 GOL U . 2.79 4.06 -17.35
O1 GOL U . 1.46 3.90 -17.85
C2 GOL U . 3.78 4.03 -18.56
O2 GOL U . 3.29 4.70 -19.63
C3 GOL U . 5.10 4.67 -18.13
O3 GOL U . 5.62 5.17 -19.35
C1 GOL V . -1.49 2.93 -17.08
O1 GOL V . -2.37 1.82 -17.13
C2 GOL V . -2.29 3.84 -16.23
O2 GOL V . -2.78 3.08 -15.25
C3 GOL V . -1.30 4.93 -15.69
O3 GOL V . -2.07 5.87 -14.92
C1 GOL W . 0.36 30.46 -6.67
O1 GOL W . 1.56 30.52 -5.92
C2 GOL W . 0.19 28.97 -7.08
O2 GOL W . 0.35 28.10 -6.01
C3 GOL W . -1.20 28.84 -7.79
O3 GOL W . -1.29 27.54 -8.30
S SO4 X . 2.02 26.63 -18.58
O1 SO4 X . 0.91 25.71 -18.31
O2 SO4 X . 1.48 27.83 -19.22
O3 SO4 X . 2.98 25.98 -19.48
O4 SO4 X . 2.70 26.99 -17.33
S SO4 Y . -10.91 4.91 -6.29
O1 SO4 Y . -11.74 5.63 -7.27
O2 SO4 Y . -10.97 5.63 -5.00
O3 SO4 Y . -11.42 3.55 -6.15
O4 SO4 Y . -9.52 4.83 -6.75
S SO4 Z . 2.80 25.57 -13.58
O1 SO4 Z . 1.97 24.87 -14.56
O2 SO4 Z . 2.01 26.63 -12.98
O3 SO4 Z . 3.99 26.14 -14.23
O4 SO4 Z . 3.21 24.61 -12.56
C1 GOL AA . 16.33 44.90 -20.74
O1 GOL AA . 17.55 45.14 -20.15
C2 GOL AA . 16.61 45.21 -22.17
O2 GOL AA . 17.99 45.32 -22.36
C3 GOL AA . 15.92 44.06 -23.03
O3 GOL AA . 14.49 44.12 -22.94
C1 GOL BA . 12.50 33.12 -45.48
O1 GOL BA . 12.91 33.30 -44.13
C2 GOL BA . 13.13 34.28 -46.32
O2 GOL BA . 13.90 35.14 -45.55
C3 GOL BA . 13.91 33.61 -47.51
O3 GOL BA . 14.73 34.60 -48.14
C1 GOL CA . 19.00 45.85 -31.90
O1 GOL CA . 18.29 44.66 -31.67
C2 GOL CA . 20.44 45.71 -31.30
O2 GOL CA . 21.44 45.67 -32.30
C3 GOL CA . 20.61 46.92 -30.34
O3 GOL CA . 21.96 46.94 -29.93
S SO4 DA . 32.64 32.64 -26.80
O1 SO4 DA . 31.20 32.88 -26.76
O2 SO4 DA . 33.33 33.91 -27.08
O3 SO4 DA . 32.94 31.67 -27.86
O4 SO4 DA . 33.09 32.13 -25.51
S SO4 EA . 22.75 49.08 -26.75
O1 SO4 EA . 21.51 48.35 -27.04
O2 SO4 EA . 22.98 50.04 -27.84
O3 SO4 EA . 22.62 49.78 -25.48
O4 SO4 EA . 23.87 48.15 -26.68
C1 GOL FA . -10.62 6.05 19.48
O1 GOL FA . -11.23 5.41 20.58
C2 GOL FA . -10.74 7.57 19.71
O2 GOL FA . -10.77 7.86 21.05
C3 GOL FA . -9.48 8.20 19.05
O3 GOL FA . -9.53 9.59 19.26
C1 GOL GA . 0.35 -5.25 48.47
O1 GOL GA . -0.87 -4.82 47.92
C2 GOL GA . 1.10 -3.98 49.02
O2 GOL GA . 0.26 -3.03 49.58
C3 GOL GA . 2.26 -4.47 49.94
O3 GOL GA . 3.33 -4.85 49.13
C1 GOL HA . 11.39 19.69 41.98
O1 GOL HA . 12.34 18.88 42.64
C2 GOL HA . 11.99 20.19 40.61
O2 GOL HA . 12.24 19.16 39.70
C3 GOL HA . 10.95 21.19 40.06
O3 GOL HA . 10.61 20.72 38.79
S SO4 IA . 8.68 -5.23 40.02
O1 SO4 IA . 9.21 -4.43 38.91
O2 SO4 IA . 7.36 -5.73 39.68
O3 SO4 IA . 9.58 -6.34 40.32
O4 SO4 IA . 8.59 -4.38 41.19
S SO4 JA . -6.56 8.33 15.89
O1 SO4 JA . -6.30 7.89 14.52
O2 SO4 JA . -7.15 9.68 15.91
O3 SO4 JA . -5.30 8.32 16.60
O4 SO4 JA . -7.50 7.40 16.53
C1 GOL KA . -4.44 -15.34 23.72
O1 GOL KA . -3.53 -15.16 24.80
C2 GOL KA . -5.93 -15.31 24.28
O2 GOL KA . -6.16 -14.26 25.14
C3 GOL KA . -6.83 -15.19 23.02
O3 GOL KA . -8.13 -15.64 23.36
C1 GOL LA . 21.85 -10.02 21.59
O1 GOL LA . 21.96 -10.72 20.36
C2 GOL LA . 22.35 -8.53 21.43
O2 GOL LA . 22.77 -8.22 20.14
C3 GOL LA . 21.17 -7.63 21.85
O3 GOL LA . 20.72 -8.02 23.12
C1 GOL MA . 18.28 -15.08 10.47
O1 GOL MA . 17.85 -14.65 9.19
C2 GOL MA . 17.43 -14.37 11.57
O2 GOL MA . 16.73 -15.24 12.42
C3 GOL MA . 18.37 -13.50 12.38
O3 GOL MA . 17.49 -12.73 13.13
S SO4 NA . 21.81 -5.21 25.25
O1 SO4 NA . 22.02 -4.15 24.27
O2 SO4 NA . 20.77 -6.14 24.78
O3 SO4 NA . 21.37 -4.63 26.52
O4 SO4 NA . 23.05 -5.94 25.43
C1 GOL OA . -28.31 -5.47 -11.41
O1 GOL OA . -27.25 -6.19 -10.80
C2 GOL OA . -28.39 -4.03 -10.78
O2 GOL OA . -28.26 -3.00 -11.72
C3 GOL OA . -29.74 -3.98 -10.02
O3 GOL OA . -29.73 -2.82 -9.22
C1 GOL PA . -17.16 16.94 4.47
O1 GOL PA . -17.83 16.14 3.52
C2 GOL PA . -17.51 16.32 5.79
O2 GOL PA . -18.01 15.05 5.60
C3 GOL PA . -16.20 16.32 6.60
O3 GOL PA . -16.30 15.30 7.54
S SO4 QA . -34.27 -1.73 -1.41
O1 SO4 QA . -35.03 -0.60 -1.94
O2 SO4 QA . -35.12 -2.92 -1.41
O3 SO4 QA . -33.84 -1.42 -0.04
O4 SO4 QA . -33.10 -1.96 -2.26
C1 GOL RA . -34.34 -23.79 9.78
O1 GOL RA . -33.89 -23.23 10.99
C2 GOL RA . -34.18 -22.72 8.66
O2 GOL RA . -33.41 -23.21 7.61
C3 GOL RA . -35.64 -22.32 8.21
O3 GOL RA . -36.06 -21.19 8.93
C1 GOL SA . -48.89 0.36 15.53
O1 GOL SA . -47.93 -0.23 14.67
C2 GOL SA . -48.14 0.96 16.76
O2 GOL SA . -47.26 2.00 16.42
C3 GOL SA . -49.26 1.39 17.77
O3 GOL SA . -48.64 1.99 18.88
#